data_1SKI
# 
_entry.id   1SKI 
# 
_audit_conform.dict_name       mmcif_pdbx.dic 
_audit_conform.dict_version    5.398 
_audit_conform.dict_location   http://mmcif.pdb.org/dictionaries/ascii/mmcif_pdbx.dic 
# 
loop_
_database_2.database_id 
_database_2.database_code 
_database_2.pdbx_database_accession 
_database_2.pdbx_DOI 
PDB   1SKI         pdb_00001ski 10.2210/pdb1ski/pdb 
RCSB  RCSB021790   ?            ?                   
WWPDB D_1000021790 ?            ?                   
# 
loop_
_pdbx_audit_revision_history.ordinal 
_pdbx_audit_revision_history.data_content_type 
_pdbx_audit_revision_history.major_revision 
_pdbx_audit_revision_history.minor_revision 
_pdbx_audit_revision_history.revision_date 
1 'Structure model' 1 0 2005-03-15 
2 'Structure model' 1 1 2008-04-29 
3 'Structure model' 1 2 2011-07-13 
4 'Structure model' 1 3 2012-12-12 
5 'Structure model' 1 4 2022-03-02 
6 'Structure model' 1 5 2024-11-13 
# 
_pdbx_audit_revision_details.ordinal             1 
_pdbx_audit_revision_details.revision_ordinal    1 
_pdbx_audit_revision_details.data_content_type   'Structure model' 
_pdbx_audit_revision_details.provider            repository 
_pdbx_audit_revision_details.type                'Initial release' 
_pdbx_audit_revision_details.description         ? 
_pdbx_audit_revision_details.details             ? 
# 
loop_
_pdbx_audit_revision_group.ordinal 
_pdbx_audit_revision_group.revision_ordinal 
_pdbx_audit_revision_group.data_content_type 
_pdbx_audit_revision_group.group 
1 2 'Structure model' 'Version format compliance' 
2 3 'Structure model' 'Version format compliance' 
3 4 'Structure model' Other                       
4 5 'Structure model' 'Data collection'           
5 5 'Structure model' 'Database references'       
6 5 'Structure model' 'Derived calculations'      
7 6 'Structure model' 'Data collection'           
8 6 'Structure model' 'Structure summary'         
# 
loop_
_pdbx_audit_revision_category.ordinal 
_pdbx_audit_revision_category.revision_ordinal 
_pdbx_audit_revision_category.data_content_type 
_pdbx_audit_revision_category.category 
1 5 'Structure model' database_2                
2 5 'Structure model' pdbx_nmr_software         
3 5 'Structure model' pdbx_struct_assembly      
4 5 'Structure model' pdbx_struct_oper_list     
5 5 'Structure model' struct_conn               
6 6 'Structure model' chem_comp_atom            
7 6 'Structure model' chem_comp_bond            
8 6 'Structure model' pdbx_entry_details        
9 6 'Structure model' pdbx_modification_feature 
# 
loop_
_pdbx_audit_revision_item.ordinal 
_pdbx_audit_revision_item.revision_ordinal 
_pdbx_audit_revision_item.data_content_type 
_pdbx_audit_revision_item.item 
1 5 'Structure model' '_database_2.pdbx_DOI'                
2 5 'Structure model' '_database_2.pdbx_database_accession' 
3 5 'Structure model' '_pdbx_nmr_software.name'             
4 5 'Structure model' '_struct_conn.pdbx_leaving_atom_flag' 
# 
_pdbx_database_status.entry_id                        1SKI 
_pdbx_database_status.status_code                     REL 
_pdbx_database_status.recvd_initial_deposition_date   2004-03-05 
_pdbx_database_status.deposit_site                    RCSB 
_pdbx_database_status.process_site                    RCSB 
_pdbx_database_status.status_code_sf                  ? 
_pdbx_database_status.status_code_mr                  REL 
_pdbx_database_status.SG_entry                        N 
_pdbx_database_status.pdb_format_compatible           Y 
_pdbx_database_status.status_code_cs                  ? 
_pdbx_database_status.status_code_nmr_data            ? 
_pdbx_database_status.methods_development_category    ? 
# 
loop_
_pdbx_database_related.db_name 
_pdbx_database_related.db_id 
_pdbx_database_related.details 
_pdbx_database_related.content_type 
PDB 1SKK . unspecified 
PDB 1SKL . unspecified 
# 
loop_
_audit_author.name 
_audit_author.pdbx_ordinal 
'Appelt, C.'      1 
'Soderhall, J.A.' 2 
'Bienert, M.'     3 
'Dathe, M.'       4 
'Schmieder, P.'   5 
# 
_citation.id                        primary 
_citation.title                     
'Structure of the antimicrobial, cationic hexapeptide cyclo(RRWWRF) and its analogues in solution and bound to detergent micelles.' 
_citation.journal_abbrev            Chembiochem 
_citation.journal_volume            6 
_citation.page_first                1654 
_citation.page_last                 1662 
_citation.year                      2005 
_citation.journal_id_ASTM           ? 
_citation.country                   GE 
_citation.journal_id_ISSN           1439-4227 
_citation.journal_id_CSD            ? 
_citation.book_publisher            ? 
_citation.pdbx_database_id_PubMed   16075425 
_citation.pdbx_database_id_DOI      10.1002/cbic.200500095 
# 
loop_
_citation_author.citation_id 
_citation_author.name 
_citation_author.ordinal 
_citation_author.identifier_ORCID 
primary 'Appelt, C.'      1 ? 
primary 'Wessolowski, A.' 2 ? 
primary 'Soderhall, J.A.' 3 ? 
primary 'Dathe, M.'       4 ? 
primary 'Schmieder, P.'   5 ? 
# 
_entity.id                         1 
_entity.type                       polymer 
_entity.src_method                 syn 
_entity.pdbx_description           'cyclic hexapeptide RRYYRF' 
_entity.formula_weight             963.118 
_entity.pdbx_number_of_molecules   1 
_entity.pdbx_ec                    ? 
_entity.pdbx_mutation              ? 
_entity.pdbx_fragment              ? 
_entity.details                    ? 
# 
_entity_poly.entity_id                      1 
_entity_poly.type                           'polypeptide(L)' 
_entity_poly.nstd_linkage                   no 
_entity_poly.nstd_monomer                   no 
_entity_poly.pdbx_seq_one_letter_code       RRYYRF 
_entity_poly.pdbx_seq_one_letter_code_can   RRYYRF 
_entity_poly.pdbx_strand_id                 A 
_entity_poly.pdbx_target_identifier         ? 
# 
loop_
_entity_poly_seq.entity_id 
_entity_poly_seq.num 
_entity_poly_seq.mon_id 
_entity_poly_seq.hetero 
1 1 ARG n 
1 2 ARG n 
1 3 TYR n 
1 4 TYR n 
1 5 ARG n 
1 6 PHE n 
# 
_pdbx_entity_src_syn.entity_id              1 
_pdbx_entity_src_syn.pdbx_src_id            1 
_pdbx_entity_src_syn.pdbx_alt_source_flag   sample 
_pdbx_entity_src_syn.pdbx_beg_seq_num       ? 
_pdbx_entity_src_syn.pdbx_end_seq_num       ? 
_pdbx_entity_src_syn.organism_scientific    ? 
_pdbx_entity_src_syn.organism_common_name   ? 
_pdbx_entity_src_syn.ncbi_taxonomy_id       ? 
_pdbx_entity_src_syn.details                
;Synthesis of the linear peptide by the solid-phase method using standard Fmoc chemistry in continuous flow mode (MilliGen 9050 peptide synthesizer; Millipore, USA). Cyclization manually by applying HAPyU-chemistry. Purification by RP-HPLC (Shimadzu LC-10AD system), Characterization by matrix-assisted laser desorption mass spectrometry (MALDI II, Kratos, Manchester, UK).
;
# 
loop_
_chem_comp.id 
_chem_comp.type 
_chem_comp.mon_nstd_flag 
_chem_comp.name 
_chem_comp.pdbx_synonyms 
_chem_comp.formula 
_chem_comp.formula_weight 
ARG 'L-peptide linking' y ARGININE      ? 'C6 H15 N4 O2 1' 175.209 
PHE 'L-peptide linking' y PHENYLALANINE ? 'C9 H11 N O2'    165.189 
TYR 'L-peptide linking' y TYROSINE      ? 'C9 H11 N O3'    181.189 
# 
loop_
_pdbx_poly_seq_scheme.asym_id 
_pdbx_poly_seq_scheme.entity_id 
_pdbx_poly_seq_scheme.seq_id 
_pdbx_poly_seq_scheme.mon_id 
_pdbx_poly_seq_scheme.ndb_seq_num 
_pdbx_poly_seq_scheme.pdb_seq_num 
_pdbx_poly_seq_scheme.auth_seq_num 
_pdbx_poly_seq_scheme.pdb_mon_id 
_pdbx_poly_seq_scheme.auth_mon_id 
_pdbx_poly_seq_scheme.pdb_strand_id 
_pdbx_poly_seq_scheme.pdb_ins_code 
_pdbx_poly_seq_scheme.hetero 
A 1 1 ARG 1 1 1 ARG ARG A . n 
A 1 2 ARG 2 2 2 ARG ARG A . n 
A 1 3 TYR 3 3 3 TYR TYR A . n 
A 1 4 TYR 4 4 4 TYR TYR A . n 
A 1 5 ARG 5 5 5 ARG ARG A . n 
A 1 6 PHE 6 6 6 PHE PHE A . n 
# 
_exptl.entry_id          1SKI 
_exptl.method            'SOLUTION NMR' 
_exptl.crystals_number   ? 
# 
_struct.entry_id                  1SKI 
_struct.title                     'Structure of the antimicrobial hexapeptide cyc-(RRYYRF) bound to DPC micelles' 
_struct.pdbx_model_details        ? 
_struct.pdbx_CASP_flag            ? 
_struct.pdbx_model_type_details   ? 
# 
_struct_keywords.entry_id        1SKI 
_struct_keywords.pdbx_keywords   'ANTIMICROBIAL PROTEIN' 
_struct_keywords.text            'cyclic peptide; antimicrobial peptide, ANTIMICROBIAL PROTEIN' 
# 
_struct_asym.id                            A 
_struct_asym.pdbx_blank_PDB_chainid_flag   N 
_struct_asym.pdbx_modified                 N 
_struct_asym.entity_id                     1 
_struct_asym.details                       ? 
# 
_struct_ref.id                         1 
_struct_ref.entity_id                  1 
_struct_ref.db_name                    PDB 
_struct_ref.db_code                    1SKI 
_struct_ref.pdbx_db_accession          1SKI 
_struct_ref.pdbx_db_isoform            ? 
_struct_ref.pdbx_seq_one_letter_code   ? 
_struct_ref.pdbx_align_begin           ? 
# 
_struct_ref_seq.align_id                      1 
_struct_ref_seq.ref_id                        1 
_struct_ref_seq.pdbx_PDB_id_code              1SKI 
_struct_ref_seq.pdbx_strand_id                A 
_struct_ref_seq.seq_align_beg                 1 
_struct_ref_seq.pdbx_seq_align_beg_ins_code   ? 
_struct_ref_seq.seq_align_end                 6 
_struct_ref_seq.pdbx_seq_align_end_ins_code   ? 
_struct_ref_seq.pdbx_db_accession             1SKI 
_struct_ref_seq.db_align_beg                  1 
_struct_ref_seq.pdbx_db_align_beg_ins_code    ? 
_struct_ref_seq.db_align_end                  6 
_struct_ref_seq.pdbx_db_align_end_ins_code    ? 
_struct_ref_seq.pdbx_auth_seq_align_beg       1 
_struct_ref_seq.pdbx_auth_seq_align_end       6 
# 
_pdbx_struct_assembly.id                   1 
_pdbx_struct_assembly.details              author_defined_assembly 
_pdbx_struct_assembly.method_details       ? 
_pdbx_struct_assembly.oligomeric_details   monomeric 
_pdbx_struct_assembly.oligomeric_count     1 
# 
_pdbx_struct_assembly_gen.assembly_id       1 
_pdbx_struct_assembly_gen.oper_expression   1 
_pdbx_struct_assembly_gen.asym_id_list      A 
# 
_pdbx_struct_oper_list.id                   1 
_pdbx_struct_oper_list.type                 'identity operation' 
_pdbx_struct_oper_list.name                 1_555 
_pdbx_struct_oper_list.symmetry_operation   x,y,z 
_pdbx_struct_oper_list.matrix[1][1]         1.0000000000 
_pdbx_struct_oper_list.matrix[1][2]         0.0000000000 
_pdbx_struct_oper_list.matrix[1][3]         0.0000000000 
_pdbx_struct_oper_list.vector[1]            0.0000000000 
_pdbx_struct_oper_list.matrix[2][1]         0.0000000000 
_pdbx_struct_oper_list.matrix[2][2]         1.0000000000 
_pdbx_struct_oper_list.matrix[2][3]         0.0000000000 
_pdbx_struct_oper_list.vector[2]            0.0000000000 
_pdbx_struct_oper_list.matrix[3][1]         0.0000000000 
_pdbx_struct_oper_list.matrix[3][2]         0.0000000000 
_pdbx_struct_oper_list.matrix[3][3]         1.0000000000 
_pdbx_struct_oper_list.vector[3]            0.0000000000 
# 
_struct_biol.id   1 
# 
_struct_conn.id                            covale1 
_struct_conn.conn_type_id                  covale 
_struct_conn.pdbx_leaving_atom_flag        both 
_struct_conn.pdbx_PDB_id                   ? 
_struct_conn.ptnr1_label_asym_id           A 
_struct_conn.ptnr1_label_comp_id           ARG 
_struct_conn.ptnr1_label_seq_id            1 
_struct_conn.ptnr1_label_atom_id           N 
_struct_conn.pdbx_ptnr1_label_alt_id       ? 
_struct_conn.pdbx_ptnr1_PDB_ins_code       ? 
_struct_conn.pdbx_ptnr1_standard_comp_id   ? 
_struct_conn.ptnr1_symmetry                1_555 
_struct_conn.ptnr2_label_asym_id           A 
_struct_conn.ptnr2_label_comp_id           PHE 
_struct_conn.ptnr2_label_seq_id            6 
_struct_conn.ptnr2_label_atom_id           C 
_struct_conn.pdbx_ptnr2_label_alt_id       ? 
_struct_conn.pdbx_ptnr2_PDB_ins_code       ? 
_struct_conn.ptnr1_auth_asym_id            A 
_struct_conn.ptnr1_auth_comp_id            ARG 
_struct_conn.ptnr1_auth_seq_id             1 
_struct_conn.ptnr2_auth_asym_id            A 
_struct_conn.ptnr2_auth_comp_id            PHE 
_struct_conn.ptnr2_auth_seq_id             6 
_struct_conn.ptnr2_symmetry                1_555 
_struct_conn.pdbx_ptnr3_label_atom_id      ? 
_struct_conn.pdbx_ptnr3_label_seq_id       ? 
_struct_conn.pdbx_ptnr3_label_comp_id      ? 
_struct_conn.pdbx_ptnr3_label_asym_id      ? 
_struct_conn.pdbx_ptnr3_label_alt_id       ? 
_struct_conn.pdbx_ptnr3_PDB_ins_code       ? 
_struct_conn.details                       ? 
_struct_conn.pdbx_dist_value               1.339 
_struct_conn.pdbx_value_order              ? 
_struct_conn.pdbx_role                     ? 
# 
_struct_conn_type.id          covale 
_struct_conn_type.criteria    ? 
_struct_conn_type.reference   ? 
# 
_pdbx_modification_feature.ordinal                            1 
_pdbx_modification_feature.label_comp_id                      ARG 
_pdbx_modification_feature.label_asym_id                      A 
_pdbx_modification_feature.label_seq_id                       1 
_pdbx_modification_feature.label_alt_id                       ? 
_pdbx_modification_feature.modified_residue_label_comp_id     PHE 
_pdbx_modification_feature.modified_residue_label_asym_id     A 
_pdbx_modification_feature.modified_residue_label_seq_id      6 
_pdbx_modification_feature.modified_residue_label_alt_id      ? 
_pdbx_modification_feature.auth_comp_id                       ARG 
_pdbx_modification_feature.auth_asym_id                       A 
_pdbx_modification_feature.auth_seq_id                        1 
_pdbx_modification_feature.PDB_ins_code                       ? 
_pdbx_modification_feature.symmetry                           1_555 
_pdbx_modification_feature.modified_residue_auth_comp_id      PHE 
_pdbx_modification_feature.modified_residue_auth_asym_id      A 
_pdbx_modification_feature.modified_residue_auth_seq_id       6 
_pdbx_modification_feature.modified_residue_PDB_ins_code      ? 
_pdbx_modification_feature.modified_residue_symmetry          1_555 
_pdbx_modification_feature.comp_id_linking_atom               N 
_pdbx_modification_feature.modified_residue_id_linking_atom   C 
_pdbx_modification_feature.modified_residue_id                . 
_pdbx_modification_feature.ref_pcm_id                         . 
_pdbx_modification_feature.ref_comp_id                        . 
_pdbx_modification_feature.type                               None 
_pdbx_modification_feature.category                           'Non-standard linkage' 
# 
_pdbx_entry_details.entry_id                   1SKI 
_pdbx_entry_details.compound_details           ? 
_pdbx_entry_details.source_details             ? 
_pdbx_entry_details.nonpolymer_details         ? 
_pdbx_entry_details.sequence_details           ? 
_pdbx_entry_details.has_ligand_of_interest     ? 
_pdbx_entry_details.has_protein_modification   Y 
# 
loop_
_pdbx_validate_torsion.id 
_pdbx_validate_torsion.PDB_model_num 
_pdbx_validate_torsion.auth_comp_id 
_pdbx_validate_torsion.auth_asym_id 
_pdbx_validate_torsion.auth_seq_id 
_pdbx_validate_torsion.PDB_ins_code 
_pdbx_validate_torsion.label_alt_id 
_pdbx_validate_torsion.phi 
_pdbx_validate_torsion.psi 
1  1  TYR A 4 ? ? 3.13  -91.04 
2  2  TYR A 4 ? ? 4.53  -90.47 
3  3  TYR A 4 ? ? 5.69  -92.09 
4  4  TYR A 4 ? ? 1.34  -88.04 
5  5  TYR A 4 ? ? 4.06  -91.43 
6  6  TYR A 4 ? ? 11.79 -95.93 
7  7  TYR A 4 ? ? 10.31 -93.94 
8  8  TYR A 4 ? ? 2.61  -91.84 
9  9  TYR A 4 ? ? 9.44  -94.82 
10 10 TYR A 4 ? ? 15.08 -98.94 
# 
_pdbx_molecule_features.prd_id    PRD_000104 
_pdbx_molecule_features.name      'CYCLIC HEXAPEPTIDE RRYYRF' 
_pdbx_molecule_features.type      'Cyclic peptide' 
_pdbx_molecule_features.class     Antimicrobial 
_pdbx_molecule_features.details   ? 
# 
_pdbx_molecule.instance_id   1 
_pdbx_molecule.prd_id        PRD_000104 
_pdbx_molecule.asym_id       A 
# 
_pdbx_nmr_ensemble.entry_id                                      1SKI 
_pdbx_nmr_ensemble.conformers_calculated_total_number            100 
_pdbx_nmr_ensemble.conformers_submitted_total_number             10 
_pdbx_nmr_ensemble.conformer_selection_criteria                  'structures with the lowest energy' 
_pdbx_nmr_ensemble.average_constraints_per_residue               ? 
_pdbx_nmr_ensemble.average_constraint_violations_per_residue     ? 
_pdbx_nmr_ensemble.maximum_distance_constraint_violation         ? 
_pdbx_nmr_ensemble.average_distance_constraint_violation         ? 
_pdbx_nmr_ensemble.maximum_upper_distance_constraint_violation   ? 
_pdbx_nmr_ensemble.maximum_lower_distance_constraint_violation   ? 
_pdbx_nmr_ensemble.distance_constraint_violation_method          ? 
_pdbx_nmr_ensemble.maximum_torsion_angle_constraint_violation    ? 
_pdbx_nmr_ensemble.average_torsion_angle_constraint_violation    ? 
_pdbx_nmr_ensemble.torsion_angle_constraint_violation_method     ? 
# 
_pdbx_nmr_representative.entry_id             1SKI 
_pdbx_nmr_representative.conformer_id         1 
_pdbx_nmr_representative.selection_criteria   'closest to the average' 
# 
_pdbx_nmr_sample_details.solution_id      1 
_pdbx_nmr_sample_details.contents         '2.5 mM c-RY, 50 mM D38 dodecyl phosphocholine' 
_pdbx_nmr_sample_details.solvent_system   '90% H2O/10% D2O' 
# 
_pdbx_nmr_exptl_sample_conditions.conditions_id       1 
_pdbx_nmr_exptl_sample_conditions.temperature         300 
_pdbx_nmr_exptl_sample_conditions.pressure            ambient 
_pdbx_nmr_exptl_sample_conditions.pH                  6.3 
_pdbx_nmr_exptl_sample_conditions.ionic_strength      ? 
_pdbx_nmr_exptl_sample_conditions.pressure_units      ? 
_pdbx_nmr_exptl_sample_conditions.temperature_units   K 
# 
loop_
_pdbx_nmr_exptl.experiment_id 
_pdbx_nmr_exptl.solution_id 
_pdbx_nmr_exptl.conditions_id 
_pdbx_nmr_exptl.type 
1 1 1 '2D NOESY' 
2 1 1 '2D TOCSY' 
3 1 1 DQF-COSY   
# 
_pdbx_nmr_refine.entry_id           1SKI 
_pdbx_nmr_refine.method             'simulated annealing' 
_pdbx_nmr_refine.details            '124 distance restraints, 3 dihedral restraints' 
_pdbx_nmr_refine.software_ordinal   1 
# 
loop_
_pdbx_nmr_software.name 
_pdbx_nmr_software.version 
_pdbx_nmr_software.classification 
_pdbx_nmr_software.authors 
_pdbx_nmr_software.ordinal 
XwinNMR 2.6 collection           Bruker                            1 
Sparky  3.1 'data analysis'      'Goddard, T.D. and Kneller, D.G.' 2 
Amber   6   'structure solution' 'Case, D.A. et al'                3 
Amber   6   refinement           'Case, D.A. et al'                4 
# 
loop_
_chem_comp_atom.comp_id 
_chem_comp_atom.atom_id 
_chem_comp_atom.type_symbol 
_chem_comp_atom.pdbx_aromatic_flag 
_chem_comp_atom.pdbx_stereo_config 
_chem_comp_atom.pdbx_ordinal 
ARG N    N N N 1  
ARG CA   C N S 2  
ARG C    C N N 3  
ARG O    O N N 4  
ARG CB   C N N 5  
ARG CG   C N N 6  
ARG CD   C N N 7  
ARG NE   N N N 8  
ARG CZ   C N N 9  
ARG NH1  N N N 10 
ARG NH2  N N N 11 
ARG OXT  O N N 12 
ARG H    H N N 13 
ARG H2   H N N 14 
ARG HA   H N N 15 
ARG HB2  H N N 16 
ARG HB3  H N N 17 
ARG HG2  H N N 18 
ARG HG3  H N N 19 
ARG HD2  H N N 20 
ARG HD3  H N N 21 
ARG HE   H N N 22 
ARG HH11 H N N 23 
ARG HH12 H N N 24 
ARG HH21 H N N 25 
ARG HH22 H N N 26 
ARG HXT  H N N 27 
PHE N    N N N 28 
PHE CA   C N S 29 
PHE C    C N N 30 
PHE O    O N N 31 
PHE CB   C N N 32 
PHE CG   C Y N 33 
PHE CD1  C Y N 34 
PHE CD2  C Y N 35 
PHE CE1  C Y N 36 
PHE CE2  C Y N 37 
PHE CZ   C Y N 38 
PHE OXT  O N N 39 
PHE H    H N N 40 
PHE H2   H N N 41 
PHE HA   H N N 42 
PHE HB2  H N N 43 
PHE HB3  H N N 44 
PHE HD1  H N N 45 
PHE HD2  H N N 46 
PHE HE1  H N N 47 
PHE HE2  H N N 48 
PHE HZ   H N N 49 
PHE HXT  H N N 50 
TYR N    N N N 51 
TYR CA   C N S 52 
TYR C    C N N 53 
TYR O    O N N 54 
TYR CB   C N N 55 
TYR CG   C Y N 56 
TYR CD1  C Y N 57 
TYR CD2  C Y N 58 
TYR CE1  C Y N 59 
TYR CE2  C Y N 60 
TYR CZ   C Y N 61 
TYR OH   O N N 62 
TYR OXT  O N N 63 
TYR H    H N N 64 
TYR H2   H N N 65 
TYR HA   H N N 66 
TYR HB2  H N N 67 
TYR HB3  H N N 68 
TYR HD1  H N N 69 
TYR HD2  H N N 70 
TYR HE1  H N N 71 
TYR HE2  H N N 72 
TYR HH   H N N 73 
TYR HXT  H N N 74 
# 
loop_
_chem_comp_bond.comp_id 
_chem_comp_bond.atom_id_1 
_chem_comp_bond.atom_id_2 
_chem_comp_bond.value_order 
_chem_comp_bond.pdbx_aromatic_flag 
_chem_comp_bond.pdbx_stereo_config 
_chem_comp_bond.pdbx_ordinal 
ARG N   CA   sing N N 1  
ARG N   H    sing N N 2  
ARG N   H2   sing N N 3  
ARG CA  C    sing N N 4  
ARG CA  CB   sing N N 5  
ARG CA  HA   sing N N 6  
ARG C   O    doub N N 7  
ARG C   OXT  sing N N 8  
ARG CB  CG   sing N N 9  
ARG CB  HB2  sing N N 10 
ARG CB  HB3  sing N N 11 
ARG CG  CD   sing N N 12 
ARG CG  HG2  sing N N 13 
ARG CG  HG3  sing N N 14 
ARG CD  NE   sing N N 15 
ARG CD  HD2  sing N N 16 
ARG CD  HD3  sing N N 17 
ARG NE  CZ   sing N N 18 
ARG NE  HE   sing N N 19 
ARG CZ  NH1  sing N N 20 
ARG CZ  NH2  doub N N 21 
ARG NH1 HH11 sing N N 22 
ARG NH1 HH12 sing N N 23 
ARG NH2 HH21 sing N N 24 
ARG NH2 HH22 sing N N 25 
ARG OXT HXT  sing N N 26 
PHE N   CA   sing N N 27 
PHE N   H    sing N N 28 
PHE N   H2   sing N N 29 
PHE CA  C    sing N N 30 
PHE CA  CB   sing N N 31 
PHE CA  HA   sing N N 32 
PHE C   O    doub N N 33 
PHE C   OXT  sing N N 34 
PHE CB  CG   sing N N 35 
PHE CB  HB2  sing N N 36 
PHE CB  HB3  sing N N 37 
PHE CG  CD1  doub Y N 38 
PHE CG  CD2  sing Y N 39 
PHE CD1 CE1  sing Y N 40 
PHE CD1 HD1  sing N N 41 
PHE CD2 CE2  doub Y N 42 
PHE CD2 HD2  sing N N 43 
PHE CE1 CZ   doub Y N 44 
PHE CE1 HE1  sing N N 45 
PHE CE2 CZ   sing Y N 46 
PHE CE2 HE2  sing N N 47 
PHE CZ  HZ   sing N N 48 
PHE OXT HXT  sing N N 49 
TYR N   CA   sing N N 50 
TYR N   H    sing N N 51 
TYR N   H2   sing N N 52 
TYR CA  C    sing N N 53 
TYR CA  CB   sing N N 54 
TYR CA  HA   sing N N 55 
TYR C   O    doub N N 56 
TYR C   OXT  sing N N 57 
TYR CB  CG   sing N N 58 
TYR CB  HB2  sing N N 59 
TYR CB  HB3  sing N N 60 
TYR CG  CD1  doub Y N 61 
TYR CG  CD2  sing Y N 62 
TYR CD1 CE1  sing Y N 63 
TYR CD1 HD1  sing N N 64 
TYR CD2 CE2  doub Y N 65 
TYR CD2 HD2  sing N N 66 
TYR CE1 CZ   doub Y N 67 
TYR CE1 HE1  sing N N 68 
TYR CE2 CZ   sing Y N 69 
TYR CE2 HE2  sing N N 70 
TYR CZ  OH   sing N N 71 
TYR OH  HH   sing N N 72 
TYR OXT HXT  sing N N 73 
# 
_pdbx_nmr_spectrometer.spectrometer_id   1 
_pdbx_nmr_spectrometer.type              ? 
_pdbx_nmr_spectrometer.manufacturer      Bruker 
_pdbx_nmr_spectrometer.model             DRX 
_pdbx_nmr_spectrometer.field_strength    600 
# 
_atom_sites.entry_id                    1SKI 
_atom_sites.fract_transf_matrix[1][1]   1.000000 
_atom_sites.fract_transf_matrix[1][2]   0.000000 
_atom_sites.fract_transf_matrix[1][3]   0.000000 
_atom_sites.fract_transf_matrix[2][1]   0.000000 
_atom_sites.fract_transf_matrix[2][2]   1.000000 
_atom_sites.fract_transf_matrix[2][3]   0.000000 
_atom_sites.fract_transf_matrix[3][1]   0.000000 
_atom_sites.fract_transf_matrix[3][2]   0.000000 
_atom_sites.fract_transf_matrix[3][3]   1.000000 
_atom_sites.fract_transf_vector[1]      0.00000 
_atom_sites.fract_transf_vector[2]      0.00000 
_atom_sites.fract_transf_vector[3]      0.00000 
# 
loop_
_atom_type.symbol 
C 
H 
N 
O 
# 
loop_
_atom_site.group_PDB 
_atom_site.id 
_atom_site.type_symbol 
_atom_site.label_atom_id 
_atom_site.label_alt_id 
_atom_site.label_comp_id 
_atom_site.label_asym_id 
_atom_site.label_entity_id 
_atom_site.label_seq_id 
_atom_site.pdbx_PDB_ins_code 
_atom_site.Cartn_x 
_atom_site.Cartn_y 
_atom_site.Cartn_z 
_atom_site.occupancy 
_atom_site.B_iso_or_equiv 
_atom_site.pdbx_formal_charge 
_atom_site.auth_seq_id 
_atom_site.auth_comp_id 
_atom_site.auth_asym_id 
_atom_site.auth_atom_id 
_atom_site.pdbx_PDB_model_num 
ATOM 1    N N    . ARG A 1 1 ? 2.926  0.216  0.935  1.00 0.00 ? 1 ARG A N    1  
ATOM 2    C CA   . ARG A 1 1 ? 3.761  -0.986 0.914  1.00 0.00 ? 1 ARG A CA   1  
ATOM 3    C C    . ARG A 1 1 ? 3.056  -2.196 0.279  1.00 0.00 ? 1 ARG A C    1  
ATOM 4    O O    . ARG A 1 1 ? 3.431  -2.603 -0.820 1.00 0.00 ? 1 ARG A O    1  
ATOM 5    C CB   . ARG A 1 1 ? 4.206  -1.304 2.354  1.00 0.00 ? 1 ARG A CB   1  
ATOM 6    C CG   . ARG A 1 1 ? 5.187  -0.263 2.922  1.00 0.00 ? 1 ARG A CG   1  
ATOM 7    C CD   . ARG A 1 1 ? 5.440  -0.466 4.423  1.00 0.00 ? 1 ARG A CD   1  
ATOM 8    N NE   . ARG A 1 1 ? 6.059  -1.767 4.724  1.00 0.00 ? 1 ARG A NE   1  
ATOM 9    C CZ   . ARG A 1 1 ? 7.377  -2.032 4.747  1.00 0.00 ? 1 ARG A CZ   1  
ATOM 10   N NH1  . ARG A 1 1 ? 8.293  -1.092 4.465  1.00 0.00 ? 1 ARG A NH1  1  
ATOM 11   N NH2  . ARG A 1 1 ? 7.787  -3.267 5.061  1.00 0.00 ? 1 ARG A NH2  1  
ATOM 12   H H    . ARG A 1 1 ? 2.869  0.709  1.812  1.00 0.00 ? 1 ARG A H    1  
ATOM 13   H HA   . ARG A 1 1 ? 4.652  -0.770 0.324  1.00 0.00 ? 1 ARG A HA   1  
ATOM 14   H HB2  . ARG A 1 1 ? 3.327  -1.354 2.998  1.00 0.00 ? 1 ARG A HB2  1  
ATOM 15   H HB3  . ARG A 1 1 ? 4.687  -2.282 2.359  1.00 0.00 ? 1 ARG A HB3  1  
ATOM 16   H HG2  . ARG A 1 1 ? 6.133  -0.320 2.381  1.00 0.00 ? 1 ARG A HG2  1  
ATOM 17   H HG3  . ARG A 1 1 ? 4.777  0.738  2.789  1.00 0.00 ? 1 ARG A HG3  1  
ATOM 18   H HD2  . ARG A 1 1 ? 6.082  0.338  4.786  1.00 0.00 ? 1 ARG A HD2  1  
ATOM 19   H HD3  . ARG A 1 1 ? 4.489  -0.402 4.952  1.00 0.00 ? 1 ARG A HD3  1  
ATOM 20   H HE   . ARG A 1 1 ? 5.423  -2.521 4.944  1.00 0.00 ? 1 ARG A HE   1  
ATOM 21   H HH11 . ARG A 1 1 ? 7.999  -0.156 4.227  1.00 0.00 ? 1 ARG A HH11 1  
ATOM 22   H HH12 . ARG A 1 1 ? 9.277  -1.320 4.492  1.00 0.00 ? 1 ARG A HH12 1  
ATOM 23   H HH21 . ARG A 1 1 ? 7.111  -3.985 5.278  1.00 0.00 ? 1 ARG A HH21 1  
ATOM 24   H HH22 . ARG A 1 1 ? 8.776  -3.480 5.085  1.00 0.00 ? 1 ARG A HH22 1  
ATOM 25   N N    . ARG A 1 2 ? 2.042  -2.750 0.964  1.00 0.00 ? 2 ARG A N    1  
ATOM 26   C CA   . ARG A 1 2 ? 1.316  -3.966 0.567  1.00 0.00 ? 2 ARG A CA   1  
ATOM 27   C C    . ARG A 1 2 ? -0.212 -3.787 0.698  1.00 0.00 ? 2 ARG A C    1  
ATOM 28   O O    . ARG A 1 2 ? -0.949 -4.742 0.945  1.00 0.00 ? 2 ARG A O    1  
ATOM 29   C CB   . ARG A 1 2 ? 1.788  -5.131 1.446  1.00 0.00 ? 2 ARG A CB   1  
ATOM 30   C CG   . ARG A 1 2 ? 3.300  -5.412 1.381  1.00 0.00 ? 2 ARG A CG   1  
ATOM 31   C CD   . ARG A 1 2 ? 3.700  -6.631 2.224  1.00 0.00 ? 2 ARG A CD   1  
ATOM 32   N NE   . ARG A 1 2 ? 3.277  -6.520 3.632  1.00 0.00 ? 2 ARG A NE   1  
ATOM 33   C CZ   . ARG A 1 2 ? 3.809  -5.711 4.566  1.00 0.00 ? 2 ARG A CZ   1  
ATOM 34   N NH1  . ARG A 1 2 ? 4.852  -4.910 4.300  1.00 0.00 ? 2 ARG A NH1  1  
ATOM 35   N NH2  . ARG A 1 2 ? 3.280  -5.704 5.796  1.00 0.00 ? 2 ARG A NH2  1  
ATOM 36   H H    . ARG A 1 2 ? 1.900  -2.427 1.913  1.00 0.00 ? 2 ARG A H    1  
ATOM 37   H HA   . ARG A 1 2 ? 1.538  -4.198 -0.475 1.00 0.00 ? 2 ARG A HA   1  
ATOM 38   H HB2  . ARG A 1 2 ? 1.504  -4.894 2.473  1.00 0.00 ? 2 ARG A HB2  1  
ATOM 39   H HB3  . ARG A 1 2 ? 1.259  -6.028 1.129  1.00 0.00 ? 2 ARG A HB3  1  
ATOM 40   H HG2  . ARG A 1 2 ? 3.585  -5.595 0.345  1.00 0.00 ? 2 ARG A HG2  1  
ATOM 41   H HG3  . ARG A 1 2 ? 3.854  -4.543 1.739  1.00 0.00 ? 2 ARG A HG3  1  
ATOM 42   H HD2  . ARG A 1 2 ? 3.238  -7.521 1.795  1.00 0.00 ? 2 ARG A HD2  1  
ATOM 43   H HD3  . ARG A 1 2 ? 4.782  -6.755 2.182  1.00 0.00 ? 2 ARG A HD3  1  
ATOM 44   H HE   . ARG A 1 2 ? 2.495  -7.098 3.905  1.00 0.00 ? 2 ARG A HE   1  
ATOM 45   H HH11 . ARG A 1 2 ? 5.259  -4.903 3.375  1.00 0.00 ? 2 ARG A HH11 1  
ATOM 46   H HH12 . ARG A 1 2 ? 5.228  -4.313 5.022  1.00 0.00 ? 2 ARG A HH12 1  
ATOM 47   H HH21 . ARG A 1 2 ? 2.493  -6.300 6.010  1.00 0.00 ? 2 ARG A HH21 1  
ATOM 48   H HH22 . ARG A 1 2 ? 3.666  -5.103 6.509  1.00 0.00 ? 2 ARG A HH22 1  
ATOM 49   N N    . TYR A 1 3 ? -0.663 -2.536 0.576  1.00 0.00 ? 3 TYR A N    1  
ATOM 50   C CA   . TYR A 1 3 ? -1.989 -2.013 0.870  1.00 0.00 ? 3 TYR A CA   1  
ATOM 51   C C    . TYR A 1 3 ? -2.189 -0.714 0.071  1.00 0.00 ? 3 TYR A C    1  
ATOM 52   O O    . TYR A 1 3 ? -1.278 -0.262 -0.624 1.00 0.00 ? 3 TYR A O    1  
ATOM 53   C CB   . TYR A 1 3 ? -2.099 -1.725 2.383  1.00 0.00 ? 3 TYR A CB   1  
ATOM 54   C CG   . TYR A 1 3 ? -1.889 -2.936 3.273  1.00 0.00 ? 3 TYR A CG   1  
ATOM 55   C CD1  . TYR A 1 3 ? -2.911 -3.899 3.394  1.00 0.00 ? 3 TYR A CD1  1  
ATOM 56   C CD2  . TYR A 1 3 ? -0.661 -3.130 3.934  1.00 0.00 ? 3 TYR A CD2  1  
ATOM 57   C CE1  . TYR A 1 3 ? -2.703 -5.058 4.161  1.00 0.00 ? 3 TYR A CE1  1  
ATOM 58   C CE2  . TYR A 1 3 ? -0.444 -4.287 4.703  1.00 0.00 ? 3 TYR A CE2  1  
ATOM 59   C CZ   . TYR A 1 3 ? -1.465 -5.260 4.816  1.00 0.00 ? 3 TYR A CZ   1  
ATOM 60   O OH   . TYR A 1 3 ? -1.256 -6.388 5.552  1.00 0.00 ? 3 TYR A OH   1  
ATOM 61   H H    . TYR A 1 3 ? -0.025 -1.872 0.192  1.00 0.00 ? 3 TYR A H    1  
ATOM 62   H HA   . TYR A 1 3 ? -2.751 -2.739 0.579  1.00 0.00 ? 3 TYR A HA   1  
ATOM 63   H HB2  . TYR A 1 3 ? -1.372 -0.956 2.650  1.00 0.00 ? 3 TYR A HB2  1  
ATOM 64   H HB3  . TYR A 1 3 ? -3.090 -1.322 2.597  1.00 0.00 ? 3 TYR A HB3  1  
ATOM 65   H HD1  . TYR A 1 3 ? -3.852 -3.760 2.881  1.00 0.00 ? 3 TYR A HD1  1  
ATOM 66   H HD2  . TYR A 1 3 ? 0.132  -2.401 3.834  1.00 0.00 ? 3 TYR A HD2  1  
ATOM 67   H HE1  . TYR A 1 3 ? -3.487 -5.799 4.241  1.00 0.00 ? 3 TYR A HE1  1  
ATOM 68   H HE2  . TYR A 1 3 ? 0.505  -4.435 5.197  1.00 0.00 ? 3 TYR A HE2  1  
ATOM 69   H HH   . TYR A 1 3 ? -0.382 -6.422 5.948  1.00 0.00 ? 3 TYR A HH   1  
ATOM 70   N N    . TYR A 1 4 ? -3.398 -0.147 0.206  1.00 0.00 ? 4 TYR A N    1  
ATOM 71   C CA   . TYR A 1 4 ? -3.964 1.021  -0.492 1.00 0.00 ? 4 TYR A CA   1  
ATOM 72   C C    . TYR A 1 4 ? -3.063 1.645  -1.583 1.00 0.00 ? 4 TYR A C    1  
ATOM 73   O O    . TYR A 1 4 ? -3.112 1.209  -2.732 1.00 0.00 ? 4 TYR A O    1  
ATOM 74   C CB   . TYR A 1 4 ? -4.444 2.067  0.545  1.00 0.00 ? 4 TYR A CB   1  
ATOM 75   C CG   . TYR A 1 4 ? -5.076 3.304  -0.079 1.00 0.00 ? 4 TYR A CG   1  
ATOM 76   C CD1  . TYR A 1 4 ? -6.221 3.183  -0.892 1.00 0.00 ? 4 TYR A CD1  1  
ATOM 77   C CD2  . TYR A 1 4 ? -4.484 4.570  0.104  1.00 0.00 ? 4 TYR A CD2  1  
ATOM 78   C CE1  . TYR A 1 4 ? -6.763 4.313  -1.530 1.00 0.00 ? 4 TYR A CE1  1  
ATOM 79   C CE2  . TYR A 1 4 ? -5.019 5.706  -0.527 1.00 0.00 ? 4 TYR A CE2  1  
ATOM 80   C CZ   . TYR A 1 4 ? -6.159 5.581  -1.354 1.00 0.00 ? 4 TYR A CZ   1  
ATOM 81   O OH   . TYR A 1 4 ? -6.670 6.677  -1.985 1.00 0.00 ? 4 TYR A OH   1  
ATOM 82   H H    . TYR A 1 4 ? -4.016 -0.618 0.858  1.00 0.00 ? 4 TYR A H    1  
ATOM 83   H HA   . TYR A 1 4 ? -4.842 0.639  -1.013 1.00 0.00 ? 4 TYR A HA   1  
ATOM 84   H HB2  . TYR A 1 4 ? -5.174 1.611  1.217  1.00 0.00 ? 4 TYR A HB2  1  
ATOM 85   H HB3  . TYR A 1 4 ? -3.603 2.374  1.173  1.00 0.00 ? 4 TYR A HB3  1  
ATOM 86   H HD1  . TYR A 1 4 ? -6.679 2.217  -1.042 1.00 0.00 ? 4 TYR A HD1  1  
ATOM 87   H HD2  . TYR A 1 4 ? -3.598 4.672  0.714  1.00 0.00 ? 4 TYR A HD2  1  
ATOM 88   H HE1  . TYR A 1 4 ? -7.633 4.210  -2.160 1.00 0.00 ? 4 TYR A HE1  1  
ATOM 89   H HE2  . TYR A 1 4 ? -4.548 6.669  -0.390 1.00 0.00 ? 4 TYR A HE2  1  
ATOM 90   H HH   . TYR A 1 4 ? -6.181 7.481  -1.796 1.00 0.00 ? 4 TYR A HH   1  
ATOM 91   N N    . ARG A 1 5 ? -2.231 2.633  -1.207 1.00 0.00 ? 5 ARG A N    1  
ATOM 92   C CA   . ARG A 1 5 ? -1.256 3.327  -2.054 1.00 0.00 ? 5 ARG A CA   1  
ATOM 93   C C    . ARG A 1 5 ? 0.105  3.432  -1.333 1.00 0.00 ? 5 ARG A C    1  
ATOM 94   O O    . ARG A 1 5 ? 0.747  4.483  -1.313 1.00 0.00 ? 5 ARG A O    1  
ATOM 95   C CB   . ARG A 1 5 ? -1.792 4.707  -2.463 1.00 0.00 ? 5 ARG A CB   1  
ATOM 96   C CG   . ARG A 1 5 ? -2.929 4.645  -3.489 1.00 0.00 ? 5 ARG A CG   1  
ATOM 97   C CD   . ARG A 1 5 ? -3.323 6.065  -3.915 1.00 0.00 ? 5 ARG A CD   1  
ATOM 98   N NE   . ARG A 1 5 ? -4.200 6.056  -5.097 1.00 0.00 ? 5 ARG A NE   1  
ATOM 99   C CZ   . ARG A 1 5 ? -3.785 6.080  -6.377 1.00 0.00 ? 5 ARG A CZ   1  
ATOM 100  N NH1  . ARG A 1 5 ? -2.482 6.099  -6.702 1.00 0.00 ? 5 ARG A NH1  1  
ATOM 101  N NH2  . ARG A 1 5 ? -4.695 6.085  -7.360 1.00 0.00 ? 5 ARG A NH2  1  
ATOM 102  H H    . ARG A 1 5 ? -2.349 2.994  -0.273 1.00 0.00 ? 5 ARG A H    1  
ATOM 103  H HA   . ARG A 1 5 ? -1.097 2.749  -2.967 1.00 0.00 ? 5 ARG A HA   1  
ATOM 104  H HB2  . ARG A 1 5 ? -2.112 5.259  -1.578 1.00 0.00 ? 5 ARG A HB2  1  
ATOM 105  H HB3  . ARG A 1 5 ? -0.964 5.239  -2.925 1.00 0.00 ? 5 ARG A HB3  1  
ATOM 106  H HG2  . ARG A 1 5 ? -2.586 4.088  -4.362 1.00 0.00 ? 5 ARG A HG2  1  
ATOM 107  H HG3  . ARG A 1 5 ? -3.798 4.141  -3.064 1.00 0.00 ? 5 ARG A HG3  1  
ATOM 108  H HD2  . ARG A 1 5 ? -3.841 6.554  -3.092 1.00 0.00 ? 5 ARG A HD2  1  
ATOM 109  H HD3  . ARG A 1 5 ? -2.425 6.641  -4.139 1.00 0.00 ? 5 ARG A HD3  1  
ATOM 110  H HE   . ARG A 1 5 ? -5.194 6.040  -4.919 1.00 0.00 ? 5 ARG A HE   1  
ATOM 111  H HH11 . ARG A 1 5 ? -1.781 6.096  -5.974 1.00 0.00 ? 5 ARG A HH11 1  
ATOM 112  H HH12 . ARG A 1 5 ? -2.202 6.120  -7.672 1.00 0.00 ? 5 ARG A HH12 1  
ATOM 113  H HH21 . ARG A 1 5 ? -5.680 6.073  -7.137 1.00 0.00 ? 5 ARG A HH21 1  
ATOM 114  H HH22 . ARG A 1 5 ? -4.396 6.106  -8.325 1.00 0.00 ? 5 ARG A HH22 1  
ATOM 115  N N    . PHE A 1 6 ? 0.519  2.326  -0.704 1.00 0.00 ? 6 PHE A N    1  
ATOM 116  C CA   . PHE A 1 6 ? 1.691  2.183  0.143  1.00 0.00 ? 6 PHE A CA   1  
ATOM 117  C C    . PHE A 1 6 ? 2.309  0.791  -0.105 1.00 0.00 ? 6 PHE A C    1  
ATOM 118  O O    . PHE A 1 6 ? 2.268  0.284  -1.227 1.00 0.00 ? 6 PHE A O    1  
ATOM 119  C CB   . PHE A 1 6 ? 1.276  2.432  1.609  1.00 0.00 ? 6 PHE A CB   1  
ATOM 120  C CG   . PHE A 1 6 ? 0.669  3.800  1.871  1.00 0.00 ? 6 PHE A CG   1  
ATOM 121  C CD1  . PHE A 1 6 ? 1.487  4.948  1.840  1.00 0.00 ? 6 PHE A CD1  1  
ATOM 122  C CD2  . PHE A 1 6 ? -0.709 3.933  2.127  1.00 0.00 ? 6 PHE A CD2  1  
ATOM 123  C CE1  . PHE A 1 6 ? 0.929  6.218  2.061  1.00 0.00 ? 6 PHE A CE1  1  
ATOM 124  C CE2  . PHE A 1 6 ? -1.263 5.205  2.357  1.00 0.00 ? 6 PHE A CE2  1  
ATOM 125  C CZ   . PHE A 1 6 ? -0.446 6.347  2.320  1.00 0.00 ? 6 PHE A CZ   1  
ATOM 126  H H    . PHE A 1 6 ? -0.052 1.508  -0.783 1.00 0.00 ? 6 PHE A H    1  
ATOM 127  H HA   . PHE A 1 6 ? 2.436  2.932  -0.132 1.00 0.00 ? 6 PHE A HA   1  
ATOM 128  H HB2  . PHE A 1 6 ? 0.566  1.660  1.912  1.00 0.00 ? 6 PHE A HB2  1  
ATOM 129  H HB3  . PHE A 1 6 ? 2.155  2.344  2.249  1.00 0.00 ? 6 PHE A HB3  1  
ATOM 130  H HD1  . PHE A 1 6 ? 2.544  4.855  1.640  1.00 0.00 ? 6 PHE A HD1  1  
ATOM 131  H HD2  . PHE A 1 6 ? -1.346 3.061  2.149  1.00 0.00 ? 6 PHE A HD2  1  
ATOM 132  H HE1  . PHE A 1 6 ? 1.558  7.096  2.031  1.00 0.00 ? 6 PHE A HE1  1  
ATOM 133  H HE2  . PHE A 1 6 ? -2.319 5.305  2.564  1.00 0.00 ? 6 PHE A HE2  1  
ATOM 134  H HZ   . PHE A 1 6 ? -0.874 7.324  2.492  1.00 0.00 ? 6 PHE A HZ   1  
ATOM 135  N N    . ARG A 1 1 ? 3.115  0.150  0.560  1.00 0.00 ? 1 ARG A N    2  
ATOM 136  C CA   . ARG A 1 1 ? 3.869  -1.094 0.415  1.00 0.00 ? 1 ARG A CA   2  
ATOM 137  C C    . ARG A 1 1 ? 2.976  -2.311 0.135  1.00 0.00 ? 1 ARG A C    2  
ATOM 138  O O    . ARG A 1 1 ? 3.110  -2.936 -0.916 1.00 0.00 ? 1 ARG A O    2  
ATOM 139  C CB   . ARG A 1 1 ? 4.670  -1.348 1.699  1.00 0.00 ? 1 ARG A CB   2  
ATOM 140  C CG   . ARG A 1 1 ? 5.837  -0.364 1.893  1.00 0.00 ? 1 ARG A CG   2  
ATOM 141  C CD   . ARG A 1 1 ? 6.695  -0.716 3.114  1.00 0.00 ? 1 ARG A CD   2  
ATOM 142  N NE   . ARG A 1 1 ? 5.922  -0.664 4.368  1.00 0.00 ? 1 ARG A NE   2  
ATOM 143  C CZ   . ARG A 1 1 ? 5.538  -1.718 5.114  1.00 0.00 ? 1 ARG A CZ   2  
ATOM 144  N NH1  . ARG A 1 1 ? 5.886  -2.975 4.799  1.00 0.00 ? 1 ARG A NH1  2  
ATOM 145  N NH2  . ARG A 1 1 ? 4.784  -1.507 6.200  1.00 0.00 ? 1 ARG A NH2  2  
ATOM 146  H H    . ARG A 1 1 ? 3.253  0.703  1.389  1.00 0.00 ? 1 ARG A H    2  
ATOM 147  H HA   . ARG A 1 1 ? 4.568  -0.983 -0.416 1.00 0.00 ? 1 ARG A HA   2  
ATOM 148  H HB2  . ARG A 1 1 ? 3.999  -1.288 2.558  1.00 0.00 ? 1 ARG A HB2  2  
ATOM 149  H HB3  . ARG A 1 1 ? 5.056  -2.364 1.649  1.00 0.00 ? 1 ARG A HB3  2  
ATOM 150  H HG2  . ARG A 1 1 ? 6.473  -0.389 1.006  1.00 0.00 ? 1 ARG A HG2  2  
ATOM 151  H HG3  . ARG A 1 1 ? 5.448  0.648  2.010  1.00 0.00 ? 1 ARG A HG3  2  
ATOM 152  H HD2  . ARG A 1 1 ? 7.133  -1.704 2.971  1.00 0.00 ? 1 ARG A HD2  2  
ATOM 153  H HD3  . ARG A 1 1 ? 7.510  0.005  3.184  1.00 0.00 ? 1 ARG A HD3  2  
ATOM 154  H HE   . ARG A 1 1 ? 5.632  0.254  4.673  1.00 0.00 ? 1 ARG A HE   2  
ATOM 155  H HH11 . ARG A 1 1 ? 6.457  -3.153 3.985  1.00 0.00 ? 1 ARG A HH11 2  
ATOM 156  H HH12 . ARG A 1 1 ? 5.584  -3.744 5.382  1.00 0.00 ? 1 ARG A HH12 2  
ATOM 157  H HH21 . ARG A 1 1 ? 4.512  -0.567 6.450  1.00 0.00 ? 1 ARG A HH21 2  
ATOM 158  H HH22 . ARG A 1 1 ? 4.488  -2.287 6.768  1.00 0.00 ? 1 ARG A HH22 2  
ATOM 159  N N    . ARG A 1 2 ? 2.082  -2.631 1.082  1.00 0.00 ? 2 ARG A N    2  
ATOM 160  C CA   . ARG A 1 2 ? 1.258  -3.844 1.099  1.00 0.00 ? 2 ARG A CA   2  
ATOM 161  C C    . ARG A 1 2 ? -0.227 -3.497 1.310  1.00 0.00 ? 2 ARG A C    2  
ATOM 162  O O    . ARG A 1 2 ? -0.990 -4.291 1.864  1.00 0.00 ? 2 ARG A O    2  
ATOM 163  C CB   . ARG A 1 2 ? 1.769  -4.756 2.223  1.00 0.00 ? 2 ARG A CB   2  
ATOM 164  C CG   . ARG A 1 2 ? 3.194  -5.291 1.996  1.00 0.00 ? 2 ARG A CG   2  
ATOM 165  C CD   . ARG A 1 2 ? 3.638  -6.241 3.114  1.00 0.00 ? 2 ARG A CD   2  
ATOM 166  N NE   . ARG A 1 2 ? 3.851  -5.536 4.390  1.00 0.00 ? 2 ARG A NE   2  
ATOM 167  C CZ   . ARG A 1 2 ? 3.022  -5.529 5.450  1.00 0.00 ? 2 ARG A CZ   2  
ATOM 168  N NH1  . ARG A 1 2 ? 1.862  -6.204 5.452  1.00 0.00 ? 2 ARG A NH1  2  
ATOM 169  N NH2  . ARG A 1 2 ? 3.367  -4.825 6.537  1.00 0.00 ? 2 ARG A NH2  2  
ATOM 170  H H    . ARG A 1 2 ? 2.113  -2.105 1.945  1.00 0.00 ? 2 ARG A H    2  
ATOM 171  H HA   . ARG A 1 2 ? 1.349  -4.367 0.147  1.00 0.00 ? 2 ARG A HA   2  
ATOM 172  H HB2  . ARG A 1 2 ? 1.726  -4.187 3.152  1.00 0.00 ? 2 ARG A HB2  2  
ATOM 173  H HB3  . ARG A 1 2 ? 1.096  -5.608 2.298  1.00 0.00 ? 2 ARG A HB3  2  
ATOM 174  H HG2  . ARG A 1 2 ? 3.216  -5.835 1.051  1.00 0.00 ? 2 ARG A HG2  2  
ATOM 175  H HG3  . ARG A 1 2 ? 3.902  -4.464 1.936  1.00 0.00 ? 2 ARG A HG3  2  
ATOM 176  H HD2  . ARG A 1 2 ? 2.903  -7.040 3.231  1.00 0.00 ? 2 ARG A HD2  2  
ATOM 177  H HD3  . ARG A 1 2 ? 4.583  -6.698 2.821  1.00 0.00 ? 2 ARG A HD3  2  
ATOM 178  H HE   . ARG A 1 2 ? 4.708  -5.007 4.463  1.00 0.00 ? 2 ARG A HE   2  
ATOM 179  H HH11 . ARG A 1 2 ? 1.589  -6.739 4.640  1.00 0.00 ? 2 ARG A HH11 2  
ATOM 180  H HH12 . ARG A 1 2 ? 1.263  -6.176 6.263  1.00 0.00 ? 2 ARG A HH12 2  
ATOM 181  H HH21 . ARG A 1 2 ? 4.237  -4.313 6.552  1.00 0.00 ? 2 ARG A HH21 2  
ATOM 182  H HH22 . ARG A 1 2 ? 2.757  -4.811 7.342  1.00 0.00 ? 2 ARG A HH22 2  
ATOM 183  N N    . TYR A 1 3 ? -0.615 -2.281 0.913  1.00 0.00 ? 3 TYR A N    2  
ATOM 184  C CA   . TYR A 1 3 ? -1.885 -1.639 1.193  1.00 0.00 ? 3 TYR A CA   2  
ATOM 185  C C    . TYR A 1 3 ? -2.148 -0.585 0.101  1.00 0.00 ? 3 TYR A C    2  
ATOM 186  O O    . TYR A 1 3 ? -1.247 -0.258 -0.674 1.00 0.00 ? 3 TYR A O    2  
ATOM 187  C CB   . TYR A 1 3 ? -1.818 -0.923 2.559  1.00 0.00 ? 3 TYR A CB   2  
ATOM 188  C CG   . TYR A 1 3 ? -1.301 -1.741 3.733  1.00 0.00 ? 3 TYR A CG   2  
ATOM 189  C CD1  . TYR A 1 3 ? -2.171 -2.596 4.437  1.00 0.00 ? 3 TYR A CD1  2  
ATOM 190  C CD2  . TYR A 1 3 ? 0.052  -1.641 4.122  1.00 0.00 ? 3 TYR A CD2  2  
ATOM 191  C CE1  . TYR A 1 3 ? -1.697 -3.344 5.529  1.00 0.00 ? 3 TYR A CE1  2  
ATOM 192  C CE2  . TYR A 1 3 ? 0.533  -2.387 5.211  1.00 0.00 ? 3 TYR A CE2  2  
ATOM 193  C CZ   . TYR A 1 3 ? -0.342 -3.239 5.925  1.00 0.00 ? 3 TYR A CZ   2  
ATOM 194  O OH   . TYR A 1 3 ? 0.114  -3.951 6.996  1.00 0.00 ? 3 TYR A OH   2  
ATOM 195  H H    . TYR A 1 3 ? 0.015  -1.747 0.343  1.00 0.00 ? 3 TYR A H    2  
ATOM 196  H HA   . TYR A 1 3 ? -2.667 -2.405 1.207  1.00 0.00 ? 3 TYR A HA   2  
ATOM 197  H HB2  . TYR A 1 3 ? -1.180 -0.045 2.457  1.00 0.00 ? 3 TYR A HB2  2  
ATOM 198  H HB3  . TYR A 1 3 ? -2.816 -0.561 2.811  1.00 0.00 ? 3 TYR A HB3  2  
ATOM 199  H HD1  . TYR A 1 3 ? -3.206 -2.678 4.142  1.00 0.00 ? 3 TYR A HD1  2  
ATOM 200  H HD2  . TYR A 1 3 ? 0.725  -0.992 3.582  1.00 0.00 ? 3 TYR A HD2  2  
ATOM 201  H HE1  . TYR A 1 3 ? -2.371 -3.995 6.067  1.00 0.00 ? 3 TYR A HE1  2  
ATOM 202  H HE2  . TYR A 1 3 ? 1.570  -2.305 5.505  1.00 0.00 ? 3 TYR A HE2  2  
ATOM 203  H HH   . TYR A 1 3 ? 1.044  -3.797 7.179  1.00 0.00 ? 3 TYR A HH   2  
ATOM 204  N N    . TYR A 1 4 ? -3.373 -0.037 0.107  1.00 0.00 ? 4 TYR A N    2  
ATOM 205  C CA   . TYR A 1 4 ? -3.881 1.120  -0.647 1.00 0.00 ? 4 TYR A CA   2  
ATOM 206  C C    . TYR A 1 4 ? -2.909 1.750  -1.664 1.00 0.00 ? 4 TYR A C    2  
ATOM 207  O O    . TYR A 1 4 ? -2.886 1.317  -2.816 1.00 0.00 ? 4 TYR A O    2  
ATOM 208  C CB   . TYR A 1 4 ? -4.443 2.142  0.368  1.00 0.00 ? 4 TYR A CB   2  
ATOM 209  C CG   . TYR A 1 4 ? -5.141 3.339  -0.254 1.00 0.00 ? 4 TYR A CG   2  
ATOM 210  C CD1  . TYR A 1 4 ? -6.244 3.148  -1.110 1.00 0.00 ? 4 TYR A CD1  2  
ATOM 211  C CD2  . TYR A 1 4 ? -4.691 4.645  0.026  1.00 0.00 ? 4 TYR A CD2  2  
ATOM 212  C CE1  . TYR A 1 4 ? -6.889 4.252  -1.694 1.00 0.00 ? 4 TYR A CE1  2  
ATOM 213  C CE2  . TYR A 1 4 ? -5.336 5.754  -0.545 1.00 0.00 ? 4 TYR A CE2  2  
ATOM 214  C CZ   . TYR A 1 4 ? -6.437 5.562  -1.414 1.00 0.00 ? 4 TYR A CZ   2  
ATOM 215  O OH   . TYR A 1 4 ? -7.058 6.638  -1.981 1.00 0.00 ? 4 TYR A OH   2  
ATOM 216  H H    . TYR A 1 4 ? -4.030 -0.439 0.763  1.00 0.00 ? 4 TYR A H    2  
ATOM 217  H HA   . TYR A 1 4 ? -4.705 0.755  -1.254 1.00 0.00 ? 4 TYR A HA   2  
ATOM 218  H HB2  . TYR A 1 4 ? -5.161 1.644  1.023  1.00 0.00 ? 4 TYR A HB2  2  
ATOM 219  H HB3  . TYR A 1 4 ? -3.637 2.493  1.018  1.00 0.00 ? 4 TYR A HB3  2  
ATOM 220  H HD1  . TYR A 1 4 ? -6.599 2.151  -1.324 1.00 0.00 ? 4 TYR A HD1  2  
ATOM 221  H HD2  . TYR A 1 4 ? -3.846 4.802  0.680  1.00 0.00 ? 4 TYR A HD2  2  
ATOM 222  H HE1  . TYR A 1 4 ? -7.731 4.096  -2.354 1.00 0.00 ? 4 TYR A HE1  2  
ATOM 223  H HE2  . TYR A 1 4 ? -4.986 6.753  -0.326 1.00 0.00 ? 4 TYR A HE2  2  
ATOM 224  H HH   . TYR A 1 4 ? -6.671 7.476  -1.720 1.00 0.00 ? 4 TYR A HH   2  
ATOM 225  N N    . ARG A 1 5 ? -2.112 2.740  -1.238 1.00 0.00 ? 5 ARG A N    2  
ATOM 226  C CA   . ARG A 1 5 ? -1.142 3.471  -2.052 1.00 0.00 ? 5 ARG A CA   2  
ATOM 227  C C    . ARG A 1 5 ? 0.224  3.506  -1.341 1.00 0.00 ? 5 ARG A C    2  
ATOM 228  O O    . ARG A 1 5 ? 0.897  4.534  -1.274 1.00 0.00 ? 5 ARG A O    2  
ATOM 229  C CB   . ARG A 1 5 ? -1.682 4.871  -2.354 1.00 0.00 ? 5 ARG A CB   2  
ATOM 230  C CG   . ARG A 1 5 ? -2.877 4.860  -3.324 1.00 0.00 ? 5 ARG A CG   2  
ATOM 231  C CD   . ARG A 1 5 ? -3.463 6.260  -3.557 1.00 0.00 ? 5 ARG A CD   2  
ATOM 232  N NE   . ARG A 1 5 ? -2.490 7.191  -4.152 1.00 0.00 ? 5 ARG A NE   2  
ATOM 233  C CZ   . ARG A 1 5 ? -1.769 8.113  -3.487 1.00 0.00 ? 5 ARG A CZ   2  
ATOM 234  N NH1  . ARG A 1 5 ? -1.874 8.276  -2.157 1.00 0.00 ? 5 ARG A NH1  2  
ATOM 235  N NH2  . ARG A 1 5 ? -0.918 8.891  -4.168 1.00 0.00 ? 5 ARG A NH2  2  
ATOM 236  H H    . ARG A 1 5 ? -2.265 3.102  -0.309 1.00 0.00 ? 5 ARG A H    2  
ATOM 237  H HA   . ARG A 1 5 ? -1.000 2.952  -3.001 1.00 0.00 ? 5 ARG A HA   2  
ATOM 238  H HB2  . ARG A 1 5 ? -1.963 5.364  -1.421 1.00 0.00 ? 5 ARG A HB2  2  
ATOM 239  H HB3  . ARG A 1 5 ? -0.867 5.420  -2.814 1.00 0.00 ? 5 ARG A HB3  2  
ATOM 240  H HG2  . ARG A 1 5 ? -2.560 4.441  -4.280 1.00 0.00 ? 5 ARG A HG2  2  
ATOM 241  H HG3  . ARG A 1 5 ? -3.670 4.231  -2.920 1.00 0.00 ? 5 ARG A HG3  2  
ATOM 242  H HD2  . ARG A 1 5 ? -4.311 6.168  -4.236 1.00 0.00 ? 5 ARG A HD2  2  
ATOM 243  H HD3  . ARG A 1 5 ? -3.833 6.657  -2.613 1.00 0.00 ? 5 ARG A HD3  2  
ATOM 244  H HE   . ARG A 1 5 ? -2.359 7.121  -5.151 1.00 0.00 ? 5 ARG A HE   2  
ATOM 245  H HH11 . ARG A 1 5 ? -2.506 7.692  -1.627 1.00 0.00 ? 5 ARG A HH11 2  
ATOM 246  H HH12 . ARG A 1 5 ? -1.316 8.973  -1.688 1.00 0.00 ? 5 ARG A HH12 2  
ATOM 247  H HH21 . ARG A 1 5 ? -0.825 8.780  -5.167 1.00 0.00 ? 5 ARG A HH21 2  
ATOM 248  H HH22 . ARG A 1 5 ? -0.368 9.584  -3.683 1.00 0.00 ? 5 ARG A HH22 2  
ATOM 249  N N    . PHE A 1 6 ? 0.601  2.352  -0.779 1.00 0.00 ? 6 PHE A N    2  
ATOM 250  C CA   . PHE A 1 6 ? 1.768  2.094  0.031  1.00 0.00 ? 6 PHE A CA   2  
ATOM 251  C C    . PHE A 1 6 ? 2.290  0.692  -0.334 1.00 0.00 ? 6 PHE A C    2  
ATOM 252  O O    . PHE A 1 6 ? 1.985  0.141  -1.393 1.00 0.00 ? 6 PHE A O    2  
ATOM 253  C CB   . PHE A 1 6 ? 1.368  2.215  1.517  1.00 0.00 ? 6 PHE A CB   2  
ATOM 254  C CG   . PHE A 1 6 ? 0.721  3.537  1.888  1.00 0.00 ? 6 PHE A CG   2  
ATOM 255  C CD1  . PHE A 1 6 ? 1.512  4.697  2.007  1.00 0.00 ? 6 PHE A CD1  2  
ATOM 256  C CD2  . PHE A 1 6 ? -0.673 3.621  2.076  1.00 0.00 ? 6 PHE A CD2  2  
ATOM 257  C CE1  . PHE A 1 6 ? 0.914  5.932  2.308  1.00 0.00 ? 6 PHE A CE1  2  
ATOM 258  C CE2  . PHE A 1 6 ? -1.270 4.856  2.381  1.00 0.00 ? 6 PHE A CE2  2  
ATOM 259  C CZ   . PHE A 1 6 ? -0.478 6.012  2.494  1.00 0.00 ? 6 PHE A CZ   2  
ATOM 260  H H    . PHE A 1 6 ? 0.003  1.560  -0.879 1.00 0.00 ? 6 PHE A H    2  
ATOM 261  H HA   . PHE A 1 6 ? 2.546  2.827  -0.187 1.00 0.00 ? 6 PHE A HA   2  
ATOM 262  H HB2  . PHE A 1 6 ? 0.681  1.403  1.764  1.00 0.00 ? 6 PHE A HB2  2  
ATOM 263  H HB3  . PHE A 1 6 ? 2.256  2.094  2.140  1.00 0.00 ? 6 PHE A HB3  2  
ATOM 264  H HD1  . PHE A 1 6 ? 2.581  4.642  1.857  1.00 0.00 ? 6 PHE A HD1  2  
ATOM 265  H HD2  . PHE A 1 6 ? -1.288 2.738  1.979  1.00 0.00 ? 6 PHE A HD2  2  
ATOM 266  H HE1  . PHE A 1 6 ? 1.522  6.820  2.395  1.00 0.00 ? 6 PHE A HE1  2  
ATOM 267  H HE2  . PHE A 1 6 ? -2.338 4.918  2.526  1.00 0.00 ? 6 PHE A HE2  2  
ATOM 268  H HZ   . PHE A 1 6 ? -0.939 6.963  2.725  1.00 0.00 ? 6 PHE A HZ   2  
ATOM 269  N N    . ARG A 1 1 ? 2.915  0.243  0.924  1.00 0.00 ? 1 ARG A N    3  
ATOM 270  C CA   . ARG A 1 1 ? 3.771  -0.941 0.870  1.00 0.00 ? 1 ARG A CA   3  
ATOM 271  C C    . ARG A 1 1 ? 3.050  -2.163 0.285  1.00 0.00 ? 1 ARG A C    3  
ATOM 272  O O    . ARG A 1 1 ? 3.414  -2.630 -0.794 1.00 0.00 ? 1 ARG A O    3  
ATOM 273  C CB   . ARG A 1 1 ? 4.261  -1.256 2.295  1.00 0.00 ? 1 ARG A CB   3  
ATOM 274  C CG   . ARG A 1 1 ? 5.328  -0.276 2.808  1.00 0.00 ? 1 ARG A CG   3  
ATOM 275  C CD   . ARG A 1 1 ? 5.646  -0.488 4.295  1.00 0.00 ? 1 ARG A CD   3  
ATOM 276  N NE   . ARG A 1 1 ? 6.184  -1.831 4.579  1.00 0.00 ? 1 ARG A NE   3  
ATOM 277  C CZ   . ARG A 1 1 ? 5.502  -2.869 5.101  1.00 0.00 ? 1 ARG A CZ   3  
ATOM 278  N NH1  . ARG A 1 1 ? 4.198  -2.782 5.408  1.00 0.00 ? 1 ARG A NH1  3  
ATOM 279  N NH2  . ARG A 1 1 ? 6.144  -4.024 5.320  1.00 0.00 ? 1 ARG A NH2  3  
ATOM 280  H H    . ARG A 1 1 ? 2.830  0.704  1.815  1.00 0.00 ? 1 ARG A H    3  
ATOM 281  H HA   . ARG A 1 1 ? 4.637  -0.720 0.246  1.00 0.00 ? 1 ARG A HA   3  
ATOM 282  H HB2  . ARG A 1 1 ? 3.408  -1.245 2.979  1.00 0.00 ? 1 ARG A HB2  3  
ATOM 283  H HB3  . ARG A 1 1 ? 4.679  -2.262 2.294  1.00 0.00 ? 1 ARG A HB3  3  
ATOM 284  H HG2  . ARG A 1 1 ? 6.240  -0.396 2.222  1.00 0.00 ? 1 ARG A HG2  3  
ATOM 285  H HG3  . ARG A 1 1 ? 4.970  0.748  2.684  1.00 0.00 ? 1 ARG A HG3  3  
ATOM 286  H HD2  . ARG A 1 1 ? 6.394  0.247  4.596  1.00 0.00 ? 1 ARG A HD2  3  
ATOM 287  H HD3  . ARG A 1 1 ? 4.747  -0.308 4.884  1.00 0.00 ? 1 ARG A HD3  3  
ATOM 288  H HE   . ARG A 1 1 ? 7.163  -1.970 4.369  1.00 0.00 ? 1 ARG A HE   3  
ATOM 289  H HH11 . ARG A 1 1 ? 3.701  -1.918 5.250  1.00 0.00 ? 1 ARG A HH11 3  
ATOM 290  H HH12 . ARG A 1 1 ? 3.718  -3.579 5.799  1.00 0.00 ? 1 ARG A HH12 3  
ATOM 291  H HH21 . ARG A 1 1 ? 7.126  -4.107 5.097  1.00 0.00 ? 1 ARG A HH21 3  
ATOM 292  H HH22 . ARG A 1 1 ? 5.648  -4.810 5.714  1.00 0.00 ? 1 ARG A HH22 3  
ATOM 293  N N    . ARG A 1 2 ? 2.037  -2.661 1.006  1.00 0.00 ? 2 ARG A N    3  
ATOM 294  C CA   . ARG A 1 2 ? 1.323  -3.912 0.725  1.00 0.00 ? 2 ARG A CA   3  
ATOM 295  C C    . ARG A 1 2 ? -0.201 -3.730 0.881  1.00 0.00 ? 2 ARG A C    3  
ATOM 296  O O    . ARG A 1 2 ? -0.921 -4.651 1.271  1.00 0.00 ? 2 ARG A O    3  
ATOM 297  C CB   . ARG A 1 2 ? 1.836  -4.985 1.692  1.00 0.00 ? 2 ARG A CB   3  
ATOM 298  C CG   . ARG A 1 2 ? 3.326  -5.331 1.525  1.00 0.00 ? 2 ARG A CG   3  
ATOM 299  C CD   . ARG A 1 2 ? 3.774  -6.451 2.471  1.00 0.00 ? 2 ARG A CD   3  
ATOM 300  N NE   . ARG A 1 2 ? 3.764  -6.029 3.883  1.00 0.00 ? 2 ARG A NE   3  
ATOM 301  C CZ   . ARG A 1 2 ? 2.820  -6.319 4.797  1.00 0.00 ? 2 ARG A CZ   3  
ATOM 302  N NH1  . ARG A 1 2 ? 1.729  -7.037 4.488  1.00 0.00 ? 2 ARG A NH1  3  
ATOM 303  N NH2  . ARG A 1 2 ? 2.971  -5.874 6.051  1.00 0.00 ? 2 ARG A NH2  3  
ATOM 304  H H    . ARG A 1 2 ? 1.897  -2.258 1.925  1.00 0.00 ? 2 ARG A H    3  
ATOM 305  H HA   . ARG A 1 2 ? 1.523  -4.227 -0.299 1.00 0.00 ? 2 ARG A HA   3  
ATOM 306  H HB2  . ARG A 1 2 ? 1.650  -4.625 2.704  1.00 0.00 ? 2 ARG A HB2  3  
ATOM 307  H HB3  . ARG A 1 2 ? 1.257  -5.892 1.524  1.00 0.00 ? 2 ARG A HB3  3  
ATOM 308  H HG2  . ARG A 1 2 ? 3.498  -5.655 0.498  1.00 0.00 ? 2 ARG A HG2  3  
ATOM 309  H HG3  . ARG A 1 2 ? 3.942  -4.452 1.716  1.00 0.00 ? 2 ARG A HG3  3  
ATOM 310  H HD2  . ARG A 1 2 ? 3.138  -7.327 2.326  1.00 0.00 ? 2 ARG A HD2  3  
ATOM 311  H HD3  . ARG A 1 2 ? 4.794  -6.733 2.211  1.00 0.00 ? 2 ARG A HD3  3  
ATOM 312  H HE   . ARG A 1 2 ? 4.554  -5.478 4.184  1.00 0.00 ? 2 ARG A HE   3  
ATOM 313  H HH11 . ARG A 1 2 ? 1.599  -7.378 3.547  1.00 0.00 ? 2 ARG A HH11 3  
ATOM 314  H HH12 . ARG A 1 2 ? 1.036  -7.235 5.197  1.00 0.00 ? 2 ARG A HH12 3  
ATOM 315  H HH21 . ARG A 1 2 ? 3.786  -5.334 6.300  1.00 0.00 ? 2 ARG A HH21 3  
ATOM 316  H HH22 . ARG A 1 2 ? 2.271  -6.084 6.747  1.00 0.00 ? 2 ARG A HH22 3  
ATOM 317  N N    . TYR A 1 3 ? -0.672 -2.508 0.617  1.00 0.00 ? 3 TYR A N    3  
ATOM 318  C CA   . TYR A 1 3 ? -1.999 -1.981 0.889  1.00 0.00 ? 3 TYR A CA   3  
ATOM 319  C C    . TYR A 1 3 ? -2.244 -0.796 -0.063 1.00 0.00 ? 3 TYR A C    3  
ATOM 320  O O    . TYR A 1 3 ? -1.329 -0.370 -0.772 1.00 0.00 ? 3 TYR A O    3  
ATOM 321  C CB   . TYR A 1 3 ? -2.060 -1.479 2.350  1.00 0.00 ? 3 TYR A CB   3  
ATOM 322  C CG   . TYR A 1 3 ? -1.609 -2.468 3.414  1.00 0.00 ? 3 TYR A CG   3  
ATOM 323  C CD1  . TYR A 1 3 ? -2.480 -3.488 3.845  1.00 0.00 ? 3 TYR A CD1  3  
ATOM 324  C CD2  . TYR A 1 3 ? -0.310 -2.382 3.955  1.00 0.00 ? 3 TYR A CD2  3  
ATOM 325  C CE1  . TYR A 1 3 ? -2.056 -4.420 4.809  1.00 0.00 ? 3 TYR A CE1  3  
ATOM 326  C CE2  . TYR A 1 3 ? 0.122  -3.310 4.920  1.00 0.00 ? 3 TYR A CE2  3  
ATOM 327  C CZ   . TYR A 1 3 ? -0.753 -4.334 5.352  1.00 0.00 ? 3 TYR A CZ   3  
ATOM 328  O OH   . TYR A 1 3 ? -0.343 -5.233 6.293  1.00 0.00 ? 3 TYR A OH   3  
ATOM 329  H H    . TYR A 1 3 ? -0.057 -1.874 0.147  1.00 0.00 ? 3 TYR A H    3  
ATOM 330  H HA   . TYR A 1 3 ? -2.751 -2.760 0.728  1.00 0.00 ? 3 TYR A HA   3  
ATOM 331  H HB2  . TYR A 1 3 ? -1.442 -0.584 2.434  1.00 0.00 ? 3 TYR A HB2  3  
ATOM 332  H HB3  . TYR A 1 3 ? -3.084 -1.183 2.576  1.00 0.00 ? 3 TYR A HB3  3  
ATOM 333  H HD1  . TYR A 1 3 ? -3.473 -3.563 3.428  1.00 0.00 ? 3 TYR A HD1  3  
ATOM 334  H HD2  . TYR A 1 3 ? 0.367  -1.607 3.625  1.00 0.00 ? 3 TYR A HD2  3  
ATOM 335  H HE1  . TYR A 1 3 ? -2.728 -5.203 5.132  1.00 0.00 ? 3 TYR A HE1  3  
ATOM 336  H HE2  . TYR A 1 3 ? 1.119  -3.239 5.328  1.00 0.00 ? 3 TYR A HE2  3  
ATOM 337  H HH   . TYR A 1 3 ? 0.555  -5.079 6.594  1.00 0.00 ? 3 TYR A HH   3  
ATOM 338  N N    . TYR A 1 4 ? -3.477 -0.265 -0.018 1.00 0.00 ? 4 TYR A N    3  
ATOM 339  C CA   . TYR A 1 4 ? -4.014 0.918  -0.708 1.00 0.00 ? 4 TYR A CA   3  
ATOM 340  C C    . TYR A 1 4 ? -3.057 1.582  -1.722 1.00 0.00 ? 4 TYR A C    3  
ATOM 341  O O    . TYR A 1 4 ? -3.025 1.165  -2.880 1.00 0.00 ? 4 TYR A O    3  
ATOM 342  C CB   . TYR A 1 4 ? -4.533 1.907  0.366  1.00 0.00 ? 4 TYR A CB   3  
ATOM 343  C CG   . TYR A 1 4 ? -5.104 3.206  -0.180 1.00 0.00 ? 4 TYR A CG   3  
ATOM 344  C CD1  . TYR A 1 4 ? -6.213 3.185  -1.050 1.00 0.00 ? 4 TYR A CD1  3  
ATOM 345  C CD2  . TYR A 1 4 ? -4.504 4.435  0.157  1.00 0.00 ? 4 TYR A CD2  3  
ATOM 346  C CE1  . TYR A 1 4 ? -6.711 4.385  -1.589 1.00 0.00 ? 4 TYR A CE1  3  
ATOM 347  C CE2  . TYR A 1 4 ? -4.995 5.638  -0.378 1.00 0.00 ? 4 TYR A CE2  3  
ATOM 348  C CZ   . TYR A 1 4 ? -6.102 5.617  -1.256 1.00 0.00 ? 4 TYR A CZ   3  
ATOM 349  O OH   . TYR A 1 4 ? -6.574 6.782  -1.788 1.00 0.00 ? 4 TYR A OH   3  
ATOM 350  H H    . TYR A 1 4 ? -4.117 -0.717 0.622  1.00 0.00 ? 4 TYR A H    3  
ATOM 351  H HA   . TYR A 1 4 ? -4.864 0.564  -1.296 1.00 0.00 ? 4 TYR A HA   3  
ATOM 352  H HB2  . TYR A 1 4 ? -5.305 1.421  0.966  1.00 0.00 ? 4 TYR A HB2  3  
ATOM 353  H HB3  . TYR A 1 4 ? -3.719 2.145  1.059  1.00 0.00 ? 4 TYR A HB3  3  
ATOM 354  H HD1  . TYR A 1 4 ? -6.678 2.247  -1.315 1.00 0.00 ? 4 TYR A HD1  3  
ATOM 355  H HD2  . TYR A 1 4 ? -3.649 4.458  0.816  1.00 0.00 ? 4 TYR A HD2  3  
ATOM 356  H HE1  . TYR A 1 4 ? -7.558 4.362  -2.261 1.00 0.00 ? 4 TYR A HE1  3  
ATOM 357  H HE2  . TYR A 1 4 ? -4.520 6.574  -0.120 1.00 0.00 ? 4 TYR A HE2  3  
ATOM 358  H HH   . TYR A 1 4 ? -6.083 7.553  -1.495 1.00 0.00 ? 4 TYR A HH   3  
ATOM 359  N N    . ARG A 1 5 ? -2.269 2.578  -1.281 1.00 0.00 ? 5 ARG A N    3  
ATOM 360  C CA   . ARG A 1 5 ? -1.283 3.314  -2.075 1.00 0.00 ? 5 ARG A CA   3  
ATOM 361  C C    . ARG A 1 5 ? 0.053  3.438  -1.313 1.00 0.00 ? 5 ARG A C    3  
ATOM 362  O O    . ARG A 1 5 ? 0.675  4.501  -1.270 1.00 0.00 ? 5 ARG A O    3  
ATOM 363  C CB   . ARG A 1 5 ? -1.838 4.687  -2.473 1.00 0.00 ? 5 ARG A CB   3  
ATOM 364  C CG   . ARG A 1 5 ? -3.037 4.618  -3.432 1.00 0.00 ? 5 ARG A CG   3  
ATOM 365  C CD   . ARG A 1 5 ? -3.525 6.011  -3.854 1.00 0.00 ? 5 ARG A CD   3  
ATOM 366  N NE   . ARG A 1 5 ? -2.525 6.733  -4.662 1.00 0.00 ? 5 ARG A NE   3  
ATOM 367  C CZ   . ARG A 1 5 ? -1.671 7.675  -4.218 1.00 0.00 ? 5 ARG A CZ   3  
ATOM 368  N NH1  . ARG A 1 5 ? -1.664 8.083  -2.938 1.00 0.00 ? 5 ARG A NH1  3  
ATOM 369  N NH2  . ARG A 1 5 ? -0.795 8.216  -5.075 1.00 0.00 ? 5 ARG A NH2  3  
ATOM 370  H H    . ARG A 1 5 ? -2.453 2.933  -0.355 1.00 0.00 ? 5 ARG A H    3  
ATOM 371  H HA   . ARG A 1 5 ? -1.079 2.759  -2.994 1.00 0.00 ? 5 ARG A HA   3  
ATOM 372  H HB2  . ARG A 1 5 ? -2.112 5.248  -1.578 1.00 0.00 ? 5 ARG A HB2  3  
ATOM 373  H HB3  . ARG A 1 5 ? -1.024 5.203  -2.975 1.00 0.00 ? 5 ARG A HB3  3  
ATOM 374  H HG2  . ARG A 1 5 ? -2.759 4.052  -4.322 1.00 0.00 ? 5 ARG A HG2  3  
ATOM 375  H HG3  . ARG A 1 5 ? -3.863 4.104  -2.942 1.00 0.00 ? 5 ARG A HG3  3  
ATOM 376  H HD2  . ARG A 1 5 ? -4.425 5.891  -4.456 1.00 0.00 ? 5 ARG A HD2  3  
ATOM 377  H HD3  . ARG A 1 5 ? -3.787 6.588  -2.968 1.00 0.00 ? 5 ARG A HD3  3  
ATOM 378  H HE   . ARG A 1 5 ? -2.474 6.478  -5.637 1.00 0.00 ? 5 ARG A HE   3  
ATOM 379  H HH11 . ARG A 1 5 ? -2.312 7.683  -2.278 1.00 0.00 ? 5 ARG A HH11 3  
ATOM 380  H HH12 . ARG A 1 5 ? -1.005 8.787  -2.637 1.00 0.00 ? 5 ARG A HH12 3  
ATOM 381  H HH21 . ARG A 1 5 ? -0.783 7.916  -6.040 1.00 0.00 ? 5 ARG A HH21 3  
ATOM 382  H HH22 . ARG A 1 5 ? -0.144 8.917  -4.756 1.00 0.00 ? 5 ARG A HH22 3  
ATOM 383  N N    . PHE A 1 6 ? 0.466  2.334  -0.685 1.00 0.00 ? 6 PHE A N    3  
ATOM 384  C CA   . PHE A 1 6 ? 1.636  2.194  0.167  1.00 0.00 ? 6 PHE A CA   3  
ATOM 385  C C    . PHE A 1 6 ? 2.281  0.822  -0.104 1.00 0.00 ? 6 PHE A C    3  
ATOM 386  O O    . PHE A 1 6 ? 2.253  0.333  -1.236 1.00 0.00 ? 6 PHE A O    3  
ATOM 387  C CB   . PHE A 1 6 ? 1.209  2.419  1.634  1.00 0.00 ? 6 PHE A CB   3  
ATOM 388  C CG   . PHE A 1 6 ? 0.682  3.817  1.910  1.00 0.00 ? 6 PHE A CG   3  
ATOM 389  C CD1  . PHE A 1 6 ? 1.585  4.894  2.007  1.00 0.00 ? 6 PHE A CD1  3  
ATOM 390  C CD2  . PHE A 1 6 ? -0.701 4.050  2.045  1.00 0.00 ? 6 PHE A CD2  3  
ATOM 391  C CE1  . PHE A 1 6 ? 1.109  6.198  2.230  1.00 0.00 ? 6 PHE A CE1  3  
ATOM 392  C CE2  . PHE A 1 6 ? -1.175 5.354  2.272  1.00 0.00 ? 6 PHE A CE2  3  
ATOM 393  C CZ   . PHE A 1 6 ? -0.271 6.428  2.363  1.00 0.00 ? 6 PHE A CZ   3  
ATOM 394  H H    . PHE A 1 6 ? -0.099 1.513  -0.774 1.00 0.00 ? 6 PHE A H    3  
ATOM 395  H HA   . PHE A 1 6 ? 2.370  2.959  -0.091 1.00 0.00 ? 6 PHE A HA   3  
ATOM 396  H HB2  . PHE A 1 6 ? 0.451  1.683  1.903  1.00 0.00 ? 6 PHE A HB2  3  
ATOM 397  H HB3  . PHE A 1 6 ? 2.067  2.269  2.289  1.00 0.00 ? 6 PHE A HB3  3  
ATOM 398  H HD1  . PHE A 1 6 ? 2.647  4.724  1.899  1.00 0.00 ? 6 PHE A HD1  3  
ATOM 399  H HD2  . PHE A 1 6 ? -1.402 3.231  1.964  1.00 0.00 ? 6 PHE A HD2  3  
ATOM 400  H HE1  . PHE A 1 6 ? 1.804  7.022  2.299  1.00 0.00 ? 6 PHE A HE1  3  
ATOM 401  H HE2  . PHE A 1 6 ? -2.234 5.535  2.378  1.00 0.00 ? 6 PHE A HE2  3  
ATOM 402  H HZ   . PHE A 1 6 ? -0.637 7.430  2.536  1.00 0.00 ? 6 PHE A HZ   3  
ATOM 403  N N    . ARG A 1 1 ? 3.222  0.073  0.471  1.00 0.00 ? 1 ARG A N    4  
ATOM 404  C CA   . ARG A 1 1 ? 3.922  -1.207 0.360  1.00 0.00 ? 1 ARG A CA   4  
ATOM 405  C C    . ARG A 1 1 ? 2.974  -2.400 0.172  1.00 0.00 ? 1 ARG A C    4  
ATOM 406  O O    . ARG A 1 1 ? 3.069  -3.097 -0.837 1.00 0.00 ? 1 ARG A O    4  
ATOM 407  C CB   . ARG A 1 1 ? 4.766  -1.429 1.625  1.00 0.00 ? 1 ARG A CB   4  
ATOM 408  C CG   . ARG A 1 1 ? 6.037  -0.567 1.661  1.00 0.00 ? 1 ARG A CG   4  
ATOM 409  C CD   . ARG A 1 1 ? 6.813  -0.730 2.976  1.00 0.00 ? 1 ARG A CD   4  
ATOM 410  N NE   . ARG A 1 1 ? 7.342  -2.095 3.155  1.00 0.00 ? 1 ARG A NE   4  
ATOM 411  C CZ   . ARG A 1 1 ? 6.828  -3.054 3.948  1.00 0.00 ? 1 ARG A CZ   4  
ATOM 412  N NH1  . ARG A 1 1 ? 5.710  -2.865 4.666  1.00 0.00 ? 1 ARG A NH1  4  
ATOM 413  N NH2  . ARG A 1 1 ? 7.452  -4.236 4.022  1.00 0.00 ? 1 ARG A NH2  4  
ATOM 414  H H    . ARG A 1 1 ? 3.389  0.651  1.277  1.00 0.00 ? 1 ARG A H    4  
ATOM 415  H HA   . ARG A 1 1 ? 4.590  -1.166 -0.501 1.00 0.00 ? 1 ARG A HA   4  
ATOM 416  H HB2  . ARG A 1 1 ? 4.161  -1.222 2.509  1.00 0.00 ? 1 ARG A HB2  4  
ATOM 417  H HB3  . ARG A 1 1 ? 5.048  -2.479 1.648  1.00 0.00 ? 1 ARG A HB3  4  
ATOM 418  H HG2  . ARG A 1 1 ? 6.682  -0.837 0.824  1.00 0.00 ? 1 ARG A HG2  4  
ATOM 419  H HG3  . ARG A 1 1 ? 5.761  0.483  1.559  1.00 0.00 ? 1 ARG A HG3  4  
ATOM 420  H HD2  . ARG A 1 1 ? 7.657  -0.041 2.962  1.00 0.00 ? 1 ARG A HD2  4  
ATOM 421  H HD3  . ARG A 1 1 ? 6.170  -0.457 3.812  1.00 0.00 ? 1 ARG A HD3  4  
ATOM 422  H HE   . ARG A 1 1 ? 8.183  -2.316 2.641  1.00 0.00 ? 1 ARG A HE   4  
ATOM 423  H HH11 . ARG A 1 1 ? 5.228  -1.979 4.624  1.00 0.00 ? 1 ARG A HH11 4  
ATOM 424  H HH12 . ARG A 1 1 ? 5.354  -3.606 5.254  1.00 0.00 ? 1 ARG A HH12 4  
ATOM 425  H HH21 . ARG A 1 1 ? 8.295  -4.396 3.490  1.00 0.00 ? 1 ARG A HH21 4  
ATOM 426  H HH22 . ARG A 1 1 ? 7.081  -4.966 4.613  1.00 0.00 ? 1 ARG A HH22 4  
ATOM 427  N N    . ARG A 1 2 ? 2.077  -2.626 1.143  1.00 0.00 ? 2 ARG A N    4  
ATOM 428  C CA   . ARG A 1 2 ? 1.214  -3.806 1.244  1.00 0.00 ? 2 ARG A CA   4  
ATOM 429  C C    . ARG A 1 2 ? -0.258 -3.397 1.429  1.00 0.00 ? 2 ARG A C    4  
ATOM 430  O O    . ARG A 1 2 ? -1.052 -4.141 2.007  1.00 0.00 ? 2 ARG A O    4  
ATOM 431  C CB   . ARG A 1 2 ? 1.684  -4.644 2.440  1.00 0.00 ? 2 ARG A CB   4  
ATOM 432  C CG   . ARG A 1 2 ? 3.112  -5.186 2.296  1.00 0.00 ? 2 ARG A CG   4  
ATOM 433  C CD   . ARG A 1 2 ? 3.474  -6.034 3.519  1.00 0.00 ? 2 ARG A CD   4  
ATOM 434  N NE   . ARG A 1 2 ? 4.833  -6.592 3.428  1.00 0.00 ? 2 ARG A NE   4  
ATOM 435  C CZ   . ARG A 1 2 ? 5.536  -7.056 4.481  1.00 0.00 ? 2 ARG A CZ   4  
ATOM 436  N NH1  . ARG A 1 2 ? 5.039  -7.032 5.726  1.00 0.00 ? 2 ARG A NH1  4  
ATOM 437  N NH2  . ARG A 1 2 ? 6.763  -7.553 4.286  1.00 0.00 ? 2 ARG A NH2  4  
ATOM 438  H H    . ARG A 1 2 ? 2.130  -2.055 1.975  1.00 0.00 ? 2 ARG A H    4  
ATOM 439  H HA   . ARG A 1 2 ? 1.290  -4.404 0.335  1.00 0.00 ? 2 ARG A HA   4  
ATOM 440  H HB2  . ARG A 1 2 ? 1.618  -4.018 3.332  1.00 0.00 ? 2 ARG A HB2  4  
ATOM 441  H HB3  . ARG A 1 2 ? 1.005  -5.488 2.549  1.00 0.00 ? 2 ARG A HB3  4  
ATOM 442  H HG2  . ARG A 1 2 ? 3.175  -5.791 1.391  1.00 0.00 ? 2 ARG A HG2  4  
ATOM 443  H HG3  . ARG A 1 2 ? 3.814  -4.357 2.224  1.00 0.00 ? 2 ARG A HG3  4  
ATOM 444  H HD2  . ARG A 1 2 ? 3.399  -5.409 4.409  1.00 0.00 ? 2 ARG A HD2  4  
ATOM 445  H HD3  . ARG A 1 2 ? 2.763  -6.857 3.611  1.00 0.00 ? 2 ARG A HD3  4  
ATOM 446  H HE   . ARG A 1 2 ? 5.248  -6.655 2.504  1.00 0.00 ? 2 ARG A HE   4  
ATOM 447  H HH11 . ARG A 1 2 ? 4.113  -6.664 5.894  1.00 0.00 ? 2 ARG A HH11 4  
ATOM 448  H HH12 . ARG A 1 2 ? 5.586  -7.389 6.497  1.00 0.00 ? 2 ARG A HH12 4  
ATOM 449  H HH21 . ARG A 1 2 ? 7.156  -7.579 3.356  1.00 0.00 ? 2 ARG A HH21 4  
ATOM 450  H HH22 . ARG A 1 2 ? 7.294  -7.903 5.071  1.00 0.00 ? 2 ARG A HH22 4  
ATOM 451  N N    . TYR A 1 3 ? -0.601 -2.185 0.979  1.00 0.00 ? 3 TYR A N    4  
ATOM 452  C CA   . TYR A 1 3 ? -1.855 -1.501 1.247  1.00 0.00 ? 3 TYR A CA   4  
ATOM 453  C C    . TYR A 1 3 ? -2.096 -0.446 0.155  1.00 0.00 ? 3 TYR A C    4  
ATOM 454  O O    . TYR A 1 3 ? -1.218 -0.183 -0.669 1.00 0.00 ? 3 TYR A O    4  
ATOM 455  C CB   . TYR A 1 3 ? -1.784 -0.782 2.614  1.00 0.00 ? 3 TYR A CB   4  
ATOM 456  C CG   . TYR A 1 3 ? -1.405 -1.628 3.817  1.00 0.00 ? 3 TYR A CG   4  
ATOM 457  C CD1  . TYR A 1 3 ? -2.370 -2.439 4.445  1.00 0.00 ? 3 TYR A CD1  4  
ATOM 458  C CD2  . TYR A 1 3 ? -0.087 -1.590 4.319  1.00 0.00 ? 3 TYR A CD2  4  
ATOM 459  C CE1  . TYR A 1 3 ? -2.025 -3.212 5.568  1.00 0.00 ? 3 TYR A CE1  4  
ATOM 460  C CE2  . TYR A 1 3 ? 0.266  -2.359 5.441  1.00 0.00 ? 3 TYR A CE2  4  
ATOM 461  C CZ   . TYR A 1 3 ? -0.702 -3.175 6.071  1.00 0.00 ? 3 TYR A CZ   4  
ATOM 462  O OH   . TYR A 1 3 ? -0.363 -3.920 7.163  1.00 0.00 ? 3 TYR A OH   4  
ATOM 463  H H    . TYR A 1 3 ? 0.036  -1.718 0.352  1.00 0.00 ? 3 TYR A H    4  
ATOM 464  H HA   . TYR A 1 3 ? -2.658 -2.243 1.257  1.00 0.00 ? 3 TYR A HA   4  
ATOM 465  H HB2  . TYR A 1 3 ? -1.068 0.037  2.535  1.00 0.00 ? 3 TYR A HB2  4  
ATOM 466  H HB3  . TYR A 1 3 ? -2.757 -0.333 2.821  1.00 0.00 ? 3 TYR A HB3  4  
ATOM 467  H HD1  . TYR A 1 3 ? -3.381 -2.470 4.065  1.00 0.00 ? 3 TYR A HD1  4  
ATOM 468  H HD2  . TYR A 1 3 ? 0.659  -0.969 3.844  1.00 0.00 ? 3 TYR A HD2  4  
ATOM 469  H HE1  . TYR A 1 3 ? -2.771 -3.831 6.044  1.00 0.00 ? 3 TYR A HE1  4  
ATOM 470  H HE2  . TYR A 1 3 ? 1.277  -2.326 5.821  1.00 0.00 ? 3 TYR A HE2  4  
ATOM 471  H HH   . TYR A 1 3 ? -1.100 -4.426 7.514  1.00 0.00 ? 3 TYR A HH   4  
ATOM 472  N N    . TYR A 1 4 ? -3.284 0.175  0.216  1.00 0.00 ? 4 TYR A N    4  
ATOM 473  C CA   . TYR A 1 4 ? -3.781 1.326  -0.553 1.00 0.00 ? 4 TYR A CA   4  
ATOM 474  C C    . TYR A 1 4 ? -2.829 1.911  -1.612 1.00 0.00 ? 4 TYR A C    4  
ATOM 475  O O    . TYR A 1 4 ? -2.880 1.481  -2.764 1.00 0.00 ? 4 TYR A O    4  
ATOM 476  C CB   . TYR A 1 4 ? -4.342 2.380  0.428  1.00 0.00 ? 4 TYR A CB   4  
ATOM 477  C CG   . TYR A 1 4 ? -5.169 3.475  -0.229 1.00 0.00 ? 4 TYR A CG   4  
ATOM 478  C CD1  . TYR A 1 4 ? -6.245 3.138  -1.076 1.00 0.00 ? 4 TYR A CD1  4  
ATOM 479  C CD2  . TYR A 1 4 ? -4.882 4.830  0.028  1.00 0.00 ? 4 TYR A CD2  4  
ATOM 480  C CE1  . TYR A 1 4 ? -7.013 4.144  -1.685 1.00 0.00 ? 4 TYR A CE1  4  
ATOM 481  C CE2  . TYR A 1 4 ? -5.661 5.842  -0.560 1.00 0.00 ? 4 TYR A CE2  4  
ATOM 482  C CZ   . TYR A 1 4 ? -6.723 5.504  -1.431 1.00 0.00 ? 4 TYR A CZ   4  
ATOM 483  O OH   . TYR A 1 4 ? -7.468 6.485  -2.019 1.00 0.00 ? 4 TYR A OH   4  
ATOM 484  H H    . TYR A 1 4 ? -3.928 -0.197 0.906  1.00 0.00 ? 4 TYR A H    4  
ATOM 485  H HA   . TYR A 1 4 ? -4.614 0.954  -1.128 1.00 0.00 ? 4 TYR A HA   4  
ATOM 486  H HB2  . TYR A 1 4 ? -4.981 1.886  1.162  1.00 0.00 ? 4 TYR A HB2  4  
ATOM 487  H HB3  . TYR A 1 4 ? -3.523 2.831  0.993  1.00 0.00 ? 4 TYR A HB3  4  
ATOM 488  H HD1  . TYR A 1 4 ? -6.489 2.102  -1.265 1.00 0.00 ? 4 TYR A HD1  4  
ATOM 489  H HD2  . TYR A 1 4 ? -4.067 5.101  0.682  1.00 0.00 ? 4 TYR A HD2  4  
ATOM 490  H HE1  . TYR A 1 4 ? -7.829 3.874  -2.341 1.00 0.00 ? 4 TYR A HE1  4  
ATOM 491  H HE2  . TYR A 1 4 ? -5.443 6.878  -0.350 1.00 0.00 ? 4 TYR A HE2  4  
ATOM 492  H HH   . TYR A 1 4 ? -8.160 6.139  -2.587 1.00 0.00 ? 4 TYR A HH   4  
ATOM 493  N N    . ARG A 1 5 ? -1.962 2.857  -1.226 1.00 0.00 ? 5 ARG A N    4  
ATOM 494  C CA   . ARG A 1 5 ? -0.979 3.520  -2.083 1.00 0.00 ? 5 ARG A CA   4  
ATOM 495  C C    . ARG A 1 5 ? 0.406  3.488  -1.411 1.00 0.00 ? 5 ARG A C    4  
ATOM 496  O O    . ARG A 1 5 ? 1.123  4.488  -1.352 1.00 0.00 ? 5 ARG A O    4  
ATOM 497  C CB   . ARG A 1 5 ? -1.442 4.945  -2.385 1.00 0.00 ? 5 ARG A CB   4  
ATOM 498  C CG   . ARG A 1 5 ? -2.714 5.002  -3.247 1.00 0.00 ? 5 ARG A CG   4  
ATOM 499  C CD   . ARG A 1 5 ? -3.075 6.438  -3.651 1.00 0.00 ? 5 ARG A CD   4  
ATOM 500  N NE   . ARG A 1 5 ? -3.498 7.251  -2.499 1.00 0.00 ? 5 ARG A NE   4  
ATOM 501  C CZ   . ARG A 1 5 ? -2.730 8.093  -1.785 1.00 0.00 ? 5 ARG A CZ   4  
ATOM 502  N NH1  . ARG A 1 5 ? -1.438 8.308  -2.083 1.00 0.00 ? 5 ARG A NH1  4  
ATOM 503  N NH2  . ARG A 1 5 ? -3.268 8.733  -0.738 1.00 0.00 ? 5 ARG A NH2  4  
ATOM 504  H H    . ARG A 1 5 ? -2.047 3.226  -0.293 1.00 0.00 ? 5 ARG A H    4  
ATOM 505  H HA   . ARG A 1 5 ? -0.901 2.985  -3.031 1.00 0.00 ? 5 ARG A HA   4  
ATOM 506  H HB2  . ARG A 1 5 ? -1.600 5.476  -1.446 1.00 0.00 ? 5 ARG A HB2  4  
ATOM 507  H HB3  . ARG A 1 5 ? -0.633 5.421  -2.932 1.00 0.00 ? 5 ARG A HB3  4  
ATOM 508  H HG2  . ARG A 1 5 ? -2.549 4.421  -4.156 1.00 0.00 ? 5 ARG A HG2  4  
ATOM 509  H HG3  . ARG A 1 5 ? -3.554 4.564  -2.706 1.00 0.00 ? 5 ARG A HG3  4  
ATOM 510  H HD2  . ARG A 1 5 ? -2.225 6.901  -4.154 1.00 0.00 ? 5 ARG A HD2  4  
ATOM 511  H HD3  . ARG A 1 5 ? -3.903 6.397  -4.359 1.00 0.00 ? 5 ARG A HD3  4  
ATOM 512  H HE   . ARG A 1 5 ? -4.462 7.142  -2.215 1.00 0.00 ? 5 ARG A HE   4  
ATOM 513  H HH11 . ARG A 1 5 ? -1.017 7.827  -2.865 1.00 0.00 ? 5 ARG A HH11 4  
ATOM 514  H HH12 . ARG A 1 5 ? -0.890 8.942  -1.522 1.00 0.00 ? 5 ARG A HH12 4  
ATOM 515  H HH21 . ARG A 1 5 ? -4.236 8.577  -0.496 1.00 0.00 ? 5 ARG A HH21 4  
ATOM 516  H HH22 . ARG A 1 5 ? -2.704 9.364  -0.187 1.00 0.00 ? 5 ARG A HH22 4  
ATOM 517  N N    . PHE A 1 6 ? 0.745  2.317  -0.865 1.00 0.00 ? 6 PHE A N    4  
ATOM 518  C CA   . PHE A 1 6 ? 1.888  2.016  -0.037 1.00 0.00 ? 6 PHE A CA   4  
ATOM 519  C C    . PHE A 1 6 ? 2.380  0.607  -0.409 1.00 0.00 ? 6 PHE A C    4  
ATOM 520  O O    . PHE A 1 6 ? 2.032  0.041  -1.447 1.00 0.00 ? 6 PHE A O    4  
ATOM 521  C CB   . PHE A 1 6 ? 1.458  2.108  1.444  1.00 0.00 ? 6 PHE A CB   4  
ATOM 522  C CG   . PHE A 1 6 ? 0.727  3.384  1.822  1.00 0.00 ? 6 PHE A CG   4  
ATOM 523  C CD1  . PHE A 1 6 ? 1.439  4.588  1.970  1.00 0.00 ? 6 PHE A CD1  4  
ATOM 524  C CD2  . PHE A 1 6 ? -0.672 3.375  1.990  1.00 0.00 ? 6 PHE A CD2  4  
ATOM 525  C CE1  . PHE A 1 6 ? 0.758  5.779  2.278  1.00 0.00 ? 6 PHE A CE1  4  
ATOM 526  C CE2  . PHE A 1 6 ? -1.353 4.566  2.299  1.00 0.00 ? 6 PHE A CE2  4  
ATOM 527  C CZ   . PHE A 1 6 ? -0.639 5.768  2.440  1.00 0.00 ? 6 PHE A CZ   4  
ATOM 528  H H    . PHE A 1 6 ? 0.113  1.553  -0.956 1.00 0.00 ? 6 PHE A H    4  
ATOM 529  H HA   . PHE A 1 6 ? 2.686  2.736  -0.222 1.00 0.00 ? 6 PHE A HA   4  
ATOM 530  H HB2  . PHE A 1 6 ? 0.816  1.257  1.672  1.00 0.00 ? 6 PHE A HB2  4  
ATOM 531  H HB3  . PHE A 1 6 ? 2.343  2.027  2.077  1.00 0.00 ? 6 PHE A HB3  4  
ATOM 532  H HD1  . PHE A 1 6 ? 2.512  4.604  1.836  1.00 0.00 ? 6 PHE A HD1  4  
ATOM 533  H HD2  . PHE A 1 6 ? -1.229 2.458  1.872  1.00 0.00 ? 6 PHE A HD2  4  
ATOM 534  H HE1  . PHE A 1 6 ? 1.306  6.703  2.385  1.00 0.00 ? 6 PHE A HE1  4  
ATOM 535  H HE2  . PHE A 1 6 ? -2.426 4.558  2.428  1.00 0.00 ? 6 PHE A HE2  4  
ATOM 536  H HZ   . PHE A 1 6 ? -1.163 6.683  2.674  1.00 0.00 ? 6 PHE A HZ   4  
ATOM 537  N N    . ARG A 1 1 ? 3.242  0.206  0.333  1.00 0.00 ? 1 ARG A N    5  
ATOM 538  C CA   . ARG A 1 1 ? 3.898  -1.083 0.119  1.00 0.00 ? 1 ARG A CA   5  
ATOM 539  C C    . ARG A 1 1 ? 2.906  -2.244 -0.076 1.00 0.00 ? 1 ARG A C    5  
ATOM 540  O O    . ARG A 1 1 ? 2.851  -2.796 -1.174 1.00 0.00 ? 1 ARG A O    5  
ATOM 541  C CB   . ARG A 1 1 ? 4.853  -1.380 1.285  1.00 0.00 ? 1 ARG A CB   5  
ATOM 542  C CG   . ARG A 1 1 ? 6.105  -0.491 1.243  1.00 0.00 ? 1 ARG A CG   5  
ATOM 543  C CD   . ARG A 1 1 ? 7.080  -0.874 2.359  1.00 0.00 ? 1 ARG A CD   5  
ATOM 544  N NE   . ARG A 1 1 ? 8.314  -0.080 2.278  1.00 0.00 ? 1 ARG A NE   5  
ATOM 545  C CZ   . ARG A 1 1 ? 9.444  -0.324 2.968  1.00 0.00 ? 1 ARG A CZ   5  
ATOM 546  N NH1  . ARG A 1 1 ? 9.531  -1.339 3.840  1.00 0.00 ? 1 ARG A NH1  5  
ATOM 547  N NH2  . ARG A 1 1 ? 10.507 0.469  2.779  1.00 0.00 ? 1 ARG A NH2  5  
ATOM 548  H H    . ARG A 1 1 ? 3.470  0.739  1.156  1.00 0.00 ? 1 ARG A H    5  
ATOM 549  H HA   . ARG A 1 1 ? 4.495  -1.008 -0.792 1.00 0.00 ? 1 ARG A HA   5  
ATOM 550  H HB2  . ARG A 1 1 ? 4.335  -1.240 2.235  1.00 0.00 ? 1 ARG A HB2  5  
ATOM 551  H HB3  . ARG A 1 1 ? 5.159  -2.422 1.213  1.00 0.00 ? 1 ARG A HB3  5  
ATOM 552  H HG2  . ARG A 1 1 ? 6.601  -0.616 0.279  1.00 0.00 ? 1 ARG A HG2  5  
ATOM 553  H HG3  . ARG A 1 1 ? 5.818  0.556  1.361  1.00 0.00 ? 1 ARG A HG3  5  
ATOM 554  H HD2  . ARG A 1 1 ? 6.607  -0.702 3.327  1.00 0.00 ? 1 ARG A HD2  5  
ATOM 555  H HD3  . ARG A 1 1 ? 7.328  -1.933 2.266  1.00 0.00 ? 1 ARG A HD3  5  
ATOM 556  H HE   . ARG A 1 1 ? 8.307  0.699  1.638  1.00 0.00 ? 1 ARG A HE   5  
ATOM 557  H HH11 . ARG A 1 1 ? 8.736  -1.943 3.992  1.00 0.00 ? 1 ARG A HH11 5  
ATOM 558  H HH12 . ARG A 1 1 ? 10.392 -1.499 4.344  1.00 0.00 ? 1 ARG A HH12 5  
ATOM 559  H HH21 . ARG A 1 1 ? 10.455 1.236  2.124  1.00 0.00 ? 1 ARG A HH21 5  
ATOM 560  H HH22 . ARG A 1 1 ? 11.361 0.296  3.289  1.00 0.00 ? 1 ARG A HH22 5  
ATOM 561  N N    . ARG A 1 2 ? 2.133  -2.602 0.966  1.00 0.00 ? 2 ARG A N    5  
ATOM 562  C CA   . ARG A 1 2 ? 1.268  -3.796 0.981  1.00 0.00 ? 2 ARG A CA   5  
ATOM 563  C C    . ARG A 1 2 ? -0.220 -3.476 1.246  1.00 0.00 ? 2 ARG A C    5  
ATOM 564  O O    . ARG A 1 2 ? -0.993 -4.367 1.600  1.00 0.00 ? 2 ARG A O    5  
ATOM 565  C CB   . ARG A 1 2 ? 1.803  -4.794 2.021  1.00 0.00 ? 2 ARG A CB   5  
ATOM 566  C CG   . ARG A 1 2 ? 3.253  -5.243 1.768  1.00 0.00 ? 2 ARG A CG   5  
ATOM 567  C CD   . ARG A 1 2 ? 3.672  -6.400 2.685  1.00 0.00 ? 2 ARG A CD   5  
ATOM 568  N NE   . ARG A 1 2 ? 3.647  -6.025 4.110  1.00 0.00 ? 2 ARG A NE   5  
ATOM 569  C CZ   . ARG A 1 2 ? 2.662  -6.297 4.988  1.00 0.00 ? 2 ARG A CZ   5  
ATOM 570  N NH1  . ARG A 1 2 ? 1.561  -6.978 4.633  1.00 0.00 ? 2 ARG A NH1  5  
ATOM 571  N NH2  . ARG A 1 2 ? 2.783  -5.873 6.252  1.00 0.00 ? 2 ARG A NH2  5  
ATOM 572  H H    . ARG A 1 2 ? 2.323  -2.169 1.861  1.00 0.00 ? 2 ARG A H    5  
ATOM 573  H HA   . ARG A 1 2 ? 1.315  -4.281 0.005  1.00 0.00 ? 2 ARG A HA   5  
ATOM 574  H HB2  . ARG A 1 2 ? 1.732  -4.332 3.008  1.00 0.00 ? 2 ARG A HB2  5  
ATOM 575  H HB3  . ARG A 1 2 ? 1.168  -5.679 2.005  1.00 0.00 ? 2 ARG A HB3  5  
ATOM 576  H HG2  . ARG A 1 2 ? 3.345  -5.574 0.734  1.00 0.00 ? 2 ARG A HG2  5  
ATOM 577  H HG3  . ARG A 1 2 ? 3.932  -4.405 1.926  1.00 0.00 ? 2 ARG A HG3  5  
ATOM 578  H HD2  . ARG A 1 2 ? 3.024  -7.258 2.506  1.00 0.00 ? 2 ARG A HD2  5  
ATOM 579  H HD3  . ARG A 1 2 ? 4.690  -6.692 2.428  1.00 0.00 ? 2 ARG A HD3  5  
ATOM 580  H HE   . ARG A 1 2 ? 4.448  -5.509 4.447  1.00 0.00 ? 2 ARG A HE   5  
ATOM 581  H HH11 . ARG A 1 2 ? 1.453  -7.302 3.684  1.00 0.00 ? 2 ARG A HH11 5  
ATOM 582  H HH12 . ARG A 1 2 ? 0.839  -7.161 5.315  1.00 0.00 ? 2 ARG A HH12 5  
ATOM 583  H HH21 . ARG A 1 2 ? 3.604  -5.358 6.537  1.00 0.00 ? 2 ARG A HH21 5  
ATOM 584  H HH22 . ARG A 1 2 ? 2.051  -6.066 6.920  1.00 0.00 ? 2 ARG A HH22 5  
ATOM 585  N N    . TYR A 1 3 ? -0.613 -2.206 1.085  1.00 0.00 ? 3 TYR A N    5  
ATOM 586  C CA   . TYR A 1 3 ? -1.911 -1.614 1.372  1.00 0.00 ? 3 TYR A CA   5  
ATOM 587  C C    . TYR A 1 3 ? -2.106 -0.400 0.444  1.00 0.00 ? 3 TYR A C    5  
ATOM 588  O O    . TYR A 1 3 ? -1.191 -0.030 -0.293 1.00 0.00 ? 3 TYR A O    5  
ATOM 589  C CB   . TYR A 1 3 ? -1.965 -1.178 2.848  1.00 0.00 ? 3 TYR A CB   5  
ATOM 590  C CG   . TYR A 1 3 ? -1.679 -2.287 3.847  1.00 0.00 ? 3 TYR A CG   5  
ATOM 591  C CD1  . TYR A 1 3 ? -2.654 -3.270 4.106  1.00 0.00 ? 3 TYR A CD1  5  
ATOM 592  C CD2  . TYR A 1 3 ? -0.418 -2.367 4.472  1.00 0.00 ? 3 TYR A CD2  5  
ATOM 593  C CE1  . TYR A 1 3 ? -2.372 -4.333 4.980  1.00 0.00 ? 3 TYR A CE1  5  
ATOM 594  C CE2  . TYR A 1 3 ? -0.129 -3.426 5.349  1.00 0.00 ? 3 TYR A CE2  5  
ATOM 595  C CZ   . TYR A 1 3 ? -1.105 -4.417 5.606  1.00 0.00 ? 3 TYR A CZ   5  
ATOM 596  O OH   . TYR A 1 3 ? -0.824 -5.453 6.450  1.00 0.00 ? 3 TYR A OH   5  
ATOM 597  H H    . TYR A 1 3 ? 0.039  -1.569 0.682  1.00 0.00 ? 3 TYR A H    5  
ATOM 598  H HA   . TYR A 1 3 ? -2.695 -2.349 1.181  1.00 0.00 ? 3 TYR A HA   5  
ATOM 599  H HB2  . TYR A 1 3 ? -1.249 -0.369 3.000  1.00 0.00 ? 3 TYR A HB2  5  
ATOM 600  H HB3  . TYR A 1 3 ? -2.958 -0.778 3.061  1.00 0.00 ? 3 TYR A HB3  5  
ATOM 601  H HD1  . TYR A 1 3 ? -3.617 -3.219 3.619  1.00 0.00 ? 3 TYR A HD1  5  
ATOM 602  H HD2  . TYR A 1 3 ? 0.338  -1.622 4.268  1.00 0.00 ? 3 TYR A HD2  5  
ATOM 603  H HE1  . TYR A 1 3 ? -3.121 -5.089 5.167  1.00 0.00 ? 3 TYR A HE1  5  
ATOM 604  H HE2  . TYR A 1 3 ? 0.841  -3.484 5.821  1.00 0.00 ? 3 TYR A HE2  5  
ATOM 605  H HH   . TYR A 1 3 ? -1.559 -6.063 6.549  1.00 0.00 ? 3 TYR A HH   5  
ATOM 606  N N    . TYR A 1 4 ? -3.308 0.195  0.511  1.00 0.00 ? 4 TYR A N    5  
ATOM 607  C CA   . TYR A 1 4 ? -3.849 1.307  -0.294 1.00 0.00 ? 4 TYR A CA   5  
ATOM 608  C C    . TYR A 1 4 ? -2.947 1.811  -1.435 1.00 0.00 ? 4 TYR A C    5  
ATOM 609  O O    . TYR A 1 4 ? -3.014 1.273  -2.540 1.00 0.00 ? 4 TYR A O    5  
ATOM 610  C CB   . TYR A 1 4 ? -4.351 2.440  0.630  1.00 0.00 ? 4 TYR A CB   5  
ATOM 611  C CG   . TYR A 1 4 ? -5.083 3.539  -0.126 1.00 0.00 ? 4 TYR A CG   5  
ATOM 612  C CD1  . TYR A 1 4 ? -6.254 3.234  -0.849 1.00 0.00 ? 4 TYR A CD1  5  
ATOM 613  C CD2  . TYR A 1 4 ? -4.568 4.850  -0.156 1.00 0.00 ? 4 TYR A CD2  5  
ATOM 614  C CE1  . TYR A 1 4 ? -6.897 4.221  -1.614 1.00 0.00 ? 4 TYR A CE1  5  
ATOM 615  C CE2  . TYR A 1 4 ? -5.206 5.847  -0.913 1.00 0.00 ? 4 TYR A CE2  5  
ATOM 616  C CZ   . TYR A 1 4 ? -6.371 5.534  -1.655 1.00 0.00 ? 4 TYR A CZ   5  
ATOM 617  O OH   . TYR A 1 4 ? -6.981 6.492  -2.412 1.00 0.00 ? 4 TYR A OH   5  
ATOM 618  H H    . TYR A 1 4 ? -3.942 -0.204 1.193  1.00 0.00 ? 4 TYR A H    5  
ATOM 619  H HA   . TYR A 1 4 ? -4.722 0.913  -0.804 1.00 0.00 ? 4 TYR A HA   5  
ATOM 620  H HB2  . TYR A 1 4 ? -5.029 2.032  1.381  1.00 0.00 ? 4 TYR A HB2  5  
ATOM 621  H HB3  . TYR A 1 4 ? -3.511 2.871  1.179  1.00 0.00 ? 4 TYR A HB3  5  
ATOM 622  H HD1  . TYR A 1 4 ? -6.656 2.231  -0.832 1.00 0.00 ? 4 TYR A HD1  5  
ATOM 623  H HD2  . TYR A 1 4 ? -3.666 5.093  0.388  1.00 0.00 ? 4 TYR A HD2  5  
ATOM 624  H HE1  . TYR A 1 4 ? -7.786 3.974  -2.175 1.00 0.00 ? 4 TYR A HE1  5  
ATOM 625  H HE2  . TYR A 1 4 ? -4.799 6.846  -0.942 1.00 0.00 ? 4 TYR A HE2  5  
ATOM 626  H HH   . TYR A 1 4 ? -7.760 6.166  -2.870 1.00 0.00 ? 4 TYR A HH   5  
ATOM 627  N N    . ARG A 1 5 ? -2.104 2.815  -1.158 1.00 0.00 ? 5 ARG A N    5  
ATOM 628  C CA   . ARG A 1 5 ? -1.155 3.421  -2.090 1.00 0.00 ? 5 ARG A CA   5  
ATOM 629  C C    . ARG A 1 5 ? 0.227  3.520  -1.417 1.00 0.00 ? 5 ARG A C    5  
ATOM 630  O O    . ARG A 1 5 ? 0.887  4.561  -1.429 1.00 0.00 ? 5 ARG A O    5  
ATOM 631  C CB   . ARG A 1 5 ? -1.685 4.768  -2.588 1.00 0.00 ? 5 ARG A CB   5  
ATOM 632  C CG   . ARG A 1 5 ? -2.916 4.595  -3.492 1.00 0.00 ? 5 ARG A CG   5  
ATOM 633  C CD   . ARG A 1 5 ? -3.369 5.932  -4.088 1.00 0.00 ? 5 ARG A CD   5  
ATOM 634  N NE   . ARG A 1 5 ? -4.570 5.762  -4.922 1.00 0.00 ? 5 ARG A NE   5  
ATOM 635  C CZ   . ARG A 1 5 ? -4.590 5.332  -6.198 1.00 0.00 ? 5 ARG A CZ   5  
ATOM 636  N NH1  . ARG A 1 5 ? -3.463 5.030  -6.861 1.00 0.00 ? 5 ARG A NH1  5  
ATOM 637  N NH2  . ARG A 1 5 ? -5.766 5.199  -6.821 1.00 0.00 ? 5 ARG A NH2  5  
ATOM 638  H H    . ARG A 1 5 ? -2.173 3.243  -0.246 1.00 0.00 ? 5 ARG A H    5  
ATOM 639  H HA   . ARG A 1 5 ? -1.051 2.785  -2.973 1.00 0.00 ? 5 ARG A HA   5  
ATOM 640  H HB2  . ARG A 1 5 ? -1.924 5.417  -1.743 1.00 0.00 ? 5 ARG A HB2  5  
ATOM 641  H HB3  . ARG A 1 5 ? -0.884 5.218  -3.170 1.00 0.00 ? 5 ARG A HB3  5  
ATOM 642  H HG2  . ARG A 1 5 ? -2.668 3.912  -4.303 1.00 0.00 ? 5 ARG A HG2  5  
ATOM 643  H HG3  . ARG A 1 5 ? -3.739 4.170  -2.918 1.00 0.00 ? 5 ARG A HG3  5  
ATOM 644  H HD2  . ARG A 1 5 ? -3.604 6.622  -3.278 1.00 0.00 ? 5 ARG A HD2  5  
ATOM 645  H HD3  . ARG A 1 5 ? -2.563 6.358  -4.685 1.00 0.00 ? 5 ARG A HD3  5  
ATOM 646  H HE   . ARG A 1 5 ? -5.453 5.975  -4.481 1.00 0.00 ? 5 ARG A HE   5  
ATOM 647  H HH11 . ARG A 1 5 ? -2.567 5.123  -6.403 1.00 0.00 ? 5 ARG A HH11 5  
ATOM 648  H HH12 . ARG A 1 5 ? -3.511 4.708  -7.816 1.00 0.00 ? 5 ARG A HH12 5  
ATOM 649  H HH21 . ARG A 1 5 ? -6.624 5.419  -6.336 1.00 0.00 ? 5 ARG A HH21 5  
ATOM 650  H HH22 . ARG A 1 5 ? -5.797 4.874  -7.778 1.00 0.00 ? 5 ARG A HH22 5  
ATOM 651  N N    . PHE A 1 6 ? 0.634  2.403  -0.803 1.00 0.00 ? 6 PHE A N    5  
ATOM 652  C CA   . PHE A 1 6 ? 1.844  2.162  -0.054 1.00 0.00 ? 6 PHE A CA   5  
ATOM 653  C C    . PHE A 1 6 ? 2.374  0.785  -0.498 1.00 0.00 ? 6 PHE A C    5  
ATOM 654  O O    . PHE A 1 6 ? 2.021  0.270  -1.562 1.00 0.00 ? 6 PHE A O    5  
ATOM 655  C CB   . PHE A 1 6 ? 1.500  2.193  1.450  1.00 0.00 ? 6 PHE A CB   5  
ATOM 656  C CG   . PHE A 1 6 ? 0.691  3.396  1.905  1.00 0.00 ? 6 PHE A CG   5  
ATOM 657  C CD1  . PHE A 1 6 ? 1.307  4.656  2.028  1.00 0.00 ? 6 PHE A CD1  5  
ATOM 658  C CD2  . PHE A 1 6 ? -0.683 3.257  2.189  1.00 0.00 ? 6 PHE A CD2  5  
ATOM 659  C CE1  . PHE A 1 6 ? 0.553  5.772  2.432  1.00 0.00 ? 6 PHE A CE1  5  
ATOM 660  C CE2  . PHE A 1 6 ? -1.433 4.374  2.597  1.00 0.00 ? 6 PHE A CE2  5  
ATOM 661  C CZ   . PHE A 1 6 ? -0.816 5.631  2.718  1.00 0.00 ? 6 PHE A CZ   5  
ATOM 662  H H    . PHE A 1 6 ? 0.029  1.610  -0.808 1.00 0.00 ? 6 PHE A H    5  
ATOM 663  H HA   . PHE A 1 6 ? 2.587  2.929  -0.272 1.00 0.00 ? 6 PHE A HA   5  
ATOM 664  H HB2  . PHE A 1 6 ? 0.940  1.289  1.698  1.00 0.00 ? 6 PHE A HB2  5  
ATOM 665  H HB3  . PHE A 1 6 ? 2.426  2.170  2.026  1.00 0.00 ? 6 PHE A HB3  5  
ATOM 666  H HD1  . PHE A 1 6 ? 2.358  4.769  1.806  1.00 0.00 ? 6 PHE A HD1  5  
ATOM 667  H HD2  . PHE A 1 6 ? -1.166 2.296  2.092  1.00 0.00 ? 6 PHE A HD2  5  
ATOM 668  H HE1  . PHE A 1 6 ? 1.028  6.737  2.525  1.00 0.00 ? 6 PHE A HE1  5  
ATOM 669  H HE2  . PHE A 1 6 ? -2.485 4.267  2.820  1.00 0.00 ? 6 PHE A HE2  5  
ATOM 670  H HZ   . PHE A 1 6 ? -1.394 6.488  3.031  1.00 0.00 ? 6 PHE A HZ   5  
ATOM 671  N N    . ARG A 1 1 ? 3.167  0.191  0.691  1.00 0.00 ? 1 ARG A N    6  
ATOM 672  C CA   . ARG A 1 1 ? 3.875  -1.082 0.521  1.00 0.00 ? 1 ARG A CA   6  
ATOM 673  C C    . ARG A 1 1 ? 2.955  -2.228 0.066  1.00 0.00 ? 1 ARG A C    6  
ATOM 674  O O    . ARG A 1 1 ? 3.072  -2.670 -1.076 1.00 0.00 ? 1 ARG A O    6  
ATOM 675  C CB   . ARG A 1 1 ? 4.597  -1.462 1.826  1.00 0.00 ? 1 ARG A CB   6  
ATOM 676  C CG   . ARG A 1 1 ? 5.779  -0.532 2.147  1.00 0.00 ? 1 ARG A CG   6  
ATOM 677  C CD   . ARG A 1 1 ? 6.481  -0.931 3.452  1.00 0.00 ? 1 ARG A CD   6  
ATOM 678  N NE   . ARG A 1 1 ? 7.110  -2.262 3.376  1.00 0.00 ? 1 ARG A NE   6  
ATOM 679  C CZ   . ARG A 1 1 ? 8.323  -2.535 2.864  1.00 0.00 ? 1 ARG A CZ   6  
ATOM 680  N NH1  . ARG A 1 1 ? 9.105  -1.574 2.347  1.00 0.00 ? 1 ARG A NH1  6  
ATOM 681  N NH2  . ARG A 1 1 ? 8.764  -3.800 2.870  1.00 0.00 ? 1 ARG A NH2  6  
ATOM 682  H H    . ARG A 1 1 ? 3.262  0.673  1.572  1.00 0.00 ? 1 ARG A H    6  
ATOM 683  H HA   . ARG A 1 1 ? 4.633  -0.942 -0.250 1.00 0.00 ? 1 ARG A HA   6  
ATOM 684  H HB2  . ARG A 1 1 ? 3.888  -1.442 2.656  1.00 0.00 ? 1 ARG A HB2  6  
ATOM 685  H HB3  . ARG A 1 1 ? 4.970  -2.479 1.719  1.00 0.00 ? 1 ARG A HB3  6  
ATOM 686  H HG2  . ARG A 1 1 ? 6.498  -0.559 1.325  1.00 0.00 ? 1 ARG A HG2  6  
ATOM 687  H HG3  . ARG A 1 1 ? 5.415  0.491  2.255  1.00 0.00 ? 1 ARG A HG3  6  
ATOM 688  H HD2  . ARG A 1 1 ? 7.241  -0.185 3.689  1.00 0.00 ? 1 ARG A HD2  6  
ATOM 689  H HD3  . ARG A 1 1 ? 5.750  -0.936 4.261  1.00 0.00 ? 1 ARG A HD3  6  
ATOM 690  H HE   . ARG A 1 1 ? 6.570  -3.032 3.746  1.00 0.00 ? 1 ARG A HE   6  
ATOM 691  H HH11 . ARG A 1 1 ? 8.786  -0.617 2.335  1.00 0.00 ? 1 ARG A HH11 6  
ATOM 692  H HH12 . ARG A 1 1 ? 10.012 -1.810 1.971  1.00 0.00 ? 1 ARG A HH12 6  
ATOM 693  H HH21 . ARG A 1 1 ? 8.188  -4.534 3.256  1.00 0.00 ? 1 ARG A HH21 6  
ATOM 694  H HH22 . ARG A 1 1 ? 9.674  -4.019 2.492  1.00 0.00 ? 1 ARG A HH22 6  
ATOM 695  N N    . ARG A 1 2 ? 2.052  -2.698 0.947  1.00 0.00 ? 2 ARG A N    6  
ATOM 696  C CA   . ARG A 1 2 ? 1.217  -3.892 0.727  1.00 0.00 ? 2 ARG A CA   6  
ATOM 697  C C    . ARG A 1 2 ? -0.290 -3.625 0.939  1.00 0.00 ? 2 ARG A C    6  
ATOM 698  O O    . ARG A 1 2 ? -1.065 -4.552 1.179  1.00 0.00 ? 2 ARG A O    6  
ATOM 699  C CB   . ARG A 1 2 ? 1.709  -5.018 1.651  1.00 0.00 ? 2 ARG A CB   6  
ATOM 700  C CG   . ARG A 1 2 ? 3.162  -5.439 1.379  1.00 0.00 ? 2 ARG A CG   6  
ATOM 701  C CD   . ARG A 1 2 ? 3.540  -6.653 2.235  1.00 0.00 ? 2 ARG A CD   6  
ATOM 702  N NE   . ARG A 1 2 ? 4.942  -7.046 2.026  1.00 0.00 ? 2 ARG A NE   6  
ATOM 703  C CZ   . ARG A 1 2 ? 6.009  -6.521 2.658  1.00 0.00 ? 2 ARG A CZ   6  
ATOM 704  N NH1  . ARG A 1 2 ? 5.881  -5.549 3.574  1.00 0.00 ? 2 ARG A NH1  6  
ATOM 705  N NH2  . ARG A 1 2 ? 7.231  -6.983 2.362  1.00 0.00 ? 2 ARG A NH2  6  
ATOM 706  H H    . ARG A 1 2 ? 2.114  -2.360 1.900  1.00 0.00 ? 2 ARG A H    6  
ATOM 707  H HA   . ARG A 1 2 ? 1.336  -4.226 -0.304 1.00 0.00 ? 2 ARG A HA   6  
ATOM 708  H HB2  . ARG A 1 2 ? 1.611  -4.686 2.685  1.00 0.00 ? 2 ARG A HB2  6  
ATOM 709  H HB3  . ARG A 1 2 ? 1.070  -5.889 1.498  1.00 0.00 ? 2 ARG A HB3  6  
ATOM 710  H HG2  . ARG A 1 2 ? 3.277  -5.695 0.325  1.00 0.00 ? 2 ARG A HG2  6  
ATOM 711  H HG3  . ARG A 1 2 ? 3.834  -4.615 1.619  1.00 0.00 ? 2 ARG A HG3  6  
ATOM 712  H HD2  . ARG A 1 2 ? 3.375  -6.422 3.288  1.00 0.00 ? 2 ARG A HD2  6  
ATOM 713  H HD3  . ARG A 1 2 ? 2.900  -7.492 1.963  1.00 0.00 ? 2 ARG A HD3  6  
ATOM 714  H HE   . ARG A 1 2 ? 5.106  -7.774 1.346  1.00 0.00 ? 2 ARG A HE   6  
ATOM 715  H HH11 . ARG A 1 2 ? 4.965  -5.194 3.808  1.00 0.00 ? 2 ARG A HH11 6  
ATOM 716  H HH12 . ARG A 1 2 ? 6.700  -5.178 4.035  1.00 0.00 ? 2 ARG A HH12 6  
ATOM 717  H HH21 . ARG A 1 2 ? 7.340  -7.714 1.675  1.00 0.00 ? 2 ARG A HH21 6  
ATOM 718  H HH22 . ARG A 1 2 ? 8.041  -6.602 2.829  1.00 0.00 ? 2 ARG A HH22 6  
ATOM 719  N N    . TYR A 1 3 ? -0.691 -2.352 0.864  1.00 0.00 ? 3 TYR A N    6  
ATOM 720  C CA   . TYR A 1 3 ? -2.006 -1.791 1.134  1.00 0.00 ? 3 TYR A CA   6  
ATOM 721  C C    . TYR A 1 3 ? -2.137 -0.486 0.328  1.00 0.00 ? 3 TYR A C    6  
ATOM 722  O O    . TYR A 1 3 ? -1.154 -0.010 -0.244 1.00 0.00 ? 3 TYR A O    6  
ATOM 723  C CB   . TYR A 1 3 ? -2.145 -1.511 2.641  1.00 0.00 ? 3 TYR A CB   6  
ATOM 724  C CG   . TYR A 1 3 ? -2.040 -2.748 3.516  1.00 0.00 ? 3 TYR A CG   6  
ATOM 725  C CD1  . TYR A 1 3 ? -3.122 -3.648 3.594  1.00 0.00 ? 3 TYR A CD1  6  
ATOM 726  C CD2  . TYR A 1 3 ? -0.840 -3.034 4.198  1.00 0.00 ? 3 TYR A CD2  6  
ATOM 727  C CE1  . TYR A 1 3 ? -3.007 -4.832 4.342  1.00 0.00 ? 3 TYR A CE1  6  
ATOM 728  C CE2  . TYR A 1 3 ? -0.716 -4.217 4.947  1.00 0.00 ? 3 TYR A CE2  6  
ATOM 729  C CZ   . TYR A 1 3 ? -1.799 -5.124 5.020  1.00 0.00 ? 3 TYR A CZ   6  
ATOM 730  O OH   . TYR A 1 3 ? -1.679 -6.280 5.736  1.00 0.00 ? 3 TYR A OH   6  
ATOM 731  H H    . TYR A 1 3 ? -0.033 -1.680 0.534  1.00 0.00 ? 3 TYR A H    6  
ATOM 732  H HA   . TYR A 1 3 ? -2.774 -2.499 0.817  1.00 0.00 ? 3 TYR A HA   6  
ATOM 733  H HB2  . TYR A 1 3 ? -1.380 -0.792 2.935  1.00 0.00 ? 3 TYR A HB2  6  
ATOM 734  H HB3  . TYR A 1 3 ? -3.116 -1.046 2.823  1.00 0.00 ? 3 TYR A HB3  6  
ATOM 735  H HD1  . TYR A 1 3 ? -4.039 -3.440 3.061  1.00 0.00 ? 3 TYR A HD1  6  
ATOM 736  H HD2  . TYR A 1 3 ? -0.001 -2.356 4.131  1.00 0.00 ? 3 TYR A HD2  6  
ATOM 737  H HE1  . TYR A 1 3 ? -3.838 -5.522 4.389  1.00 0.00 ? 3 TYR A HE1  6  
ATOM 738  H HE2  . TYR A 1 3 ? 0.210  -4.436 5.460  1.00 0.00 ? 3 TYR A HE2  6  
ATOM 739  H HH   . TYR A 1 3 ? -2.472 -6.821 5.712  1.00 0.00 ? 3 TYR A HH   6  
ATOM 740  N N    . TYR A 1 4 ? -3.359 0.071  0.315  1.00 0.00 ? 4 TYR A N    6  
ATOM 741  C CA   . TYR A 1 4 ? -3.846 1.241  -0.436 1.00 0.00 ? 4 TYR A CA   6  
ATOM 742  C C    . TYR A 1 4 ? -2.892 1.738  -1.536 1.00 0.00 ? 4 TYR A C    6  
ATOM 743  O O    . TYR A 1 4 ? -2.898 1.180  -2.633 1.00 0.00 ? 4 TYR A O    6  
ATOM 744  C CB   . TYR A 1 4 ? -4.287 2.340  0.557  1.00 0.00 ? 4 TYR A CB   6  
ATOM 745  C CG   . TYR A 1 4 ? -5.040 3.485  -0.098 1.00 0.00 ? 4 TYR A CG   6  
ATOM 746  C CD1  . TYR A 1 4 ? -6.341 3.271  -0.592 1.00 0.00 ? 4 TYR A CD1  6  
ATOM 747  C CD2  . TYR A 1 4 ? -4.441 4.753  -0.230 1.00 0.00 ? 4 TYR A CD2  6  
ATOM 748  C CE1  . TYR A 1 4 ? -7.043 4.316  -1.217 1.00 0.00 ? 4 TYR A CE1  6  
ATOM 749  C CE2  . TYR A 1 4 ? -5.134 5.802  -0.858 1.00 0.00 ? 4 TYR A CE2  6  
ATOM 750  C CZ   . TYR A 1 4 ? -6.441 5.589  -1.354 1.00 0.00 ? 4 TYR A CZ   6  
ATOM 751  O OH   . TYR A 1 4 ? -7.117 6.603  -1.968 1.00 0.00 ? 4 TYR A OH   6  
ATOM 752  H H    . TYR A 1 4 ? -4.038 -0.372 0.917  1.00 0.00 ? 4 TYR A H    6  
ATOM 753  H HA   . TYR A 1 4 ? -4.735 0.923  -0.979 1.00 0.00 ? 4 TYR A HA   6  
ATOM 754  H HB2  . TYR A 1 4 ? -4.941 1.899  1.313  1.00 0.00 ? 4 TYR A HB2  6  
ATOM 755  H HB3  . TYR A 1 4 ? -3.419 2.727  1.095  1.00 0.00 ? 4 TYR A HB3  6  
ATOM 756  H HD1  . TYR A 1 4 ? -6.806 2.300  -0.496 1.00 0.00 ? 4 TYR A HD1  6  
ATOM 757  H HD2  . TYR A 1 4 ? -3.442 4.925  0.144  1.00 0.00 ? 4 TYR A HD2  6  
ATOM 758  H HE1  . TYR A 1 4 ? -8.041 4.143  -1.596 1.00 0.00 ? 4 TYR A HE1  6  
ATOM 759  H HE2  . TYR A 1 4 ? -4.664 6.770  -0.963 1.00 0.00 ? 4 TYR A HE2  6  
ATOM 760  H HH   . TYR A 1 4 ? -6.612 7.420  -2.008 1.00 0.00 ? 4 TYR A HH   6  
ATOM 761  N N    . ARG A 1 5 ? -2.064 2.746  -1.227 1.00 0.00 ? 5 ARG A N    6  
ATOM 762  C CA   . ARG A 1 5 ? -1.058 3.322  -2.120 1.00 0.00 ? 5 ARG A CA   6  
ATOM 763  C C    . ARG A 1 5 ? 0.290  3.468  -1.385 1.00 0.00 ? 5 ARG A C    6  
ATOM 764  O O    . ARG A 1 5 ? 0.950  4.506  -1.436 1.00 0.00 ? 5 ARG A O    6  
ATOM 765  C CB   . ARG A 1 5 ? -1.580 4.632  -2.721 1.00 0.00 ? 5 ARG A CB   6  
ATOM 766  C CG   . ARG A 1 5 ? -2.685 4.366  -3.758 1.00 0.00 ? 5 ARG A CG   6  
ATOM 767  C CD   . ARG A 1 5 ? -3.197 5.656  -4.404 1.00 0.00 ? 5 ARG A CD   6  
ATOM 768  N NE   . ARG A 1 5 ? -4.016 5.375  -5.596 1.00 0.00 ? 5 ARG A NE   6  
ATOM 769  C CZ   . ARG A 1 5 ? -5.273 4.894  -5.610 1.00 0.00 ? 5 ARG A CZ   6  
ATOM 770  N NH1  . ARG A 1 5 ? -5.947 4.636  -4.481 1.00 0.00 ? 5 ARG A NH1  6  
ATOM 771  N NH2  . ARG A 1 5 ? -5.867 4.663  -6.788 1.00 0.00 ? 5 ARG A NH2  6  
ATOM 772  H H    . ARG A 1 5 ? -2.196 3.198  -0.332 1.00 0.00 ? 5 ARG A H    6  
ATOM 773  H HA   . ARG A 1 5 ? -0.890 2.642  -2.957 1.00 0.00 ? 5 ARG A HA   6  
ATOM 774  H HB2  . ARG A 1 5 ? -1.946 5.294  -1.935 1.00 0.00 ? 5 ARG A HB2  6  
ATOM 775  H HB3  . ARG A 1 5 ? -0.739 5.101  -3.224 1.00 0.00 ? 5 ARG A HB3  6  
ATOM 776  H HG2  . ARG A 1 5 ? -2.280 3.717  -4.538 1.00 0.00 ? 5 ARG A HG2  6  
ATOM 777  H HG3  . ARG A 1 5 ? -3.524 3.858  -3.282 1.00 0.00 ? 5 ARG A HG3  6  
ATOM 778  H HD2  . ARG A 1 5 ? -3.782 6.223  -3.677 1.00 0.00 ? 5 ARG A HD2  6  
ATOM 779  H HD3  . ARG A 1 5 ? -2.346 6.262  -4.715 1.00 0.00 ? 5 ARG A HD3  6  
ATOM 780  H HE   . ARG A 1 5 ? -3.571 5.546  -6.487 1.00 0.00 ? 5 ARG A HE   6  
ATOM 781  H HH11 . ARG A 1 5 ? -5.515 4.802  -3.585 1.00 0.00 ? 5 ARG A HH11 6  
ATOM 782  H HH12 . ARG A 1 5 ? -6.890 4.275  -4.527 1.00 0.00 ? 5 ARG A HH12 6  
ATOM 783  H HH21 . ARG A 1 5 ? -5.372 4.848  -7.648 1.00 0.00 ? 5 ARG A HH21 6  
ATOM 784  H HH22 . ARG A 1 5 ? -6.809 4.299  -6.816 1.00 0.00 ? 5 ARG A HH22 6  
ATOM 785  N N    . PHE A 1 6 ? 0.677  2.392  -0.688 1.00 0.00 ? 6 PHE A N    6  
ATOM 786  C CA   . PHE A 1 6 ? 1.878  2.203  0.104  1.00 0.00 ? 6 PHE A CA   6  
ATOM 787  C C    . PHE A 1 6 ? 2.452  0.815  -0.254 1.00 0.00 ? 6 PHE A C    6  
ATOM 788  O O    . PHE A 1 6 ? 2.275  0.339  -1.377 1.00 0.00 ? 6 PHE A O    6  
ATOM 789  C CB   . PHE A 1 6 ? 1.501  2.344  1.593  1.00 0.00 ? 6 PHE A CB   6  
ATOM 790  C CG   . PHE A 1 6 ? 0.692  3.589  1.914  1.00 0.00 ? 6 PHE A CG   6  
ATOM 791  C CD1  . PHE A 1 6 ? 1.312  4.853  1.911  1.00 0.00 ? 6 PHE A CD1  6  
ATOM 792  C CD2  . PHE A 1 6 ? -0.692 3.490  2.155  1.00 0.00 ? 6 PHE A CD2  6  
ATOM 793  C CE1  . PHE A 1 6 ? 0.550  6.012  2.142  1.00 0.00 ? 6 PHE A CE1  6  
ATOM 794  C CE2  . PHE A 1 6 ? -1.453 4.650  2.388  1.00 0.00 ? 6 PHE A CE2  6  
ATOM 795  C CZ   . PHE A 1 6 ? -0.832 5.911  2.379  1.00 0.00 ? 6 PHE A CZ   6  
ATOM 796  H H    . PHE A 1 6 ? 0.054  1.612  -0.649 1.00 0.00 ? 6 PHE A H    6  
ATOM 797  H HA   . PHE A 1 6 ? 2.615  2.966  -0.147 1.00 0.00 ? 6 PHE A HA   6  
ATOM 798  H HB2  . PHE A 1 6 ? 0.925  1.466  1.893  1.00 0.00 ? 6 PHE A HB2  6  
ATOM 799  H HB3  . PHE A 1 6 ? 2.414  2.362  2.190  1.00 0.00 ? 6 PHE A HB3  6  
ATOM 800  H HD1  . PHE A 1 6 ? 2.372  4.938  1.714  1.00 0.00 ? 6 PHE A HD1  6  
ATOM 801  H HD2  . PHE A 1 6 ? -1.178 2.526  2.146  1.00 0.00 ? 6 PHE A HD2  6  
ATOM 802  H HE1  . PHE A 1 6 ? 1.027  6.982  2.131  1.00 0.00 ? 6 PHE A HE1  6  
ATOM 803  H HE2  . PHE A 1 6 ? -2.514 4.572  2.568  1.00 0.00 ? 6 PHE A HE2  6  
ATOM 804  H HZ   . PHE A 1 6 ? -1.417 6.802  2.552  1.00 0.00 ? 6 PHE A HZ   6  
ATOM 805  N N    . ARG A 1 1 ? 3.164  0.200  0.616  1.00 0.00 ? 1 ARG A N    7  
ATOM 806  C CA   . ARG A 1 1 ? 3.883  -1.066 0.484  1.00 0.00 ? 1 ARG A CA   7  
ATOM 807  C C    . ARG A 1 1 ? 2.959  -2.255 0.170  1.00 0.00 ? 1 ARG A C    7  
ATOM 808  O O    . ARG A 1 1 ? 3.066  -2.833 -0.910 1.00 0.00 ? 1 ARG A O    7  
ATOM 809  C CB   . ARG A 1 1 ? 4.653  -1.368 1.779  1.00 0.00 ? 1 ARG A CB   7  
ATOM 810  C CG   . ARG A 1 1 ? 5.839  -0.439 2.066  1.00 0.00 ? 1 ARG A CG   7  
ATOM 811  C CD   . ARG A 1 1 ? 6.513  -0.915 3.358  1.00 0.00 ? 1 ARG A CD   7  
ATOM 812  N NE   . ARG A 1 1 ? 7.672  -0.085 3.716  1.00 0.00 ? 1 ARG A NE   7  
ATOM 813  C CZ   . ARG A 1 1 ? 8.336  -0.160 4.884  1.00 0.00 ? 1 ARG A CZ   7  
ATOM 814  N NH1  . ARG A 1 1 ? 7.968  -1.019 5.847  1.00 0.00 ? 1 ARG A NH1  7  
ATOM 815  N NH2  . ARG A 1 1 ? 9.387  0.642  5.092  1.00 0.00 ? 1 ARG A NH2  7  
ATOM 816  H H    . ARG A 1 1 ? 3.262  0.720  1.472  1.00 0.00 ? 1 ARG A H    7  
ATOM 817  H HA   . ARG A 1 1 ? 4.604  -0.969 -0.329 1.00 0.00 ? 1 ARG A HA   7  
ATOM 818  H HB2  . ARG A 1 1 ? 3.964  -1.332 2.625  1.00 0.00 ? 1 ARG A HB2  7  
ATOM 819  H HB3  . ARG A 1 1 ? 5.032  -2.385 1.697  1.00 0.00 ? 1 ARG A HB3  7  
ATOM 820  H HG2  . ARG A 1 1 ? 6.550  -0.485 1.241  1.00 0.00 ? 1 ARG A HG2  7  
ATOM 821  H HG3  . ARG A 1 1 ? 5.489  0.586  2.191  1.00 0.00 ? 1 ARG A HG3  7  
ATOM 822  H HD2  . ARG A 1 1 ? 5.787  -0.878 4.170  1.00 0.00 ? 1 ARG A HD2  7  
ATOM 823  H HD3  . ARG A 1 1 ? 6.846  -1.945 3.231  1.00 0.00 ? 1 ARG A HD3  7  
ATOM 824  H HE   . ARG A 1 1 ? 7.991  0.577  3.022  1.00 0.00 ? 1 ARG A HE   7  
ATOM 825  H HH11 . ARG A 1 1 ? 7.174  -1.628 5.704  1.00 0.00 ? 1 ARG A HH11 7  
ATOM 826  H HH12 . ARG A 1 1 ? 8.479  -1.052 6.717  1.00 0.00 ? 1 ARG A HH12 7  
ATOM 827  H HH21 . ARG A 1 1 ? 9.678  1.293  4.377  1.00 0.00 ? 1 ARG A HH21 7  
ATOM 828  H HH22 . ARG A 1 1 ? 9.892  0.595  5.967  1.00 0.00 ? 1 ARG A HH22 7  
ATOM 829  N N    . ARG A 1 2 ? 2.070  -2.609 1.115  1.00 0.00 ? 2 ARG A N    7  
ATOM 830  C CA   . ARG A 1 2 ? 1.279  -3.850 1.097  1.00 0.00 ? 2 ARG A CA   7  
ATOM 831  C C    . ARG A 1 2 ? -0.242 -3.598 1.135  1.00 0.00 ? 2 ARG A C    7  
ATOM 832  O O    . ARG A 1 2 ? -1.013 -4.518 1.415  1.00 0.00 ? 2 ARG A O    7  
ATOM 833  C CB   . ARG A 1 2 ? 1.708  -4.727 2.290  1.00 0.00 ? 2 ARG A CB   7  
ATOM 834  C CG   . ARG A 1 2 ? 3.221  -4.987 2.362  1.00 0.00 ? 2 ARG A CG   7  
ATOM 835  C CD   . ARG A 1 2 ? 3.592  -5.883 3.547  1.00 0.00 ? 2 ARG A CD   7  
ATOM 836  N NE   . ARG A 1 2 ? 5.050  -5.905 3.756  1.00 0.00 ? 2 ARG A NE   7  
ATOM 837  C CZ   . ARG A 1 2 ? 5.760  -4.978 4.429  1.00 0.00 ? 2 ARG A CZ   7  
ATOM 838  N NH1  . ARG A 1 2 ? 5.172  -3.926 5.021  1.00 0.00 ? 2 ARG A NH1  7  
ATOM 839  N NH2  . ARG A 1 2 ? 7.090  -5.104 4.507  1.00 0.00 ? 2 ARG A NH2  7  
ATOM 840  H H    . ARG A 1 2 ? 2.126  -2.131 2.005  1.00 0.00 ? 2 ARG A H    7  
ATOM 841  H HA   . ARG A 1 2 ? 1.500  -4.400 0.181  1.00 0.00 ? 2 ARG A HA   7  
ATOM 842  H HB2  . ARG A 1 2 ? 1.393  -4.231 3.211  1.00 0.00 ? 2 ARG A HB2  7  
ATOM 843  H HB3  . ARG A 1 2 ? 1.193  -5.686 2.220  1.00 0.00 ? 2 ARG A HB3  7  
ATOM 844  H HG2  . ARG A 1 2 ? 3.562  -5.450 1.434  1.00 0.00 ? 2 ARG A HG2  7  
ATOM 845  H HG3  . ARG A 1 2 ? 3.736  -4.038 2.492  1.00 0.00 ? 2 ARG A HG3  7  
ATOM 846  H HD2  . ARG A 1 2 ? 3.103  -5.516 4.449  1.00 0.00 ? 2 ARG A HD2  7  
ATOM 847  H HD3  . ARG A 1 2 ? 3.243  -6.897 3.352  1.00 0.00 ? 2 ARG A HD3  7  
ATOM 848  H HE   . ARG A 1 2 ? 5.552  -6.672 3.332  1.00 0.00 ? 2 ARG A HE   7  
ATOM 849  H HH11 . ARG A 1 2 ? 4.168  -3.816 4.972  1.00 0.00 ? 2 ARG A HH11 7  
ATOM 850  H HH12 . ARG A 1 2 ? 5.731  -3.249 5.520  1.00 0.00 ? 2 ARG A HH12 7  
ATOM 851  H HH21 . ARG A 1 2 ? 7.551  -5.888 4.065  1.00 0.00 ? 2 ARG A HH21 7  
ATOM 852  H HH22 . ARG A 1 2 ? 7.635  -4.418 5.009  1.00 0.00 ? 2 ARG A HH22 7  
ATOM 853  N N    . TYR A 1 3 ? -0.665 -2.351 0.887  1.00 0.00 ? 3 TYR A N    7  
ATOM 854  C CA   . TYR A 1 3 ? -2.003 -1.810 1.057  1.00 0.00 ? 3 TYR A CA   7  
ATOM 855  C C    . TYR A 1 3 ? -2.138 -0.559 0.169  1.00 0.00 ? 3 TYR A C    7  
ATOM 856  O O    . TYR A 1 3 ? -1.170 -0.129 -0.460 1.00 0.00 ? 3 TYR A O    7  
ATOM 857  C CB   . TYR A 1 3 ? -2.228 -1.437 2.537  1.00 0.00 ? 3 TYR A CB   7  
ATOM 858  C CG   . TYR A 1 3 ? -2.258 -2.617 3.492  1.00 0.00 ? 3 TYR A CG   7  
ATOM 859  C CD1  . TYR A 1 3 ? -3.370 -3.481 3.497  1.00 0.00 ? 3 TYR A CD1  7  
ATOM 860  C CD2  . TYR A 1 3 ? -1.172 -2.867 4.355  1.00 0.00 ? 3 TYR A CD2  7  
ATOM 861  C CE1  . TYR A 1 3 ? -3.401 -4.593 4.356  1.00 0.00 ? 3 TYR A CE1  7  
ATOM 862  C CE2  . TYR A 1 3 ? -1.195 -3.978 5.217  1.00 0.00 ? 3 TYR A CE2  7  
ATOM 863  C CZ   . TYR A 1 3 ? -2.311 -4.847 5.220  1.00 0.00 ? 3 TYR A CZ   7  
ATOM 864  O OH   . TYR A 1 3 ? -2.336 -5.927 6.054  1.00 0.00 ? 3 TYR A OH   7  
ATOM 865  H H    . TYR A 1 3 ? -0.008 -1.697 0.509  1.00 0.00 ? 3 TYR A H    7  
ATOM 866  H HA   . TYR A 1 3 ? -2.740 -2.554 0.751  1.00 0.00 ? 3 TYR A HA   7  
ATOM 867  H HB2  . TYR A 1 3 ? -1.449 -0.738 2.848  1.00 0.00 ? 3 TYR A HB2  7  
ATOM 868  H HB3  . TYR A 1 3 ? -3.182 -0.919 2.635  1.00 0.00 ? 3 TYR A HB3  7  
ATOM 869  H HD1  . TYR A 1 3 ? -4.203 -3.297 2.833  1.00 0.00 ? 3 TYR A HD1  7  
ATOM 870  H HD2  . TYR A 1 3 ? -0.313 -2.213 4.351  1.00 0.00 ? 3 TYR A HD2  7  
ATOM 871  H HE1  . TYR A 1 3 ? -4.257 -5.254 4.351  1.00 0.00 ? 3 TYR A HE1  7  
ATOM 872  H HE2  . TYR A 1 3 ? -0.357 -4.166 5.872  1.00 0.00 ? 3 TYR A HE2  7  
ATOM 873  H HH   . TYR A 1 3 ? -1.548 -6.002 6.597  1.00 0.00 ? 3 TYR A HH   7  
ATOM 874  N N    . TYR A 1 4 ? -3.359 -0.001 0.157  1.00 0.00 ? 4 TYR A N    7  
ATOM 875  C CA   . TYR A 1 4 ? -3.851 1.182  -0.564 1.00 0.00 ? 4 TYR A CA   7  
ATOM 876  C C    . TYR A 1 4 ? -2.895 1.744  -1.626 1.00 0.00 ? 4 TYR A C    7  
ATOM 877  O O    . TYR A 1 4 ? -2.902 1.263  -2.757 1.00 0.00 ? 4 TYR A O    7  
ATOM 878  C CB   . TYR A 1 4 ? -4.330 2.230  0.465  1.00 0.00 ? 4 TYR A CB   7  
ATOM 879  C CG   . TYR A 1 4 ? -5.044 3.422  -0.150 1.00 0.00 ? 4 TYR A CG   7  
ATOM 880  C CD1  . TYR A 1 4 ? -6.278 3.238  -0.802 1.00 0.00 ? 4 TYR A CD1  7  
ATOM 881  C CD2  . TYR A 1 4 ? -4.474 4.710  -0.080 1.00 0.00 ? 4 TYR A CD2  7  
ATOM 882  C CE1  . TYR A 1 4 ? -6.938 4.330  -1.395 1.00 0.00 ? 4 TYR A CE1  7  
ATOM 883  C CE2  . TYR A 1 4 ? -5.126 5.807  -0.670 1.00 0.00 ? 4 TYR A CE2  7  
ATOM 884  C CZ   . TYR A 1 4 ? -6.361 5.620  -1.333 1.00 0.00 ? 4 TYR A CZ   7  
ATOM 885  O OH   . TYR A 1 4 ? -6.995 6.680  -1.912 1.00 0.00 ? 4 TYR A OH   7  
ATOM 886  H H    . TYR A 1 4 ? -4.030 -0.437 0.773  1.00 0.00 ? 4 TYR A H    7  
ATOM 887  H HA   . TYR A 1 4 ? -4.715 0.859  -1.138 1.00 0.00 ? 4 TYR A HA   7  
ATOM 888  H HB2  . TYR A 1 4 ? -5.018 1.757  1.168  1.00 0.00 ? 4 TYR A HB2  7  
ATOM 889  H HB3  . TYR A 1 4 ? -3.482 2.580  1.060  1.00 0.00 ? 4 TYR A HB3  7  
ATOM 890  H HD1  . TYR A 1 4 ? -6.721 2.255  -0.857 1.00 0.00 ? 4 TYR A HD1  7  
ATOM 891  H HD2  . TYR A 1 4 ? -3.525 4.860  0.413  1.00 0.00 ? 4 TYR A HD2  7  
ATOM 892  H HE1  . TYR A 1 4 ? -7.881 4.178  -1.898 1.00 0.00 ? 4 TYR A HE1  7  
ATOM 893  H HE2  . TYR A 1 4 ? -4.680 6.788  -0.619 1.00 0.00 ? 4 TYR A HE2  7  
ATOM 894  H HH   . TYR A 1 4 ? -7.825 6.439  -2.329 1.00 0.00 ? 4 TYR A HH   7  
ATOM 895  N N    . ARG A 1 5 ? -2.072 2.733  -1.252 1.00 0.00 ? 5 ARG A N    7  
ATOM 896  C CA   . ARG A 1 5 ? -1.101 3.393  -2.121 1.00 0.00 ? 5 ARG A CA   7  
ATOM 897  C C    . ARG A 1 5 ? 0.264  3.478  -1.417 1.00 0.00 ? 5 ARG A C    7  
ATOM 898  O O    . ARG A 1 5 ? 0.929  4.516  -1.420 1.00 0.00 ? 5 ARG A O    7  
ATOM 899  C CB   . ARG A 1 5 ? -1.635 4.760  -2.564 1.00 0.00 ? 5 ARG A CB   7  
ATOM 900  C CG   . ARG A 1 5 ? -2.905 4.652  -3.426 1.00 0.00 ? 5 ARG A CG   7  
ATOM 901  C CD   . ARG A 1 5 ? -3.399 6.012  -3.932 1.00 0.00 ? 5 ARG A CD   7  
ATOM 902  N NE   . ARG A 1 5 ? -2.511 6.571  -4.965 1.00 0.00 ? 5 ARG A NE   7  
ATOM 903  C CZ   . ARG A 1 5 ? -1.625 7.572  -4.804 1.00 0.00 ? 5 ARG A CZ   7  
ATOM 904  N NH1  . ARG A 1 5 ? -1.458 8.191  -3.625 1.00 0.00 ? 5 ARG A NH1  7  
ATOM 905  N NH2  . ARG A 1 5 ? -0.889 7.958  -5.853 1.00 0.00 ? 5 ARG A NH2  7  
ATOM 906  H H    . ARG A 1 5 ? -2.197 3.123  -0.328 1.00 0.00 ? 5 ARG A H    7  
ATOM 907  H HA   . ARG A 1 5 ? -0.962 2.795  -3.024 1.00 0.00 ? 5 ARG A HA   7  
ATOM 908  H HB2  . ARG A 1 5 ? -1.831 5.384  -1.690 1.00 0.00 ? 5 ARG A HB2  7  
ATOM 909  H HB3  . ARG A 1 5 ? -0.840 5.209  -3.150 1.00 0.00 ? 5 ARG A HB3  7  
ATOM 910  H HG2  . ARG A 1 5 ? -2.714 4.001  -4.281 1.00 0.00 ? 5 ARG A HG2  7  
ATOM 911  H HG3  . ARG A 1 5 ? -3.706 4.208  -2.836 1.00 0.00 ? 5 ARG A HG3  7  
ATOM 912  H HD2  . ARG A 1 5 ? -4.386 5.877  -4.374 1.00 0.00 ? 5 ARG A HD2  7  
ATOM 913  H HD3  . ARG A 1 5 ? -3.500 6.698  -3.091 1.00 0.00 ? 5 ARG A HD3  7  
ATOM 914  H HE   . ARG A 1 5 ? -2.581 6.151  -5.880 1.00 0.00 ? 5 ARG A HE   7  
ATOM 915  H HH11 . ARG A 1 5 ? -2.005 7.909  -2.825 1.00 0.00 ? 5 ARG A HH11 7  
ATOM 916  H HH12 . ARG A 1 5 ? -0.784 8.938  -3.539 1.00 0.00 ? 5 ARG A HH12 7  
ATOM 917  H HH21 . ARG A 1 5 ? -1.003 7.500  -6.745 1.00 0.00 ? 5 ARG A HH21 7  
ATOM 918  H HH22 . ARG A 1 5 ? -0.219 8.706  -5.752 1.00 0.00 ? 5 ARG A HH22 7  
ATOM 919  N N    . PHE A 1 6 ? 0.655  2.362  -0.789 1.00 0.00 ? 6 PHE A N    7  
ATOM 920  C CA   . PHE A 1 6 ? 1.838  2.161  0.019  1.00 0.00 ? 6 PHE A CA   7  
ATOM 921  C C    . PHE A 1 6 ? 2.406  0.771  -0.324 1.00 0.00 ? 6 PHE A C    7  
ATOM 922  O O    . PHE A 1 6 ? 2.187  0.245  -1.417 1.00 0.00 ? 6 PHE A O    7  
ATOM 923  C CB   . PHE A 1 6 ? 1.444  2.296  1.506  1.00 0.00 ? 6 PHE A CB   7  
ATOM 924  C CG   . PHE A 1 6 ? 0.664  3.553  1.846  1.00 0.00 ? 6 PHE A CG   7  
ATOM 925  C CD1  . PHE A 1 6 ? 1.310  4.805  1.852  1.00 0.00 ? 6 PHE A CD1  7  
ATOM 926  C CD2  . PHE A 1 6 ? -0.714 3.477  2.129  1.00 0.00 ? 6 PHE A CD2  7  
ATOM 927  C CE1  . PHE A 1 6 ? 0.579  5.974  2.133  1.00 0.00 ? 6 PHE A CE1  7  
ATOM 928  C CE2  . PHE A 1 6 ? -1.441 4.645  2.416  1.00 0.00 ? 6 PHE A CE2  7  
ATOM 929  C CZ   . PHE A 1 6 ? -0.795 5.895  2.415  1.00 0.00 ? 6 PHE A CZ   7  
ATOM 930  H H    . PHE A 1 6 ? 0.051  1.564  -0.825 1.00 0.00 ? 6 PHE A H    7  
ATOM 931  H HA   . PHE A 1 6 ? 2.587  2.918  -0.219 1.00 0.00 ? 6 PHE A HA   7  
ATOM 932  H HB2  . PHE A 1 6 ? 0.847  1.427  1.788  1.00 0.00 ? 6 PHE A HB2  7  
ATOM 933  H HB3  . PHE A 1 6 ? 2.349  2.284  2.114  1.00 0.00 ? 6 PHE A HB3  7  
ATOM 934  H HD1  . PHE A 1 6 ? 2.365  4.873  1.628  1.00 0.00 ? 6 PHE A HD1  7  
ATOM 935  H HD2  . PHE A 1 6 ? -1.220 2.522  2.121  1.00 0.00 ? 6 PHE A HD2  7  
ATOM 936  H HE1  . PHE A 1 6 ? 1.075  6.933  2.130  1.00 0.00 ? 6 PHE A HE1  7  
ATOM 937  H HE2  . PHE A 1 6 ? -2.496 4.584  2.635  1.00 0.00 ? 6 PHE A HE2  7  
ATOM 938  H HZ   . PHE A 1 6 ? -1.355 6.791  2.631  1.00 0.00 ? 6 PHE A HZ   7  
ATOM 939  N N    . ARG A 1 1 ? 3.170  0.194  0.512  1.00 0.00 ? 1 ARG A N    8  
ATOM 940  C CA   . ARG A 1 1 ? 3.924  -1.054 0.431  1.00 0.00 ? 1 ARG A CA   8  
ATOM 941  C C    . ARG A 1 1 ? 3.040  -2.281 0.167  1.00 0.00 ? 1 ARG A C    8  
ATOM 942  O O    . ARG A 1 1 ? 3.196  -2.927 -0.870 1.00 0.00 ? 1 ARG A O    8  
ATOM 943  C CB   . ARG A 1 1 ? 4.691  -1.243 1.749  1.00 0.00 ? 1 ARG A CB   8  
ATOM 944  C CG   . ARG A 1 1 ? 5.854  -0.251 1.902  1.00 0.00 ? 1 ARG A CG   8  
ATOM 945  C CD   . ARG A 1 1 ? 6.565  -0.450 3.244  1.00 0.00 ? 1 ARG A CD   8  
ATOM 946  N NE   . ARG A 1 1 ? 7.623  0.553  3.437  1.00 0.00 ? 1 ARG A NE   8  
ATOM 947  C CZ   . ARG A 1 1 ? 8.339  0.721  4.561  1.00 0.00 ? 1 ARG A CZ   8  
ATOM 948  N NH1  . ARG A 1 1 ? 8.156  -0.059 5.639  1.00 0.00 ? 1 ARG A NH1  8  
ATOM 949  N NH2  . ARG A 1 1 ? 9.261  1.694  4.610  1.00 0.00 ? 1 ARG A NH2  8  
ATOM 950  H H    . ARG A 1 1 ? 3.273  0.757  1.341  1.00 0.00 ? 1 ARG A H    8  
ATOM 951  H HA   . ARG A 1 1 ? 4.647  -0.970 -0.382 1.00 0.00 ? 1 ARG A HA   8  
ATOM 952  H HB2  . ARG A 1 1 ? 4.003  -1.122 2.589  1.00 0.00 ? 1 ARG A HB2  8  
ATOM 953  H HB3  . ARG A 1 1 ? 5.069  -2.263 1.772  1.00 0.00 ? 1 ARG A HB3  8  
ATOM 954  H HG2  . ARG A 1 1 ? 6.568  -0.398 1.091  1.00 0.00 ? 1 ARG A HG2  8  
ATOM 955  H HG3  . ARG A 1 1 ? 5.471  0.769  1.856  1.00 0.00 ? 1 ARG A HG3  8  
ATOM 956  H HD2  . ARG A 1 1 ? 5.836  -0.356 4.052  1.00 0.00 ? 1 ARG A HD2  8  
ATOM 957  H HD3  . ARG A 1 1 ? 7.004  -1.447 3.276  1.00 0.00 ? 1 ARG A HD3  8  
ATOM 958  H HE   . ARG A 1 1 ? 7.807  1.169  2.659  1.00 0.00 ? 1 ARG A HE   8  
ATOM 959  H HH11 . ARG A 1 1 ? 7.465  -0.795 5.615  1.00 0.00 ? 1 ARG A HH11 8  
ATOM 960  H HH12 . ARG A 1 1 ? 8.708  0.090  6.470  1.00 0.00 ? 1 ARG A HH12 8  
ATOM 961  H HH21 . ARG A 1 1 ? 9.409  2.289  3.808  1.00 0.00 ? 1 ARG A HH21 8  
ATOM 962  H HH22 . ARG A 1 1 ? 9.806  1.831  5.448  1.00 0.00 ? 1 ARG A HH22 8  
ATOM 963  N N    . ARG A 1 2 ? 2.128  -2.591 1.100  1.00 0.00 ? 2 ARG A N    8  
ATOM 964  C CA   . ARG A 1 2 ? 1.339  -3.830 1.140  1.00 0.00 ? 2 ARG A CA   8  
ATOM 965  C C    . ARG A 1 2 ? -0.171 -3.522 1.275  1.00 0.00 ? 2 ARG A C    8  
ATOM 966  O O    . ARG A 1 2 ? -0.940 -4.367 1.733  1.00 0.00 ? 2 ARG A O    8  
ATOM 967  C CB   . ARG A 1 2 ? 1.853  -4.646 2.339  1.00 0.00 ? 2 ARG A CB   8  
ATOM 968  C CG   . ARG A 1 2 ? 1.658  -6.170 2.227  1.00 0.00 ? 2 ARG A CG   8  
ATOM 969  C CD   . ARG A 1 2 ? 2.065  -6.883 3.522  1.00 0.00 ? 2 ARG A CD   8  
ATOM 970  N NE   . ARG A 1 2 ? 1.047  -6.734 4.576  1.00 0.00 ? 2 ARG A NE   8  
ATOM 971  C CZ   . ARG A 1 2 ? -0.027 -7.531 4.744  1.00 0.00 ? 2 ARG A CZ   8  
ATOM 972  N NH1  . ARG A 1 2 ? -0.271 -8.569 3.929  1.00 0.00 ? 2 ARG A NH1  8  
ATOM 973  N NH2  . ARG A 1 2 ? -0.876 -7.283 5.748  1.00 0.00 ? 2 ARG A NH2  8  
ATOM 974  H H    . ARG A 1 2 ? 2.144  -2.051 1.957  1.00 0.00 ? 2 ARG A H    8  
ATOM 975  H HA   . ARG A 1 2 ? 1.519  -4.401 0.226  1.00 0.00 ? 2 ARG A HA   8  
ATOM 976  H HB2  . ARG A 1 2 ? 2.924  -4.462 2.447  1.00 0.00 ? 2 ARG A HB2  8  
ATOM 977  H HB3  . ARG A 1 2 ? 1.360  -4.271 3.236  1.00 0.00 ? 2 ARG A HB3  8  
ATOM 978  H HG2  . ARG A 1 2 ? 0.622  -6.420 2.000  1.00 0.00 ? 2 ARG A HG2  8  
ATOM 979  H HG3  . ARG A 1 2 ? 2.285  -6.551 1.421  1.00 0.00 ? 2 ARG A HG3  8  
ATOM 980  H HD2  . ARG A 1 2 ? 2.212  -7.943 3.311  1.00 0.00 ? 2 ARG A HD2  8  
ATOM 981  H HD3  . ARG A 1 2 ? 3.012  -6.479 3.879  1.00 0.00 ? 2 ARG A HD3  8  
ATOM 982  H HE   . ARG A 1 2 ? 1.173  -5.967 5.221  1.00 0.00 ? 2 ARG A HE   8  
ATOM 983  H HH11 . ARG A 1 2 ? 0.359  -8.771 3.167  1.00 0.00 ? 2 ARG A HH11 8  
ATOM 984  H HH12 . ARG A 1 2 ? -1.084 -9.150 4.080  1.00 0.00 ? 2 ARG A HH12 8  
ATOM 985  H HH21 . ARG A 1 2 ? -0.711 -6.504 6.369  1.00 0.00 ? 2 ARG A HH21 8  
ATOM 986  H HH22 . ARG A 1 2 ? -1.684 -7.875 5.882  1.00 0.00 ? 2 ARG A HH22 8  
ATOM 987  N N    . TYR A 1 3 ? -0.580 -2.291 0.926  1.00 0.00 ? 3 TYR A N    8  
ATOM 988  C CA   . TYR A 1 3 ? -1.877 -1.682 1.191  1.00 0.00 ? 3 TYR A CA   8  
ATOM 989  C C    . TYR A 1 3 ? -2.129 -0.550 0.176  1.00 0.00 ? 3 TYR A C    8  
ATOM 990  O O    . TYR A 1 3 ? -1.273 -0.258 -0.662 1.00 0.00 ? 3 TYR A O    8  
ATOM 991  C CB   . TYR A 1 3 ? -1.883 -1.075 2.611  1.00 0.00 ? 3 TYR A CB   8  
ATOM 992  C CG   . TYR A 1 3 ? -1.380 -1.962 3.737  1.00 0.00 ? 3 TYR A CG   8  
ATOM 993  C CD1  . TYR A 1 3 ? -2.199 -2.986 4.254  1.00 0.00 ? 3 TYR A CD1  8  
ATOM 994  C CD2  . TYR A 1 3 ? -0.088 -1.763 4.263  1.00 0.00 ? 3 TYR A CD2  8  
ATOM 995  C CE1  . TYR A 1 3 ? -1.730 -3.809 5.293  1.00 0.00 ? 3 TYR A CE1  8  
ATOM 996  C CE2  . TYR A 1 3 ? 0.385  -2.576 5.307  1.00 0.00 ? 3 TYR A CE2  8  
ATOM 997  C CZ   . TYR A 1 3 ? -0.435 -3.603 5.827  1.00 0.00 ? 3 TYR A CZ   8  
ATOM 998  O OH   . TYR A 1 3 ? 0.021  -4.390 6.845  1.00 0.00 ? 3 TYR A OH   8  
ATOM 999  H H    . TYR A 1 3 ? 0.043  -1.722 0.384  1.00 0.00 ? 3 TYR A H    8  
ATOM 1000 H HA   . TYR A 1 3 ? -2.659 -2.438 1.110  1.00 0.00 ? 3 TYR A HA   8  
ATOM 1001 H HB2  . TYR A 1 3 ? -1.274 -0.168 2.599  1.00 0.00 ? 3 TYR A HB2  8  
ATOM 1002 H HB3  . TYR A 1 3 ? -2.901 -0.770 2.856  1.00 0.00 ? 3 TYR A HB3  8  
ATOM 1003 H HD1  . TYR A 1 3 ? -3.187 -3.146 3.848  1.00 0.00 ? 3 TYR A HD1  8  
ATOM 1004 H HD2  . TYR A 1 3 ? 0.546  -0.984 3.866  1.00 0.00 ? 3 TYR A HD2  8  
ATOM 1005 H HE1  . TYR A 1 3 ? -2.362 -4.593 5.684  1.00 0.00 ? 3 TYR A HE1  8  
ATOM 1006 H HE2  . TYR A 1 3 ? 1.375  -2.415 5.706  1.00 0.00 ? 3 TYR A HE2  8  
ATOM 1007 H HH   . TYR A 1 3 ? 0.908  -4.156 7.130  1.00 0.00 ? 3 TYR A HH   8  
ATOM 1008 N N    . TYR A 1 4 ? -3.305 0.086  0.317  1.00 0.00 ? 4 TYR A N    8  
ATOM 1009 C CA   . TYR A 1 4 ? -3.839 1.253  -0.408 1.00 0.00 ? 4 TYR A CA   8  
ATOM 1010 C C    . TYR A 1 4 ? -2.949 1.806  -1.539 1.00 0.00 ? 4 TYR A C    8  
ATOM 1011 O O    . TYR A 1 4 ? -3.047 1.334  -2.672 1.00 0.00 ? 4 TYR A O    8  
ATOM 1012 C CB   . TYR A 1 4 ? -4.293 2.343  0.590  1.00 0.00 ? 4 TYR A CB   8  
ATOM 1013 C CG   . TYR A 1 4 ? -5.016 3.502  -0.079 1.00 0.00 ? 4 TYR A CG   8  
ATOM 1014 C CD1  . TYR A 1 4 ? -6.170 3.261  -0.854 1.00 0.00 ? 4 TYR A CD1  8  
ATOM 1015 C CD2  . TYR A 1 4 ? -4.515 4.814  0.032  1.00 0.00 ? 4 TYR A CD2  8  
ATOM 1016 C CE1  . TYR A 1 4 ? -6.807 4.315  -1.531 1.00 0.00 ? 4 TYR A CE1  8  
ATOM 1017 C CE2  . TYR A 1 4 ? -5.152 5.877  -0.631 1.00 0.00 ? 4 TYR A CE2  8  
ATOM 1018 C CZ   . TYR A 1 4 ? -6.297 5.629  -1.426 1.00 0.00 ? 4 TYR A CZ   8  
ATOM 1019 O OH   . TYR A 1 4 ? -6.904 6.655  -2.092 1.00 0.00 ? 4 TYR A OH   8  
ATOM 1020 H H    . TYR A 1 4 ? -3.909 -0.297 1.035  1.00 0.00 ? 4 TYR A H    8  
ATOM 1021 H HA   . TYR A 1 4 ? -4.738 0.911  -0.905 1.00 0.00 ? 4 TYR A HA   8  
ATOM 1022 H HB2  . TYR A 1 4 ? -4.963 1.907  1.336  1.00 0.00 ? 4 TYR A HB2  8  
ATOM 1023 H HB3  . TYR A 1 4 ? -3.431 2.722  1.144  1.00 0.00 ? 4 TYR A HB3  8  
ATOM 1024 H HD1  . TYR A 1 4 ? -6.565 2.260  -0.947 1.00 0.00 ? 4 TYR A HD1  8  
ATOM 1025 H HD2  . TYR A 1 4 ? -3.628 5.010  0.614  1.00 0.00 ? 4 TYR A HD2  8  
ATOM 1026 H HE1  . TYR A 1 4 ? -7.680 4.118  -2.134 1.00 0.00 ? 4 TYR A HE1  8  
ATOM 1027 H HE2  . TYR A 1 4 ? -4.757 6.879  -0.546 1.00 0.00 ? 4 TYR A HE2  8  
ATOM 1028 H HH   . TYR A 1 4 ? -6.473 7.501  -1.951 1.00 0.00 ? 4 TYR A HH   8  
ATOM 1029 N N    . ARG A 1 5 ? -2.083 2.782  -1.226 1.00 0.00 ? 5 ARG A N    8  
ATOM 1030 C CA   . ARG A 1 5 ? -1.141 3.429  -2.139 1.00 0.00 ? 5 ARG A CA   8  
ATOM 1031 C C    . ARG A 1 5 ? 0.255  3.465  -1.489 1.00 0.00 ? 5 ARG A C    8  
ATOM 1032 O O    . ARG A 1 5 ? 0.940  4.487  -1.478 1.00 0.00 ? 5 ARG A O    8  
ATOM 1033 C CB   . ARG A 1 5 ? -1.648 4.828  -2.506 1.00 0.00 ? 5 ARG A CB   8  
ATOM 1034 C CG   . ARG A 1 5 ? -2.900 4.804  -3.399 1.00 0.00 ? 5 ARG A CG   8  
ATOM 1035 C CD   . ARG A 1 5 ? -3.399 6.218  -3.719 1.00 0.00 ? 5 ARG A CD   8  
ATOM 1036 N NE   . ARG A 1 5 ? -2.423 6.989  -4.505 1.00 0.00 ? 5 ARG A NE   8  
ATOM 1037 C CZ   . ARG A 1 5 ? -2.418 8.326  -4.643 1.00 0.00 ? 5 ARG A CZ   8  
ATOM 1038 N NH1  . ARG A 1 5 ? -3.358 9.097  -4.073 1.00 0.00 ? 5 ARG A NH1  8  
ATOM 1039 N NH2  . ARG A 1 5 ? -1.450 8.904  -5.367 1.00 0.00 ? 5 ARG A NH2  8  
ATOM 1040 H H    . ARG A 1 5 ? -2.133 3.171  -0.297 1.00 0.00 ? 5 ARG A H    8  
ATOM 1041 H HA   . ARG A 1 5 ? -1.067 2.852  -3.062 1.00 0.00 ? 5 ARG A HA   8  
ATOM 1042 H HB2  . ARG A 1 5 ? -1.850 5.397  -1.597 1.00 0.00 ? 5 ARG A HB2  8  
ATOM 1043 H HB3  . ARG A 1 5 ? -0.842 5.312  -3.051 1.00 0.00 ? 5 ARG A HB3  8  
ATOM 1044 H HG2  . ARG A 1 5 ? -2.675 4.283  -4.329 1.00 0.00 ? 5 ARG A HG2  8  
ATOM 1045 H HG3  . ARG A 1 5 ? -3.702 4.271  -2.890 1.00 0.00 ? 5 ARG A HG3  8  
ATOM 1046 H HD2  . ARG A 1 5 ? -4.327 6.144  -4.288 1.00 0.00 ? 5 ARG A HD2  8  
ATOM 1047 H HD3  . ARG A 1 5 ? -3.606 6.740  -2.785 1.00 0.00 ? 5 ARG A HD3  8  
ATOM 1048 H HE   . ARG A 1 5 ? -1.692 6.459  -4.959 1.00 0.00 ? 5 ARG A HE   8  
ATOM 1049 H HH11 . ARG A 1 5 ? -4.091 8.674  -3.524 1.00 0.00 ? 5 ARG A HH11 8  
ATOM 1050 H HH12 . ARG A 1 5 ? -3.328 10.100 -4.192 1.00 0.00 ? 5 ARG A HH12 8  
ATOM 1051 H HH21 . ARG A 1 5 ? -0.736 8.336  -5.799 1.00 0.00 ? 5 ARG A HH21 8  
ATOM 1052 H HH22 . ARG A 1 5 ? -1.433 9.908  -5.477 1.00 0.00 ? 5 ARG A HH22 8  
ATOM 1053 N N    . PHE A 1 6 ? 0.640  2.327  -0.901 1.00 0.00 ? 6 PHE A N    8  
ATOM 1054 C CA   . PHE A 1 6 ? 1.799  2.103  -0.068 1.00 0.00 ? 6 PHE A CA   8  
ATOM 1055 C C    . PHE A 1 6 ? 2.374  0.718  -0.418 1.00 0.00 ? 6 PHE A C    8  
ATOM 1056 O O    . PHE A 1 6 ? 2.126  0.162  -1.489 1.00 0.00 ? 6 PHE A O    8  
ATOM 1057 C CB   . PHE A 1 6 ? 1.363  2.192  1.412  1.00 0.00 ? 6 PHE A CB   8  
ATOM 1058 C CG   . PHE A 1 6 ? 0.558  3.425  1.787  1.00 0.00 ? 6 PHE A CG   8  
ATOM 1059 C CD1  . PHE A 1 6 ? 1.157  4.698  1.756  1.00 0.00 ? 6 PHE A CD1  8  
ATOM 1060 C CD2  . PHE A 1 6 ? -0.795 3.297  2.160  1.00 0.00 ? 6 PHE A CD2  8  
ATOM 1061 C CE1  . PHE A 1 6 ? 0.404  5.840  2.084  1.00 0.00 ? 6 PHE A CE1  8  
ATOM 1062 C CE2  . PHE A 1 6 ? -1.542 4.439  2.499  1.00 0.00 ? 6 PHE A CE2  8  
ATOM 1063 C CZ   . PHE A 1 6 ? -0.946 5.710  2.455  1.00 0.00 ? 6 PHE A CZ   8  
ATOM 1064 H H    . PHE A 1 6 ? 0.036  1.533  -0.962 1.00 0.00 ? 6 PHE A H    8  
ATOM 1065 H HA   . PHE A 1 6 ? 2.554  2.864  -0.263 1.00 0.00 ? 6 PHE A HA   8  
ATOM 1066 H HB2  . PHE A 1 6 ? 0.773  1.305  1.652  1.00 0.00 ? 6 PHE A HB2  8  
ATOM 1067 H HB3  . PHE A 1 6 ? 2.252  2.174  2.045  1.00 0.00 ? 6 PHE A HB3  8  
ATOM 1068 H HD1  . PHE A 1 6 ? 2.193  4.804  1.471  1.00 0.00 ? 6 PHE A HD1  8  
ATOM 1069 H HD2  . PHE A 1 6 ? -1.262 2.325  2.188  1.00 0.00 ? 6 PHE A HD2  8  
ATOM 1070 H HE1  . PHE A 1 6 ? 0.864  6.816  2.052  1.00 0.00 ? 6 PHE A HE1  8  
ATOM 1071 H HE2  . PHE A 1 6 ? -2.577 4.339  2.789  1.00 0.00 ? 6 PHE A HE2  8  
ATOM 1072 H HZ   . PHE A 1 6 ? -1.523 6.587  2.708  1.00 0.00 ? 6 PHE A HZ   8  
ATOM 1073 N N    . ARG A 1 1 ? 3.097  0.226  0.846  1.00 0.00 ? 1 ARG A N    9  
ATOM 1074 C CA   . ARG A 1 1 ? 3.857  -1.025 0.810  1.00 0.00 ? 1 ARG A CA   9  
ATOM 1075 C C    . ARG A 1 1 ? 3.048  -2.192 0.217  1.00 0.00 ? 1 ARG A C    9  
ATOM 1076 O O    . ARG A 1 1 ? 3.328  -2.618 -0.902 1.00 0.00 ? 1 ARG A O    9  
ATOM 1077 C CB   . ARG A 1 1 ? 4.333  -1.377 2.232  1.00 0.00 ? 1 ARG A CB   9  
ATOM 1078 C CG   . ARG A 1 1 ? 5.348  -0.382 2.811  1.00 0.00 ? 1 ARG A CG   9  
ATOM 1079 C CD   . ARG A 1 1 ? 5.743  -0.818 4.227  1.00 0.00 ? 1 ARG A CD   9  
ATOM 1080 N NE   . ARG A 1 1 ? 6.659  0.148  4.852  1.00 0.00 ? 1 ARG A NE   9  
ATOM 1081 C CZ   . ARG A 1 1 ? 7.031  0.136  6.145  1.00 0.00 ? 1 ARG A CZ   9  
ATOM 1082 N NH1  . ARG A 1 1 ? 6.591  -0.803 6.996  1.00 0.00 ? 1 ARG A NH1  9  
ATOM 1083 N NH2  . ARG A 1 1 ? 7.862  1.086  6.595  1.00 0.00 ? 1 ARG A NH2  9  
ATOM 1084 H H    . ARG A 1 1 ? 3.044  0.701  1.735  1.00 0.00 ? 1 ARG A H    9  
ATOM 1085 H HA   . ARG A 1 1 ? 4.738  -0.870 0.184  1.00 0.00 ? 1 ARG A HA   9  
ATOM 1086 H HB2  . ARG A 1 1 ? 3.470  -1.422 2.900  1.00 0.00 ? 1 ARG A HB2  9  
ATOM 1087 H HB3  . ARG A 1 1 ? 4.788  -2.367 2.203  1.00 0.00 ? 1 ARG A HB3  9  
ATOM 1088 H HG2  . ARG A 1 1 ? 6.236  -0.354 2.177  1.00 0.00 ? 1 ARG A HG2  9  
ATOM 1089 H HG3  . ARG A 1 1 ? 4.905  0.614  2.856  1.00 0.00 ? 1 ARG A HG3  9  
ATOM 1090 H HD2  . ARG A 1 1 ? 4.843  -0.898 4.837  1.00 0.00 ? 1 ARG A HD2  9  
ATOM 1091 H HD3  . ARG A 1 1 ? 6.229  -1.794 4.182  1.00 0.00 ? 1 ARG A HD3  9  
ATOM 1092 H HE   . ARG A 1 1 ? 7.024  0.876  4.257  1.00 0.00 ? 1 ARG A HE   9  
ATOM 1093 H HH11 . ARG A 1 1 ? 5.961  -1.524 6.671  1.00 0.00 ? 1 ARG A HH11 9  
ATOM 1094 H HH12 . ARG A 1 1 ? 6.884  -0.787 7.963  1.00 0.00 ? 1 ARG A HH12 9  
ATOM 1095 H HH21 . ARG A 1 1 ? 8.201  1.800  5.966  1.00 0.00 ? 1 ARG A HH21 9  
ATOM 1096 H HH22 . ARG A 1 1 ? 8.147  1.090  7.564  1.00 0.00 ? 1 ARG A HH22 9  
ATOM 1097 N N    . ARG A 1 2 ? 2.059  -2.696 0.973  1.00 0.00 ? 2 ARG A N    9  
ATOM 1098 C CA   . ARG A 1 2 ? 1.263  -3.892 0.654  1.00 0.00 ? 2 ARG A CA   9  
ATOM 1099 C C    . ARG A 1 2 ? -0.242 -3.652 0.907  1.00 0.00 ? 2 ARG A C    9  
ATOM 1100 O O    . ARG A 1 2 ? -0.983 -4.558 1.286  1.00 0.00 ? 2 ARG A O    9  
ATOM 1101 C CB   . ARG A 1 2 ? 1.783  -5.066 1.495  1.00 0.00 ? 2 ARG A CB   9  
ATOM 1102 C CG   . ARG A 1 2 ? 3.250  -5.435 1.218  1.00 0.00 ? 2 ARG A CG   9  
ATOM 1103 C CD   . ARG A 1 2 ? 3.678  -6.635 2.069  1.00 0.00 ? 2 ARG A CD   9  
ATOM 1104 N NE   . ARG A 1 2 ? 5.093  -6.978 1.853  1.00 0.00 ? 2 ARG A NE   9  
ATOM 1105 C CZ   . ARG A 1 2 ? 6.147  -6.389 2.449  1.00 0.00 ? 2 ARG A CZ   9  
ATOM 1106 N NH1  . ARG A 1 2 ? 5.996  -5.390 3.332  1.00 0.00 ? 2 ARG A NH1  9  
ATOM 1107 N NH2  . ARG A 1 2 ? 7.383  -6.814 2.154  1.00 0.00 ? 2 ARG A NH2  9  
ATOM 1108 H H    . ARG A 1 2 ? 1.991  -2.351 1.924  1.00 0.00 ? 2 ARG A H    9  
ATOM 1109 H HA   . ARG A 1 2 ? 1.386  -4.134 -0.403 1.00 0.00 ? 2 ARG A HA   9  
ATOM 1110 H HB2  . ARG A 1 2 ? 1.665  -4.800 2.546  1.00 0.00 ? 2 ARG A HB2  9  
ATOM 1111 H HB3  . ARG A 1 2 ? 1.163  -5.932 1.273  1.00 0.00 ? 2 ARG A HB3  9  
ATOM 1112 H HG2  . ARG A 1 2 ? 3.368  -5.681 0.162  1.00 0.00 ? 2 ARG A HG2  9  
ATOM 1113 H HG3  . ARG A 1 2 ? 3.895  -4.591 1.461  1.00 0.00 ? 2 ARG A HG3  9  
ATOM 1114 H HD2  . ARG A 1 2 ? 3.513  -6.412 3.125  1.00 0.00 ? 2 ARG A HD2  9  
ATOM 1115 H HD3  . ARG A 1 2 ? 3.067  -7.498 1.801  1.00 0.00 ? 2 ARG A HD3  9  
ATOM 1116 H HE   . ARG A 1 2 ? 5.277  -7.723 1.197  1.00 0.00 ? 2 ARG A HE   9  
ATOM 1117 H HH11 . ARG A 1 2 ? 5.071  -5.059 3.566  1.00 0.00 ? 2 ARG A HH11 9  
ATOM 1118 H HH12 . ARG A 1 2 ? 6.807  -4.970 3.763  1.00 0.00 ? 2 ARG A HH12 9  
ATOM 1119 H HH21 . ARG A 1 2 ? 7.514  -7.564 1.491  1.00 0.00 ? 2 ARG A HH21 9  
ATOM 1120 H HH22 . ARG A 1 2 ? 8.184  -6.383 2.594  1.00 0.00 ? 2 ARG A HH22 9  
ATOM 1121 N N    . TYR A 1 3 ? -0.660 -2.394 0.737  1.00 0.00 ? 3 TYR A N    9  
ATOM 1122 C CA   . TYR A 1 3 ? -1.937 -1.787 1.088  1.00 0.00 ? 3 TYR A CA   9  
ATOM 1123 C C    . TYR A 1 3 ? -2.138 -0.556 0.182  1.00 0.00 ? 3 TYR A C    9  
ATOM 1124 O O    . TYR A 1 3 ? -1.221 -0.176 -0.550 1.00 0.00 ? 3 TYR A O    9  
ATOM 1125 C CB   . TYR A 1 3 ? -1.906 -1.345 2.568  1.00 0.00 ? 3 TYR A CB   9  
ATOM 1126 C CG   . TYR A 1 3 ? -1.412 -2.393 3.553  1.00 0.00 ? 3 TYR A CG   9  
ATOM 1127 C CD1  . TYR A 1 3 ? -2.270 -3.427 3.977  1.00 0.00 ? 3 TYR A CD1  9  
ATOM 1128 C CD2  . TYR A 1 3 ? -0.073 -2.366 3.997  1.00 0.00 ? 3 TYR A CD2  9  
ATOM 1129 C CE1  . TYR A 1 3 ? -1.792 -4.437 4.831  1.00 0.00 ? 3 TYR A CE1  9  
ATOM 1130 C CE2  . TYR A 1 3 ? 0.411  -3.370 4.851  1.00 0.00 ? 3 TYR A CE2  9  
ATOM 1131 C CZ   . TYR A 1 3 ? -0.446 -4.415 5.268  1.00 0.00 ? 3 TYR A CZ   9  
ATOM 1132 O OH   . TYR A 1 3 ? 0.026  -5.400 6.086  1.00 0.00 ? 3 TYR A OH   9  
ATOM 1133 H H    . TYR A 1 3 ? -0.020 -1.773 0.292  1.00 0.00 ? 3 TYR A H    9  
ATOM 1134 H HA   . TYR A 1 3 ? -2.747 -2.502 0.932  1.00 0.00 ? 3 TYR A HA   9  
ATOM 1135 H HB2  . TYR A 1 3 ? -1.263 -0.467 2.653  1.00 0.00 ? 3 TYR A HB2  9  
ATOM 1136 H HB3  . TYR A 1 3 ? -2.911 -1.039 2.862  1.00 0.00 ? 3 TYR A HB3  9  
ATOM 1137 H HD1  . TYR A 1 3 ? -3.292 -3.460 3.630  1.00 0.00 ? 3 TYR A HD1  9  
ATOM 1138 H HD2  . TYR A 1 3 ? 0.593  -1.582 3.665  1.00 0.00 ? 3 TYR A HD2  9  
ATOM 1139 H HE1  . TYR A 1 3 ? -2.451 -5.233 5.144  1.00 0.00 ? 3 TYR A HE1  9  
ATOM 1140 H HE2  . TYR A 1 3 ? 1.442  -3.348 5.178  1.00 0.00 ? 3 TYR A HE2  9  
ATOM 1141 H HH   . TYR A 1 3 ? -0.637 -6.059 6.302  1.00 0.00 ? 3 TYR A HH   9  
ATOM 1142 N N    . TYR A 1 4 ? -3.330 0.056  0.279  1.00 0.00 ? 4 TYR A N    9  
ATOM 1143 C CA   . TYR A 1 4 ? -3.837 1.245  -0.429 1.00 0.00 ? 4 TYR A CA   9  
ATOM 1144 C C    . TYR A 1 4 ? -2.940 1.729  -1.582 1.00 0.00 ? 4 TYR A C    9  
ATOM 1145 O O    . TYR A 1 4 ? -3.036 1.194  -2.686 1.00 0.00 ? 4 TYR A O    9  
ATOM 1146 C CB   . TYR A 1 4 ? -4.174 2.346  0.601  1.00 0.00 ? 4 TYR A CB   9  
ATOM 1147 C CG   . TYR A 1 4 ? -4.915 3.527  -0.004 1.00 0.00 ? 4 TYR A CG   9  
ATOM 1148 C CD1  . TYR A 1 4 ? -6.248 3.369  -0.432 1.00 0.00 ? 4 TYR A CD1  9  
ATOM 1149 C CD2  . TYR A 1 4 ? -4.269 4.767  -0.172 1.00 0.00 ? 4 TYR A CD2  9  
ATOM 1150 C CE1  . TYR A 1 4 ? -6.933 4.441  -1.031 1.00 0.00 ? 4 TYR A CE1  9  
ATOM 1151 C CE2  . TYR A 1 4 ? -4.944 5.843  -0.775 1.00 0.00 ? 4 TYR A CE2  9  
ATOM 1152 C CZ   . TYR A 1 4 ? -6.281 5.684  -1.206 1.00 0.00 ? 4 TYR A CZ   9  
ATOM 1153 O OH   . TYR A 1 4 ? -6.938 6.722  -1.801 1.00 0.00 ? 4 TYR A OH   9  
ATOM 1154 H H    . TYR A 1 4 ? -3.958 -0.337 0.962  1.00 0.00 ? 4 TYR A H    9  
ATOM 1155 H HA   . TYR A 1 4 ? -4.777 0.968  -0.906 1.00 0.00 ? 4 TYR A HA   9  
ATOM 1156 H HB2  . TYR A 1 4 ? -4.801 1.926  1.391  1.00 0.00 ? 4 TYR A HB2  9  
ATOM 1157 H HB3  . TYR A 1 4 ? -3.263 2.695  1.089  1.00 0.00 ? 4 TYR A HB3  9  
ATOM 1158 H HD1  . TYR A 1 4 ? -6.747 2.418  -0.310 1.00 0.00 ? 4 TYR A HD1  9  
ATOM 1159 H HD2  . TYR A 1 4 ? -3.246 4.895  0.147  1.00 0.00 ? 4 TYR A HD2  9  
ATOM 1160 H HE1  . TYR A 1 4 ? -7.954 4.310  -1.360 1.00 0.00 ? 4 TYR A HE1  9  
ATOM 1161 H HE2  . TYR A 1 4 ? -4.438 6.787  -0.910 1.00 0.00 ? 4 TYR A HE2  9  
ATOM 1162 H HH   . TYR A 1 4 ? -7.836 6.499  -2.056 1.00 0.00 ? 4 TYR A HH   9  
ATOM 1163 N N    . ARG A 1 5 ? -2.054 2.699  -1.310 1.00 0.00 ? 5 ARG A N    9  
ATOM 1164 C CA   . ARG A 1 5 ? -1.064 3.247  -2.236 1.00 0.00 ? 5 ARG A CA   9  
ATOM 1165 C C    . ARG A 1 5 ? 0.291  3.399  -1.509 1.00 0.00 ? 5 ARG A C    9  
ATOM 1166 O O    . ARG A 1 5 ? 0.937  4.446  -1.559 1.00 0.00 ? 5 ARG A O    9  
ATOM 1167 C CB   . ARG A 1 5 ? -1.583 4.558  -2.840 1.00 0.00 ? 5 ARG A CB   9  
ATOM 1168 C CG   . ARG A 1 5 ? -2.736 4.296  -3.824 1.00 0.00 ? 5 ARG A CG   9  
ATOM 1169 C CD   . ARG A 1 5 ? -3.253 5.580  -4.478 1.00 0.00 ? 5 ARG A CD   9  
ATOM 1170 N NE   . ARG A 1 5 ? -4.153 5.285  -5.605 1.00 0.00 ? 5 ARG A NE   9  
ATOM 1171 C CZ   . ARG A 1 5 ? -5.408 4.800  -5.523 1.00 0.00 ? 5 ARG A CZ   9  
ATOM 1172 N NH1  . ARG A 1 5 ? -6.004 4.563  -4.346 1.00 0.00 ? 5 ARG A NH1  9  
ATOM 1173 N NH2  . ARG A 1 5 ? -6.079 4.543  -6.654 1.00 0.00 ? 5 ARG A NH2  9  
ATOM 1174 H H    . ARG A 1 5 ? -2.120 3.142  -0.402 1.00 0.00 ? 5 ARG A H    9  
ATOM 1175 H HA   . ARG A 1 5 ? -0.925 2.556  -3.074 1.00 0.00 ? 5 ARG A HA   9  
ATOM 1176 H HB2  . ARG A 1 5 ? -1.903 5.241  -2.051 1.00 0.00 ? 5 ARG A HB2  9  
ATOM 1177 H HB3  . ARG A 1 5 ? -0.755 5.000  -3.386 1.00 0.00 ? 5 ARG A HB3  9  
ATOM 1178 H HG2  . ARG A 1 5 ? -2.381 3.620  -4.604 1.00 0.00 ? 5 ARG A HG2  9  
ATOM 1179 H HG3  . ARG A 1 5 ? -3.563 3.821  -3.300 1.00 0.00 ? 5 ARG A HG3  9  
ATOM 1180 H HD2  . ARG A 1 5 ? -3.775 6.184  -3.734 1.00 0.00 ? 5 ARG A HD2  9  
ATOM 1181 H HD3  . ARG A 1 5 ? -2.407 6.149  -4.860 1.00 0.00 ? 5 ARG A HD3  9  
ATOM 1182 H HE   . ARG A 1 5 ? -3.773 5.440  -6.527 1.00 0.00 ? 5 ARG A HE   9  
ATOM 1183 H HH11 . ARG A 1 5 ? -5.511 4.748  -3.484 1.00 0.00 ? 5 ARG A HH11 9  
ATOM 1184 H HH12 . ARG A 1 5 ? -6.945 4.195  -4.322 1.00 0.00 ? 5 ARG A HH12 9  
ATOM 1185 H HH21 . ARG A 1 5 ? -5.643 4.709  -7.549 1.00 0.00 ? 5 ARG A HH21 9  
ATOM 1186 H HH22 . ARG A 1 5 ? -7.019 4.173  -6.610 1.00 0.00 ? 5 ARG A HH22 9  
ATOM 1187 N N    . PHE A 1 6 ? 0.686  2.331  -0.802 1.00 0.00 ? 6 PHE A N    9  
ATOM 1188 C CA   . PHE A 1 6 ? 1.838  2.201  0.077  1.00 0.00 ? 6 PHE A CA   9  
ATOM 1189 C C    . PHE A 1 6 ? 2.500  0.831  -0.193 1.00 0.00 ? 6 PHE A C    9  
ATOM 1190 O O    . PHE A 1 6 ? 2.494  0.353  -1.328 1.00 0.00 ? 6 PHE A O    9  
ATOM 1191 C CB   . PHE A 1 6 ? 1.366  2.358  1.539  1.00 0.00 ? 6 PHE A CB   9  
ATOM 1192 C CG   . PHE A 1 6 ? 0.519  3.586  1.823  1.00 0.00 ? 6 PHE A CG   9  
ATOM 1193 C CD1  . PHE A 1 6 ? 1.052  4.876  1.637  1.00 0.00 ? 6 PHE A CD1  9  
ATOM 1194 C CD2  . PHE A 1 6 ? -0.809 3.437  2.267  1.00 0.00 ? 6 PHE A CD2  9  
ATOM 1195 C CE1  . PHE A 1 6 ? 0.257  6.009  1.878  1.00 0.00 ? 6 PHE A CE1  9  
ATOM 1196 C CE2  . PHE A 1 6 ? -1.601 4.573  2.516  1.00 0.00 ? 6 PHE A CE2  9  
ATOM 1197 C CZ   . PHE A 1 6 ? -1.070 5.857  2.317  1.00 0.00 ? 6 PHE A CZ   9  
ATOM 1198 H H    . PHE A 1 6 ? 0.093  1.527  -0.816 1.00 0.00 ? 6 PHE A H    9  
ATOM 1199 H HA   . PHE A 1 6 ? 2.563  2.986  -0.143 1.00 0.00 ? 6 PHE A HA   9  
ATOM 1200 H HB2  . PHE A 1 6 ? 0.795  1.469  1.814  1.00 0.00 ? 6 PHE A HB2  9  
ATOM 1201 H HB3  . PHE A 1 6 ? 2.242  2.401  2.189  1.00 0.00 ? 6 PHE A HB3  9  
ATOM 1202 H HD1  . PHE A 1 6 ? 2.071  4.999  1.299  1.00 0.00 ? 6 PHE A HD1  9  
ATOM 1203 H HD2  . PHE A 1 6 ? -1.227 2.453  2.418  1.00 0.00 ? 6 PHE A HD2  9  
ATOM 1204 H HE1  . PHE A 1 6 ? 0.665  6.996  1.726  1.00 0.00 ? 6 PHE A HE1  9  
ATOM 1205 H HE2  . PHE A 1 6 ? -2.620 4.456  2.856  1.00 0.00 ? 6 PHE A HE2  9  
ATOM 1206 H HZ   . PHE A 1 6 ? -1.681 6.729  2.501  1.00 0.00 ? 6 PHE A HZ   9  
ATOM 1207 N N    . ARG A 1 1 ? 2.992  0.203  1.041  1.00 0.00 ? 1 ARG A N    10 
ATOM 1208 C CA   . ARG A 1 1 ? 3.778  -1.031 1.081  1.00 0.00 ? 1 ARG A CA   10 
ATOM 1209 C C    . ARG A 1 1 ? 3.077  -2.206 0.375  1.00 0.00 ? 1 ARG A C    10 
ATOM 1210 O O    . ARG A 1 1 ? 3.487  -2.591 -0.719 1.00 0.00 ? 1 ARG A O    10 
ATOM 1211 C CB   . ARG A 1 1 ? 4.081  -1.387 2.551  1.00 0.00 ? 1 ARG A CB   10 
ATOM 1212 C CG   . ARG A 1 1 ? 4.957  -0.352 3.271  1.00 0.00 ? 1 ARG A CG   10 
ATOM 1213 C CD   . ARG A 1 1 ? 5.151  -0.764 4.735  1.00 0.00 ? 1 ARG A CD   10 
ATOM 1214 N NE   . ARG A 1 1 ? 5.901  0.252  5.486  1.00 0.00 ? 1 ARG A NE   10 
ATOM 1215 C CZ   . ARG A 1 1 ? 5.971  0.335  6.827  1.00 0.00 ? 1 ARG A CZ   10 
ATOM 1216 N NH1  . ARG A 1 1 ? 5.347  -0.551 7.621  1.00 0.00 ? 1 ARG A NH1  10 
ATOM 1217 N NH2  . ARG A 1 1 ? 6.678  1.324  7.386  1.00 0.00 ? 1 ARG A NH2  10 
ATOM 1218 H H    . ARG A 1 1 ? 2.883  0.694  1.916  1.00 0.00 ? 1 ARG A H    10 
ATOM 1219 H HA   . ARG A 1 1 ? 4.727  -0.848 0.574  1.00 0.00 ? 1 ARG A HA   10 
ATOM 1220 H HB2  . ARG A 1 1 ? 3.141  -1.484 3.097  1.00 0.00 ? 1 ARG A HB2  10 
ATOM 1221 H HB3  . ARG A 1 1 ? 4.586  -2.353 2.574  1.00 0.00 ? 1 ARG A HB3  10 
ATOM 1222 H HG2  . ARG A 1 1 ? 5.927  -0.286 2.778  1.00 0.00 ? 1 ARG A HG2  10 
ATOM 1223 H HG3  . ARG A 1 1 ? 4.474  0.625  3.244  1.00 0.00 ? 1 ARG A HG3  10 
ATOM 1224 H HD2  . ARG A 1 1 ? 4.171  -0.896 5.196  1.00 0.00 ? 1 ARG A HD2  10 
ATOM 1225 H HD3  . ARG A 1 1 ? 5.691  -1.710 4.776  1.00 0.00 ? 1 ARG A HD3  10 
ATOM 1226 H HE   . ARG A 1 1 ? 6.394  0.945  4.940  1.00 0.00 ? 1 ARG A HE   10 
ATOM 1227 H HH11 . ARG A 1 1 ? 4.808  -1.302 7.214  1.00 0.00 ? 1 ARG A HH11 10 
ATOM 1228 H HH12 . ARG A 1 1 ? 5.415  -0.463 8.625  1.00 0.00 ? 1 ARG A HH12 10 
ATOM 1229 H HH21 . ARG A 1 1 ? 7.152  1.999  6.802  1.00 0.00 ? 1 ARG A HH21 10 
ATOM 1230 H HH22 . ARG A 1 1 ? 6.736  1.398  8.391  1.00 0.00 ? 1 ARG A HH22 10 
ATOM 1231 N N    . ARG A 1 2 ? 2.024  -2.753 1.004  1.00 0.00 ? 2 ARG A N    10 
ATOM 1232 C CA   . ARG A 1 2 ? 1.271  -3.932 0.546  1.00 0.00 ? 2 ARG A CA   10 
ATOM 1233 C C    . ARG A 1 2 ? -0.255 -3.735 0.703  1.00 0.00 ? 2 ARG A C    10 
ATOM 1234 O O    . ARG A 1 2 ? -1.004 -4.681 0.951  1.00 0.00 ? 2 ARG A O    10 
ATOM 1235 C CB   . ARG A 1 2 ? 1.745  -5.157 1.337  1.00 0.00 ? 2 ARG A CB   10 
ATOM 1236 C CG   . ARG A 1 2 ? 3.225  -5.513 1.118  1.00 0.00 ? 2 ARG A CG   10 
ATOM 1237 C CD   . ARG A 1 2 ? 3.618  -6.823 1.813  1.00 0.00 ? 2 ARG A CD   10 
ATOM 1238 N NE   . ARG A 1 2 ? 3.567  -6.715 3.280  1.00 0.00 ? 2 ARG A NE   10 
ATOM 1239 C CZ   . ARG A 1 2 ? 2.564  -7.128 4.078  1.00 0.00 ? 2 ARG A CZ   10 
ATOM 1240 N NH1  . ARG A 1 2 ? 1.458  -7.709 3.586  1.00 0.00 ? 2 ARG A NH1  10 
ATOM 1241 N NH2  . ARG A 1 2 ? 2.670  -6.952 5.401  1.00 0.00 ? 2 ARG A NH2  10 
ATOM 1242 H H    . ARG A 1 2 ? 1.861  -2.441 1.955  1.00 0.00 ? 2 ARG A H    10 
ATOM 1243 H HA   . ARG A 1 2 ? 1.472  -4.096 -0.515 1.00 0.00 ? 2 ARG A HA   10 
ATOM 1244 H HB2  . ARG A 1 2 ? 1.562  -4.957 2.391  1.00 0.00 ? 2 ARG A HB2  10 
ATOM 1245 H HB3  . ARG A 1 2 ? 1.143  -6.009 1.024  1.00 0.00 ? 2 ARG A HB3  10 
ATOM 1246 H HG2  . ARG A 1 2 ? 3.407  -5.624 0.048  1.00 0.00 ? 2 ARG A HG2  10 
ATOM 1247 H HG3  . ARG A 1 2 ? 3.864  -4.713 1.496  1.00 0.00 ? 2 ARG A HG3  10 
ATOM 1248 H HD2  . ARG A 1 2 ? 2.969  -7.628 1.464  1.00 0.00 ? 2 ARG A HD2  10 
ATOM 1249 H HD3  . ARG A 1 2 ? 4.641  -7.070 1.527  1.00 0.00 ? 2 ARG A HD3  10 
ATOM 1250 H HE   . ARG A 1 2 ? 4.369  -6.288 3.720  1.00 0.00 ? 2 ARG A HE   10 
ATOM 1251 H HH11 . ARG A 1 2 ? 1.361  -7.847 2.590  1.00 0.00 ? 2 ARG A HH11 10 
ATOM 1252 H HH12 . ARG A 1 2 ? 0.723  -8.006 4.212  1.00 0.00 ? 2 ARG A HH12 10 
ATOM 1253 H HH21 . ARG A 1 2 ? 3.496  -6.520 5.787  1.00 0.00 ? 2 ARG A HH21 10 
ATOM 1254 H HH22 . ARG A 1 2 ? 1.926  -7.256 6.012  1.00 0.00 ? 2 ARG A HH22 10 
ATOM 1255 N N    . TYR A 1 3 ? -0.686 -2.476 0.602  1.00 0.00 ? 3 TYR A N    10 
ATOM 1256 C CA   . TYR A 1 3 ? -1.995 -1.913 0.902  1.00 0.00 ? 3 TYR A CA   10 
ATOM 1257 C C    . TYR A 1 3 ? -2.129 -0.590 0.122  1.00 0.00 ? 3 TYR A C    10 
ATOM 1258 O O    . TYR A 1 3 ? -1.158 -0.129 -0.481 1.00 0.00 ? 3 TYR A O    10 
ATOM 1259 C CB   . TYR A 1 3 ? -2.100 -1.638 2.418  1.00 0.00 ? 3 TYR A CB   10 
ATOM 1260 C CG   . TYR A 1 3 ? -1.781 -2.827 3.313  1.00 0.00 ? 3 TYR A CG   10 
ATOM 1261 C CD1  . TYR A 1 3 ? -2.741 -3.837 3.518  1.00 0.00 ? 3 TYR A CD1  10 
ATOM 1262 C CD2  . TYR A 1 3 ? -0.500 -2.951 3.890  1.00 0.00 ? 3 TYR A CD2  10 
ATOM 1263 C CE1  . TYR A 1 3 ? -2.422 -4.972 4.283  1.00 0.00 ? 3 TYR A CE1  10 
ATOM 1264 C CE2  . TYR A 1 3 ? -0.172 -4.084 4.654  1.00 0.00 ? 3 TYR A CE2  10 
ATOM 1265 C CZ   . TYR A 1 3 ? -1.132 -5.103 4.850  1.00 0.00 ? 3 TYR A CZ   10 
ATOM 1266 O OH   . TYR A 1 3 ? -0.814 -6.210 5.583  1.00 0.00 ? 3 TYR A OH   10 
ATOM 1267 H H    . TYR A 1 3 ? -0.033 -1.819 0.233  1.00 0.00 ? 3 TYR A H    10 
ATOM 1268 H HA   . TYR A 1 3 ? -2.783 -2.606 0.596  1.00 0.00 ? 3 TYR A HA   10 
ATOM 1269 H HB2  . TYR A 1 3 ? -1.421 -0.822 2.670  1.00 0.00 ? 3 TYR A HB2  10 
ATOM 1270 H HB3  . TYR A 1 3 ? -3.112 -1.300 2.643  1.00 0.00 ? 3 TYR A HB3  10 
ATOM 1271 H HD1  . TYR A 1 3 ? -3.720 -3.752 3.071  1.00 0.00 ? 3 TYR A HD1  10 
ATOM 1272 H HD2  . TYR A 1 3 ? 0.247  -2.187 3.725  1.00 0.00 ? 3 TYR A HD2  10 
ATOM 1273 H HE1  . TYR A 1 3 ? -3.160 -5.749 4.428  1.00 0.00 ? 3 TYR A HE1  10 
ATOM 1274 H HE2  . TYR A 1 3 ? 0.817  -4.179 5.079  1.00 0.00 ? 3 TYR A HE2  10 
ATOM 1275 H HH   . TYR A 1 3 ? -1.538 -6.837 5.649  1.00 0.00 ? 3 TYR A HH   10 
ATOM 1276 N N    . TYR A 1 4 ? -3.333 0.004  0.175  1.00 0.00 ? 4 TYR A N    10 
ATOM 1277 C CA   . TYR A 1 4 ? -3.796 1.239  -0.489 1.00 0.00 ? 4 TYR A CA   10 
ATOM 1278 C C    . TYR A 1 4 ? -2.883 1.726  -1.630 1.00 0.00 ? 4 TYR A C    10 
ATOM 1279 O O    . TYR A 1 4 ? -2.953 1.177  -2.729 1.00 0.00 ? 4 TYR A O    10 
ATOM 1280 C CB   . TYR A 1 4 ? -4.109 2.312  0.576  1.00 0.00 ? 4 TYR A CB   10 
ATOM 1281 C CG   . TYR A 1 4 ? -4.885 3.497  0.026  1.00 0.00 ? 4 TYR A CG   10 
ATOM 1282 C CD1  . TYR A 1 4 ? -6.250 3.350  -0.286 1.00 0.00 ? 4 TYR A CD1  10 
ATOM 1283 C CD2  . TYR A 1 4 ? -4.248 4.735  -0.196 1.00 0.00 ? 4 TYR A CD2  10 
ATOM 1284 C CE1  . TYR A 1 4 ? -6.977 4.425  -0.826 1.00 0.00 ? 4 TYR A CE1  10 
ATOM 1285 C CE2  . TYR A 1 4 ? -4.965 5.815  -0.735 1.00 0.00 ? 4 TYR A CE2  10 
ATOM 1286 C CZ   . TYR A 1 4 ? -6.334 5.665  -1.057 1.00 0.00 ? 4 TYR A CZ   10 
ATOM 1287 O OH   . TYR A 1 4 ? -7.032 6.709  -1.590 1.00 0.00 ? 4 TYR A OH   10 
ATOM 1288 H H    . TYR A 1 4 ? -4.002 -0.450 0.777  1.00 0.00 ? 4 TYR A H    10 
ATOM 1289 H HA   . TYR A 1 4 ? -4.740 1.008  -0.982 1.00 0.00 ? 4 TYR A HA   10 
ATOM 1290 H HB2  . TYR A 1 4 ? -4.703 1.866  1.374  1.00 0.00 ? 4 TYR A HB2  10 
ATOM 1291 H HB3  . TYR A 1 4 ? -3.187 2.659  1.043  1.00 0.00 ? 4 TYR A HB3  10 
ATOM 1292 H HD1  . TYR A 1 4 ? -6.746 2.403  -0.118 1.00 0.00 ? 4 TYR A HD1  10 
ATOM 1293 H HD2  . TYR A 1 4 ? -3.200 4.858  0.036  1.00 0.00 ? 4 TYR A HD2  10 
ATOM 1294 H HE1  . TYR A 1 4 ? -8.023 4.302  -1.065 1.00 0.00 ? 4 TYR A HE1  10 
ATOM 1295 H HE2  . TYR A 1 4 ? -4.468 6.759  -0.906 1.00 0.00 ? 4 TYR A HE2  10 
ATOM 1296 H HH   . TYR A 1 4 ? -6.499 7.499  -1.702 1.00 0.00 ? 4 TYR A HH   10 
ATOM 1297 N N    . ARG A 1 5 ? -2.012 2.708  -1.354 1.00 0.00 ? 5 ARG A N    10 
ATOM 1298 C CA   . ARG A 1 5 ? -0.993 3.226  -2.268 1.00 0.00 ? 5 ARG A CA   10 
ATOM 1299 C C    . ARG A 1 5 ? 0.353  3.357  -1.526 1.00 0.00 ? 5 ARG A C    10 
ATOM 1300 O O    . ARG A 1 5 ? 1.031  4.383  -1.597 1.00 0.00 ? 5 ARG A O    10 
ATOM 1301 C CB   . ARG A 1 5 ? -1.466 4.540  -2.898 1.00 0.00 ? 5 ARG A CB   10 
ATOM 1302 C CG   . ARG A 1 5 ? -2.696 4.345  -3.803 1.00 0.00 ? 5 ARG A CG   10 
ATOM 1303 C CD   . ARG A 1 5 ? -3.035 5.585  -4.635 1.00 0.00 ? 5 ARG A CD   10 
ATOM 1304 N NE   . ARG A 1 5 ? -3.476 6.715  -3.800 1.00 0.00 ? 5 ARG A NE   10 
ATOM 1305 C CZ   . ARG A 1 5 ? -2.738 7.787  -3.461 1.00 0.00 ? 5 ARG A CZ   10 
ATOM 1306 N NH1  . ARG A 1 5 ? -1.463 7.926  -3.853 1.00 0.00 ? 5 ARG A NH1  10 
ATOM 1307 N NH2  . ARG A 1 5 ? -3.294 8.744  -2.709 1.00 0.00 ? 5 ARG A NH2  10 
ATOM 1308 H H    . ARG A 1 5 ? -2.096 3.172  -0.458 1.00 0.00 ? 5 ARG A H    10 
ATOM 1309 H HA   . ARG A 1 5 ? -0.855 2.521  -3.093 1.00 0.00 ? 5 ARG A HA   10 
ATOM 1310 H HB2  . ARG A 1 5 ? -1.683 5.270  -2.117 1.00 0.00 ? 5 ARG A HB2  10 
ATOM 1311 H HB3  . ARG A 1 5 ? -0.638 4.900  -3.505 1.00 0.00 ? 5 ARG A HB3  10 
ATOM 1312 H HG2  . ARG A 1 5 ? -2.499 3.524  -4.494 1.00 0.00 ? 5 ARG A HG2  10 
ATOM 1313 H HG3  . ARG A 1 5 ? -3.563 4.081  -3.197 1.00 0.00 ? 5 ARG A HG3  10 
ATOM 1314 H HD2  . ARG A 1 5 ? -2.170 5.865  -5.238 1.00 0.00 ? 5 ARG A HD2  10 
ATOM 1315 H HD3  . ARG A 1 5 ? -3.848 5.329  -5.315 1.00 0.00 ? 5 ARG A HD3  10 
ATOM 1316 H HE   . ARG A 1 5 ? -4.427 6.672  -3.464 1.00 0.00 ? 5 ARG A HE   10 
ATOM 1317 H HH11 . ARG A 1 5 ? -1.030 7.212  -4.421 1.00 0.00 ? 5 ARG A HH11 10 
ATOM 1318 H HH12 . ARG A 1 5 ? -0.937 8.745  -3.583 1.00 0.00 ? 5 ARG A HH12 10 
ATOM 1319 H HH21 . ARG A 1 5 ? -4.254 8.655  -2.406 1.00 0.00 ? 5 ARG A HH21 10 
ATOM 1320 H HH22 . ARG A 1 5 ? -2.756 9.557  -2.446 1.00 0.00 ? 5 ARG A HH22 10 
ATOM 1321 N N    . PHE A 1 6 ? 0.704  2.302  -0.776 1.00 0.00 ? 6 PHE A N    10 
ATOM 1322 C CA   . PHE A 1 6 ? 1.822  2.179  0.149  1.00 0.00 ? 6 PHE A CA   10 
ATOM 1323 C C    . PHE A 1 6 ? 2.469  0.791  -0.047 1.00 0.00 ? 6 PHE A C    10 
ATOM 1324 O O    . PHE A 1 6 ? 2.527  0.292  -1.172 1.00 0.00 ? 6 PHE A O    10 
ATOM 1325 C CB   . PHE A 1 6 ? 1.310  2.415  1.586  1.00 0.00 ? 6 PHE A CB   10 
ATOM 1326 C CG   . PHE A 1 6 ? 0.501  3.685  1.789  1.00 0.00 ? 6 PHE A CG   10 
ATOM 1327 C CD1  . PHE A 1 6 ? 1.078  4.946  1.547  1.00 0.00 ? 6 PHE A CD1  10 
ATOM 1328 C CD2  . PHE A 1 6 ? -0.840 3.605  2.213  1.00 0.00 ? 6 PHE A CD2  10 
ATOM 1329 C CE1  . PHE A 1 6 ? 0.314  6.116  1.702  1.00 0.00 ? 6 PHE A CE1  10 
ATOM 1330 C CE2  . PHE A 1 6 ? -1.602 4.775  2.374  1.00 0.00 ? 6 PHE A CE2  10 
ATOM 1331 C CZ   . PHE A 1 6 ? -1.028 6.030  2.112  1.00 0.00 ? 6 PHE A CZ   10 
ATOM 1332 H H    . PHE A 1 6 ? 0.093  1.511  -0.790 1.00 0.00 ? 6 PHE A H    10 
ATOM 1333 H HA   . PHE A 1 6 ? 2.575  2.932  -0.077 1.00 0.00 ? 6 PHE A HA   10 
ATOM 1334 H HB2  . PHE A 1 6 ? 0.697  1.560  1.879  1.00 0.00 ? 6 PHE A HB2  10 
ATOM 1335 H HB3  . PHE A 1 6 ? 2.165  2.456  2.262  1.00 0.00 ? 6 PHE A HB3  10 
ATOM 1336 H HD1  . PHE A 1 6 ? 2.108  5.019  1.227  1.00 0.00 ? 6 PHE A HD1  10 
ATOM 1337 H HD2  . PHE A 1 6 ? -1.290 2.644  2.412  1.00 0.00 ? 6 PHE A HD2  10 
ATOM 1338 H HE1  . PHE A 1 6 ? 0.758  7.080  1.504  1.00 0.00 ? 6 PHE A HE1  10 
ATOM 1339 H HE2  . PHE A 1 6 ? -2.633 4.708  2.693  1.00 0.00 ? 6 PHE A HE2  10 
ATOM 1340 H HZ   . PHE A 1 6 ? -1.616 6.929  2.229  1.00 0.00 ? 6 PHE A HZ   10 
# 
